data_6DFX
#
_entry.id   6DFX
#
_cell.length_a   111.705
_cell.length_b   88.896
_cell.length_c   116.777
_cell.angle_alpha   90.00
_cell.angle_beta   104.26
_cell.angle_gamma   90.00
#
_symmetry.space_group_name_H-M   'P 1 21 1'
#
loop_
_entity.id
_entity.type
_entity.pdbx_description
1 polymer 'MHC class II HLA-DQ-alpha chain'
2 polymer 'MHC class II antigen'
3 polymer 'T1D3 alpha chain'
4 polymer 'T1D3 beta chain'
5 branched 2-acetamido-2-deoxy-beta-D-glucopyranose-(1-4)-2-acetamido-2-deoxy-beta-D-glucopyranose
6 non-polymer 1,2-ETHANEDIOL
7 non-polymer 2-acetamido-2-deoxy-beta-D-glucopyranose
8 water water
#
loop_
_entity_poly.entity_id
_entity_poly.type
_entity_poly.pdbx_seq_one_letter_code
_entity_poly.pdbx_strand_id
1 'polypeptide(L)'
;IVADHVASYGVNLYQSYGPSGQYSHEFDGDEEFYVDLERKETVWQLPLFRRFRRFDPQFALTNIAVLKHNLNCVIKRSNS
TAATNEVPEVTVFSKSPVTLGQPNTLICLVDNIFPPVVNITWLSNGHSVTEGVSETSFLSKSDHSFFKISYLTFLPSADE
IYDCKVEHWGLDEPLLKHWEPEGGLVPR
;
A,D
2 'polypeptide(L)'
;VEELYLVAGEEGCGGGGSLVGGSGGGSPEDFVYQFKGMCYFTNGTERVRLVTRYIYNREEYARFDSDVGVYRAVTPLGPP
AAEYWNSQKEVLERTRAELDTVCRHNYQLELRTTLQRRVEPTVTISPSRTEALNHHNLLVCSVTDFYPAQIKVRWFRNDQ
EETTGVVSTPLIRNGDWTFQILVMLEMTPQRGDVYTCHVEHPSLQNPIIVEWRAQGGLVPR
;
B,E
3 'polypeptide(L)'
;MQQGEEDPQALSIQEGENATMNCSYKTSINNLQWYRQNSGRGLVHLILIRSNEREKHSGRLRVTLDTSKKSSSLLITASR
AADTASYFCATDAGYNQGGKLIFGQGTELSVKPNIQNPDPAVYQLRDSKSSDKSVCLFTDFDSQTNVSQSKDSDVYITDK
CVLDMRSMDFKSNSAVAWSNKSDFACANAFNNSIIPEDTFFPSPESS
;
G,I
4 'polypeptide(L)'
;GVTQTPRYLIKTRGQQVTLSCSPISGHRSVSWYQQTPGQGLQFLFEYFSETQRNKGNFPGRFSGRQFSNSRSEMNVSTLE
LGDSALYLCASSAGNTIYFGEGSWLTVVEDLKNVFPPEVAVFEPSEAEISHTQKATLVCLATGFYPDHVELSWWVNGKEV
HSGVCTDPQPLKEQPALNDSRYCLSSRLRVSATFWQNPRNHFRCQVQFYGLSENDEWTQDRAKPVTQIVSAEAWGRAD
;
H,J
#
loop_
_chem_comp.id
_chem_comp.type
_chem_comp.name
_chem_comp.formula
EDO non-polymer 1,2-ETHANEDIOL 'C2 H6 O2'
NAG D-saccharide, beta linking 2-acetamido-2-deoxy-beta-D-glucopyranose 'C8 H15 N O6'
#
# COMPACT_ATOMS: atom_id res chain seq x y z
N ILE A 1 -10.00 21.46 9.95
CA ILE A 1 -10.94 20.66 9.09
C ILE A 1 -10.24 19.28 8.92
N VAL A 2 -10.93 18.18 9.09
CA VAL A 2 -10.31 16.85 8.91
C VAL A 2 -10.46 16.39 7.44
N ALA A 3 -9.37 16.07 6.79
CA ALA A 3 -9.41 15.58 5.41
C ALA A 3 -8.27 14.58 5.16
N ASP A 4 -8.43 13.67 4.19
CA ASP A 4 -7.28 12.90 3.72
C ASP A 4 -6.14 13.81 3.10
N HIS A 5 -6.52 14.76 2.30
CA HIS A 5 -5.57 15.64 1.67
C HIS A 5 -6.11 17.11 1.68
N VAL A 6 -5.19 18.05 1.76
CA VAL A 6 -5.54 19.43 1.63
C VAL A 6 -4.62 20.12 0.65
N ALA A 7 -5.23 20.84 -0.26
CA ALA A 7 -4.52 21.63 -1.25
C ALA A 7 -4.88 23.10 -1.16
N SER A 8 -3.91 23.95 -1.49
CA SER A 8 -4.10 25.38 -1.62
C SER A 8 -3.81 25.71 -3.10
N TYR A 9 -4.86 25.99 -3.84
CA TYR A 9 -4.80 26.28 -5.24
C TYR A 9 -5.30 27.69 -5.52
N GLY A 10 -4.73 28.74 -4.95
CA GLY A 10 -3.47 28.80 -4.29
C GLY A 10 -3.38 29.62 -3.07
N VAL A 11 -2.13 29.83 -2.65
CA VAL A 11 -1.74 30.71 -1.62
C VAL A 11 -1.31 32.01 -2.35
N ASN A 12 -2.10 33.06 -2.08
CA ASN A 12 -1.94 34.37 -2.71
C ASN A 12 -1.53 35.34 -1.53
N LEU A 13 -0.50 36.07 -1.75
CA LEU A 13 -0.04 37.03 -0.80
C LEU A 13 0.31 38.35 -1.53
N TYR A 14 -0.05 39.47 -0.92
CA TYR A 14 0.39 40.79 -1.39
C TYR A 14 0.70 41.61 -0.16
N GLN A 15 1.77 42.32 -0.17
CA GLN A 15 2.02 43.23 0.94
C GLN A 15 2.56 44.59 0.50
N SER A 16 2.39 45.60 1.36
CA SER A 16 2.70 46.98 1.01
C SER A 16 4.20 47.25 1.13
N TYR A 17 4.91 46.51 1.98
CA TYR A 17 6.37 46.67 2.13
C TYR A 17 7.08 46.01 0.97
N GLY A 18 7.77 46.80 0.16
CA GLY A 18 8.30 46.40 -1.19
C GLY A 18 7.77 47.29 -2.28
N PRO A 19 6.52 47.21 -2.76
CA PRO A 19 5.58 46.17 -2.38
C PRO A 19 6.04 44.81 -2.87
N SER A 20 5.41 43.72 -2.42
CA SER A 20 5.72 42.45 -3.00
C SER A 20 4.54 41.52 -2.90
N GLY A 21 4.58 40.48 -3.69
CA GLY A 21 3.56 39.42 -3.68
C GLY A 21 4.19 38.04 -3.77
N GLN A 22 3.39 37.02 -3.55
CA GLN A 22 3.78 35.67 -3.75
C GLN A 22 2.58 34.88 -4.16
N TYR A 23 2.76 34.02 -5.13
CA TYR A 23 1.79 33.10 -5.58
C TYR A 23 2.42 31.70 -5.61
N SER A 24 1.70 30.77 -5.01
CA SER A 24 2.13 29.36 -4.96
C SER A 24 0.95 28.42 -4.82
N HIS A 25 1.12 27.19 -5.28
CA HIS A 25 0.20 26.11 -4.97
C HIS A 25 0.86 25.10 -3.99
N GLU A 26 0.11 24.59 -3.02
CA GLU A 26 0.61 23.65 -2.00
C GLU A 26 -0.25 22.38 -2.00
N PHE A 27 0.35 21.23 -1.63
CA PHE A 27 -0.43 20.04 -1.52
C PHE A 27 0.16 19.23 -0.33
N ASP A 28 -0.71 18.98 0.64
CA ASP A 28 -0.39 18.42 1.94
C ASP A 28 0.83 19.06 2.61
N GLY A 29 0.87 20.37 2.52
CA GLY A 29 1.81 21.13 3.31
C GLY A 29 3.10 21.30 2.54
N ASP A 30 3.21 20.85 1.29
CA ASP A 30 4.45 21.14 0.57
C ASP A 30 4.17 22.02 -0.66
N GLU A 31 5.17 22.73 -1.08
CA GLU A 31 4.97 23.67 -2.25
C GLU A 31 5.20 22.99 -3.62
N GLU A 32 4.16 23.01 -4.47
CA GLU A 32 4.21 22.46 -5.79
C GLU A 32 5.03 23.37 -6.75
N PHE A 33 4.75 24.66 -6.66
CA PHE A 33 5.35 25.69 -7.54
C PHE A 33 5.16 27.02 -6.90
N TYR A 34 6.04 27.97 -7.27
CA TYR A 34 5.70 29.35 -7.18
C TYR A 34 5.80 29.99 -8.51
N VAL A 35 5.15 31.16 -8.62
CA VAL A 35 5.26 31.98 -9.81
C VAL A 35 6.14 33.15 -9.49
N ASP A 36 7.17 33.26 -10.29
CA ASP A 36 8.07 34.39 -10.31
C ASP A 36 7.31 35.52 -10.99
N LEU A 37 6.83 36.46 -10.21
CA LEU A 37 5.85 37.46 -10.71
C LEU A 37 6.48 38.50 -11.66
N GLU A 38 7.70 38.85 -11.42
CA GLU A 38 8.40 39.80 -12.31
C GLU A 38 8.85 39.12 -13.61
N ARG A 39 9.34 37.88 -13.55
CA ARG A 39 9.75 37.18 -14.79
C ARG A 39 8.64 36.41 -15.48
N LYS A 40 7.48 36.30 -14.89
CA LYS A 40 6.31 35.72 -15.54
C LYS A 40 6.59 34.22 -15.84
N GLU A 41 6.96 33.49 -14.78
CA GLU A 41 7.18 32.09 -14.97
C GLU A 41 6.97 31.20 -13.76
N THR A 42 6.49 30.04 -14.09
CA THR A 42 6.09 29.06 -13.07
C THR A 42 7.35 28.25 -12.77
N VAL A 43 7.71 28.14 -11.51
CA VAL A 43 8.87 27.44 -11.08
C VAL A 43 8.42 26.18 -10.23
N TRP A 44 8.37 25.01 -10.87
CA TRP A 44 7.95 23.78 -10.15
C TRP A 44 9.04 23.25 -9.22
N GLN A 45 8.67 22.61 -8.10
CA GLN A 45 9.64 22.24 -7.07
C GLN A 45 10.13 20.79 -7.14
N LEU A 46 9.68 20.00 -8.09
CA LEU A 46 10.15 18.64 -8.30
C LEU A 46 10.33 18.42 -9.78
N PRO A 47 11.30 17.63 -10.17
CA PRO A 47 11.45 17.21 -11.56
C PRO A 47 10.23 16.62 -12.20
N LEU A 48 9.59 15.76 -11.46
CA LEU A 48 8.38 15.16 -11.97
C LEU A 48 7.28 16.18 -12.34
N PHE A 49 7.08 17.17 -11.48
CA PHE A 49 6.12 18.27 -11.78
C PHE A 49 6.55 19.06 -13.02
N ARG A 50 7.83 19.31 -13.13
CA ARG A 50 8.37 20.09 -14.21
C ARG A 50 8.10 19.32 -15.49
N ARG A 51 8.34 18.04 -15.48
CA ARG A 51 8.05 17.25 -16.68
C ARG A 51 6.65 17.12 -17.06
N PHE A 52 5.74 17.01 -16.12
CA PHE A 52 4.36 16.61 -16.53
C PHE A 52 3.32 17.67 -16.25
N ARG A 53 3.60 18.74 -15.56
CA ARG A 53 2.51 19.63 -15.22
C ARG A 53 2.75 21.04 -15.83
N ARG A 54 1.68 21.83 -15.91
CA ARG A 54 1.75 23.13 -16.53
C ARG A 54 0.80 24.10 -15.87
N PHE A 55 1.31 25.27 -15.45
CA PHE A 55 0.51 26.32 -14.90
C PHE A 55 0.79 27.66 -15.62
N ASP A 56 -0.25 28.29 -16.08
CA ASP A 56 -0.11 29.61 -16.77
C ASP A 56 0.26 30.72 -15.79
N PRO A 57 1.51 31.18 -15.84
CA PRO A 57 1.85 32.19 -14.82
C PRO A 57 1.02 33.55 -14.82
N GLN A 58 0.41 33.83 -15.93
CA GLN A 58 -0.55 35.01 -16.04
C GLN A 58 -1.70 34.86 -15.09
N PHE A 59 -2.10 33.63 -14.74
CA PHE A 59 -3.12 33.42 -13.71
C PHE A 59 -2.74 34.10 -12.39
N ALA A 60 -1.49 33.88 -11.99
CA ALA A 60 -1.00 34.39 -10.72
C ALA A 60 -1.03 35.95 -10.82
N LEU A 61 -0.50 36.52 -11.90
CA LEU A 61 -0.40 37.97 -12.07
C LEU A 61 -1.84 38.57 -12.03
N THR A 62 -2.84 37.89 -12.60
CA THR A 62 -4.23 38.33 -12.54
C THR A 62 -4.72 38.42 -11.14
N ASN A 63 -4.46 37.35 -10.35
CA ASN A 63 -4.90 37.35 -8.99
C ASN A 63 -4.26 38.32 -8.09
N ILE A 64 -2.94 38.45 -8.20
CA ILE A 64 -2.22 39.28 -7.29
C ILE A 64 -2.67 40.79 -7.38
N ALA A 65 -2.96 41.18 -8.61
CA ALA A 65 -3.52 42.47 -8.87
C ALA A 65 -4.85 42.67 -8.14
N VAL A 66 -5.69 41.63 -8.11
CA VAL A 66 -6.87 41.66 -7.30
C VAL A 66 -6.61 41.81 -5.79
N LEU A 67 -5.62 41.08 -5.24
CA LEU A 67 -5.28 41.31 -3.85
C LEU A 67 -4.81 42.70 -3.57
N LYS A 68 -4.08 43.28 -4.47
CA LYS A 68 -3.56 44.66 -4.26
C LYS A 68 -4.77 45.64 -4.18
N HIS A 69 -5.76 45.41 -5.06
CA HIS A 69 -7.00 46.20 -5.06
C HIS A 69 -7.81 46.02 -3.73
N ASN A 70 -7.99 44.77 -3.36
CA ASN A 70 -8.68 44.41 -2.15
C ASN A 70 -8.03 44.98 -0.91
N LEU A 71 -6.71 45.00 -0.86
CA LEU A 71 -6.07 45.60 0.27
C LEU A 71 -6.45 47.08 0.42
N ASN A 72 -6.43 47.81 -0.70
CA ASN A 72 -6.95 49.20 -0.66
C ASN A 72 -8.34 49.30 -0.15
N CYS A 73 -9.26 48.49 -0.64
CA CYS A 73 -10.62 48.52 -0.14
C CYS A 73 -10.79 48.22 1.33
N VAL A 74 -9.96 47.29 1.87
CA VAL A 74 -10.14 47.01 3.26
C VAL A 74 -9.61 48.18 4.08
N ILE A 75 -8.50 48.77 3.67
CA ILE A 75 -7.95 49.93 4.37
C ILE A 75 -8.95 51.12 4.32
N LYS A 76 -9.65 51.25 3.21
CA LYS A 76 -10.62 52.32 3.05
C LYS A 76 -11.74 52.23 4.10
N ARG A 77 -12.20 51.04 4.47
CA ARG A 77 -13.37 50.92 5.38
C ARG A 77 -12.99 50.56 6.75
N SER A 78 -11.76 50.48 7.09
CA SER A 78 -11.39 50.17 8.42
C SER A 78 -10.46 51.32 9.01
N ASN A 79 -9.76 51.07 10.12
CA ASN A 79 -8.92 52.09 10.78
C ASN A 79 -7.44 51.91 10.35
N SER A 80 -7.25 51.08 9.33
CA SER A 80 -5.94 50.85 8.65
C SER A 80 -4.91 50.57 9.73
N THR A 81 -4.94 49.30 10.19
CA THR A 81 -3.95 48.93 11.17
C THR A 81 -2.86 48.13 10.50
N ALA A 82 -1.59 48.45 10.79
CA ALA A 82 -0.47 47.69 10.20
C ALA A 82 -0.33 46.30 10.89
N ALA A 83 0.33 45.37 10.24
CA ALA A 83 0.59 44.04 10.85
C ALA A 83 1.33 44.13 12.18
N THR A 84 1.02 43.28 13.14
CA THR A 84 1.86 43.10 14.37
C THR A 84 3.05 42.16 14.07
N ASN A 85 4.25 42.51 14.53
CA ASN A 85 5.43 41.69 14.33
C ASN A 85 5.46 40.52 15.29
N GLU A 86 5.37 39.31 14.80
CA GLU A 86 5.66 38.10 15.63
C GLU A 86 7.17 37.83 15.85
N VAL A 87 7.47 37.05 16.88
CA VAL A 87 8.84 36.60 17.19
C VAL A 87 8.96 35.29 16.44
N PRO A 88 9.83 35.21 15.46
CA PRO A 88 9.95 33.97 14.75
C PRO A 88 10.72 32.90 15.55
N GLU A 89 10.54 31.63 15.24
CA GLU A 89 11.09 30.50 16.06
C GLU A 89 12.01 29.71 15.10
N VAL A 90 13.28 29.55 15.46
CA VAL A 90 14.28 29.01 14.60
C VAL A 90 14.82 27.61 15.11
N THR A 91 14.96 26.65 14.16
CA THR A 91 15.54 25.32 14.39
C THR A 91 16.47 24.99 13.24
N VAL A 92 17.60 24.39 13.56
CA VAL A 92 18.58 23.98 12.58
C VAL A 92 18.78 22.46 12.75
N PHE A 93 18.68 21.68 11.68
CA PHE A 93 18.88 20.25 11.76
C PHE A 93 19.43 19.78 10.42
N SER A 94 19.82 18.53 10.36
CA SER A 94 20.36 18.02 9.11
C SER A 94 19.29 17.23 8.37
N LYS A 95 19.50 17.13 7.07
CA LYS A 95 18.73 16.26 6.27
C LYS A 95 18.93 14.73 6.64
N SER A 96 20.15 14.32 6.92
CA SER A 96 20.46 12.93 7.39
C SER A 96 21.65 12.97 8.46
N PRO A 97 21.80 11.87 9.22
CA PRO A 97 22.88 11.84 10.24
C PRO A 97 24.32 12.11 9.62
N VAL A 98 25.01 13.05 10.32
CA VAL A 98 26.14 13.68 9.75
C VAL A 98 27.33 12.83 10.07
N THR A 99 28.06 12.49 9.02
CA THR A 99 29.35 12.01 9.16
C THR A 99 30.28 12.93 8.48
N LEU A 100 31.40 13.12 9.18
CA LEU A 100 32.49 13.90 8.70
C LEU A 100 32.97 13.24 7.39
N GLY A 101 33.15 14.03 6.33
CA GLY A 101 33.62 13.57 5.07
C GLY A 101 32.63 13.18 4.05
N GLN A 102 31.34 13.24 4.49
CA GLN A 102 30.25 12.78 3.64
C GLN A 102 29.15 13.90 3.38
N PRO A 103 28.84 14.16 2.10
CA PRO A 103 28.07 15.35 1.80
C PRO A 103 26.65 15.27 2.39
N ASN A 104 26.22 16.43 2.86
CA ASN A 104 24.93 16.54 3.57
C ASN A 104 24.33 17.92 3.32
N THR A 105 23.25 18.22 4.05
CA THR A 105 22.45 19.47 3.90
C THR A 105 21.96 19.85 5.30
N LEU A 106 22.32 21.05 5.77
CA LEU A 106 21.79 21.63 6.96
C LEU A 106 20.47 22.31 6.55
N ILE A 107 19.49 22.29 7.42
CA ILE A 107 18.22 22.79 7.13
C ILE A 107 17.93 23.76 8.24
N CYS A 108 17.53 24.98 7.90
CA CYS A 108 17.11 25.97 8.90
C CYS A 108 15.63 26.28 8.73
N LEU A 109 14.85 25.97 9.73
CA LEU A 109 13.45 26.20 9.66
C LEU A 109 13.19 27.49 10.45
N VAL A 110 12.50 28.44 9.82
CA VAL A 110 12.13 29.67 10.49
C VAL A 110 10.57 29.71 10.48
N ASP A 111 9.98 29.56 11.65
CA ASP A 111 8.57 29.39 11.77
C ASP A 111 7.94 30.63 12.47
N ASN A 112 6.62 30.72 12.49
CA ASN A 112 5.86 31.88 13.11
C ASN A 112 6.33 33.21 12.48
N ILE A 113 6.49 33.26 11.14
CA ILE A 113 6.96 34.45 10.51
C ILE A 113 5.69 35.31 10.27
N PHE A 114 5.65 36.47 10.89
CA PHE A 114 4.75 37.52 10.43
C PHE A 114 5.21 38.89 10.89
N PRO A 115 5.14 39.95 10.04
CA PRO A 115 4.84 39.85 8.59
C PRO A 115 5.92 39.10 7.81
N PRO A 116 5.61 38.69 6.58
CA PRO A 116 6.57 37.88 5.77
C PRO A 116 7.57 38.75 5.06
N VAL A 117 8.44 39.29 5.88
CA VAL A 117 9.64 40.01 5.50
C VAL A 117 10.73 39.42 6.42
N VAL A 118 11.72 38.72 5.86
CA VAL A 118 12.77 38.12 6.65
C VAL A 118 14.05 38.01 5.86
N ASN A 119 15.18 38.07 6.58
CA ASN A 119 16.43 37.61 6.04
C ASN A 119 16.97 36.33 6.76
N ILE A 120 17.37 35.34 5.98
CA ILE A 120 17.92 34.13 6.49
C ILE A 120 19.24 33.94 5.77
N THR A 121 20.37 33.91 6.47
CA THR A 121 21.61 33.65 5.80
C THR A 121 22.36 32.60 6.58
N TRP A 122 23.47 32.13 6.06
CA TRP A 122 24.34 31.19 6.77
C TRP A 122 25.70 31.77 7.09
N LEU A 123 26.27 31.36 8.25
CA LEU A 123 27.67 31.64 8.61
C LEU A 123 28.45 30.35 8.89
N SER A 124 29.64 30.31 8.33
CA SER A 124 30.65 29.27 8.67
C SER A 124 31.85 29.86 9.40
N ASN A 125 32.11 29.32 10.60
CA ASN A 125 33.04 29.88 11.57
C ASN A 125 32.87 31.42 11.61
N GLY A 126 31.65 31.89 11.74
CA GLY A 126 31.41 33.33 11.82
C GLY A 126 31.42 34.15 10.53
N HIS A 127 31.79 33.61 9.36
CA HIS A 127 31.72 34.36 8.06
C HIS A 127 30.58 33.91 7.14
N SER A 128 30.17 34.84 6.30
CA SER A 128 29.05 34.65 5.43
C SER A 128 29.31 33.50 4.44
N VAL A 129 28.34 32.64 4.17
CA VAL A 129 28.54 31.52 3.21
C VAL A 129 27.36 31.53 2.25
N THR A 130 27.65 31.63 0.95
CA THR A 130 26.54 31.68 -0.04
C THR A 130 26.53 30.53 -1.07
N GLU A 131 27.64 29.83 -1.24
CA GLU A 131 27.60 28.69 -2.08
C GLU A 131 26.76 27.60 -1.37
N GLY A 132 25.93 26.90 -2.12
CA GLY A 132 25.12 25.80 -1.67
C GLY A 132 23.89 26.20 -0.90
N VAL A 133 23.54 27.49 -0.89
CA VAL A 133 22.33 27.98 -0.20
C VAL A 133 21.12 28.10 -1.08
N SER A 134 19.98 27.70 -0.60
CA SER A 134 18.71 27.85 -1.29
C SER A 134 17.61 27.88 -0.19
N GLU A 135 16.42 28.24 -0.57
CA GLU A 135 15.31 28.41 0.35
C GLU A 135 13.99 28.24 -0.33
N THR A 136 13.00 27.83 0.43
CA THR A 136 11.69 27.79 -0.03
C THR A 136 11.10 29.21 -0.17
N SER A 137 9.91 29.24 -0.75
CA SER A 137 8.96 30.37 -0.65
C SER A 137 8.44 30.44 0.77
N PHE A 138 7.64 31.47 1.08
CA PHE A 138 6.90 31.54 2.33
C PHE A 138 5.81 30.48 2.24
N LEU A 139 5.75 29.61 3.27
CA LEU A 139 4.83 28.46 3.28
C LEU A 139 3.75 28.85 4.22
N SER A 140 2.52 28.58 3.86
CA SER A 140 1.38 29.04 4.68
C SER A 140 1.08 28.17 5.92
N LYS A 141 0.48 28.78 6.95
CA LYS A 141 0.07 28.08 8.15
C LYS A 141 -1.32 28.47 8.38
N SER A 142 -2.03 27.67 9.14
CA SER A 142 -3.48 27.88 9.20
C SER A 142 -3.87 29.02 10.21
N ASP A 143 -2.97 29.48 11.08
CA ASP A 143 -3.11 30.74 11.83
C ASP A 143 -2.77 32.04 10.98
N HIS A 144 -2.46 31.85 9.70
CA HIS A 144 -2.10 32.89 8.75
C HIS A 144 -0.76 33.61 8.97
N SER A 145 0.12 32.99 9.75
CA SER A 145 1.52 33.28 9.70
C SER A 145 2.16 32.38 8.60
N PHE A 146 3.47 32.41 8.49
CA PHE A 146 4.26 31.67 7.49
C PHE A 146 5.45 30.98 8.14
N PHE A 147 6.01 30.04 7.40
CA PHE A 147 7.26 29.51 7.70
C PHE A 147 8.07 29.53 6.49
N LYS A 148 9.37 29.41 6.66
CA LYS A 148 10.25 29.37 5.50
C LYS A 148 11.44 28.48 5.86
N ILE A 149 11.99 27.74 4.92
CA ILE A 149 13.13 26.87 5.16
C ILE A 149 14.30 27.20 4.25
N SER A 150 15.51 27.36 4.78
CA SER A 150 16.74 27.57 4.07
C SER A 150 17.67 26.28 4.20
N TYR A 151 18.38 25.98 3.17
CA TYR A 151 19.18 24.78 3.03
C TYR A 151 20.60 25.20 2.72
N LEU A 152 21.59 24.54 3.31
CA LEU A 152 22.98 24.71 2.97
C LEU A 152 23.58 23.34 2.73
N THR A 153 23.91 23.06 1.49
CA THR A 153 24.61 21.88 1.11
C THR A 153 26.07 22.08 1.53
N PHE A 154 26.64 21.06 2.14
CA PHE A 154 27.94 21.15 2.66
C PHE A 154 28.62 19.76 2.75
N LEU A 155 29.90 19.84 2.93
CA LEU A 155 30.74 18.69 3.20
C LEU A 155 31.20 18.96 4.62
N PRO A 156 30.60 18.32 5.66
CA PRO A 156 31.13 18.33 7.04
C PRO A 156 32.56 17.74 7.05
N SER A 157 33.46 18.09 7.95
CA SER A 157 33.44 19.24 8.81
C SER A 157 34.83 19.39 9.13
N ALA A 158 35.32 18.51 10.01
CA ALA A 158 36.46 18.70 10.92
C ALA A 158 36.72 20.20 11.21
N ASP A 159 36.31 20.76 12.34
CA ASP A 159 36.63 22.16 12.59
C ASP A 159 35.83 23.23 11.87
N GLU A 160 34.61 22.90 11.48
CA GLU A 160 33.73 23.88 10.80
C GLU A 160 32.45 23.88 11.55
N ILE A 161 32.02 25.06 11.95
CA ILE A 161 30.81 25.19 12.72
C ILE A 161 29.90 26.19 11.97
N TYR A 162 28.59 25.93 12.03
CA TYR A 162 27.62 26.59 11.23
C TYR A 162 26.58 27.26 12.06
N ASP A 163 26.10 28.41 11.56
CA ASP A 163 25.04 29.16 12.16
C ASP A 163 24.03 29.51 11.07
N CYS A 164 22.77 29.47 11.44
CA CYS A 164 21.73 30.01 10.64
C CYS A 164 21.50 31.38 11.29
N LYS A 165 21.53 32.45 10.51
CA LYS A 165 21.30 33.82 10.94
C LYS A 165 19.99 34.42 10.42
N VAL A 166 19.11 34.83 11.33
CA VAL A 166 17.81 35.27 10.99
C VAL A 166 17.59 36.74 11.45
N GLU A 167 17.03 37.57 10.51
CA GLU A 167 16.73 39.00 10.81
C GLU A 167 15.28 39.17 10.54
N HIS A 168 14.60 39.71 11.52
CA HIS A 168 13.23 40.00 11.42
C HIS A 168 12.84 41.15 12.32
N TRP A 169 11.77 41.90 12.03
CA TRP A 169 11.46 43.06 12.89
C TRP A 169 10.95 42.67 14.27
N GLY A 170 10.37 41.50 14.36
CA GLY A 170 10.00 40.90 15.66
C GLY A 170 11.12 40.47 16.54
N LEU A 171 12.35 40.49 16.05
CA LEU A 171 13.54 40.30 16.91
C LEU A 171 14.33 41.57 17.18
N ASP A 172 14.89 41.69 18.38
CA ASP A 172 15.74 42.87 18.75
C ASP A 172 17.07 42.93 18.03
N GLU A 173 17.69 41.77 17.87
CA GLU A 173 18.96 41.68 17.19
C GLU A 173 18.88 40.41 16.32
N PRO A 174 19.80 40.25 15.37
CA PRO A 174 19.83 39.00 14.63
C PRO A 174 19.93 37.77 15.55
N LEU A 175 19.27 36.72 15.19
CA LEU A 175 19.21 35.53 15.97
C LEU A 175 20.08 34.55 15.20
N LEU A 176 21.08 34.01 15.89
CA LEU A 176 22.05 33.03 15.36
C LEU A 176 21.68 31.68 15.99
N LYS A 177 21.35 30.72 15.17
CA LYS A 177 21.01 29.39 15.68
C LYS A 177 22.11 28.47 15.21
N HIS A 178 22.76 27.88 16.18
CA HIS A 178 23.98 27.11 16.01
C HIS A 178 23.54 25.69 15.66
N TRP A 179 24.22 25.02 14.76
CA TRP A 179 23.86 23.64 14.52
C TRP A 179 24.66 22.68 15.50
N GLU A 180 23.90 21.67 16.05
CA GLU A 180 24.36 20.33 16.76
C GLU A 180 25.81 19.81 16.41
N VAL B 1 -2.93 18.54 -19.68
CA VAL B 1 -4.07 19.25 -19.10
C VAL B 1 -3.37 20.22 -18.19
N GLU B 2 -3.77 21.47 -18.24
CA GLU B 2 -3.19 22.53 -17.39
C GLU B 2 -3.87 22.52 -16.02
N GLU B 3 -3.17 22.92 -15.00
CA GLU B 3 -3.70 23.19 -13.76
C GLU B 3 -4.51 24.49 -13.80
N LEU B 4 -5.48 24.55 -12.91
CA LEU B 4 -6.40 25.70 -12.78
C LEU B 4 -6.20 26.27 -11.40
N TYR B 5 -6.92 27.35 -11.12
CA TYR B 5 -6.75 28.09 -9.87
C TYR B 5 -8.07 28.69 -9.39
N LEU B 6 -8.13 29.01 -8.12
CA LEU B 6 -9.19 29.69 -7.57
C LEU B 6 -9.01 31.26 -7.63
N VAL B 7 -10.06 31.92 -8.09
CA VAL B 7 -10.04 33.37 -8.37
C VAL B 7 -10.26 34.07 -7.03
N ALA B 8 -9.48 35.05 -6.73
CA ALA B 8 -9.80 35.96 -5.61
C ALA B 8 -10.95 36.94 -6.00
N GLY B 9 -12.06 36.97 -5.28
CA GLY B 9 -13.11 37.90 -5.51
C GLY B 9 -12.63 39.36 -5.29
N GLU B 10 -13.10 40.25 -6.13
CA GLU B 10 -12.74 41.63 -6.13
C GLU B 10 -13.63 42.32 -5.15
N GLU B 11 -13.05 43.06 -4.26
CA GLU B 11 -13.83 44.02 -3.42
C GLU B 11 -14.34 45.18 -4.26
N GLY B 12 -15.47 45.69 -3.81
CA GLY B 12 -16.33 46.56 -4.61
C GLY B 12 -16.04 48.05 -4.59
N CYS B 13 -15.03 48.49 -3.89
CA CYS B 13 -14.84 49.91 -3.74
C CYS B 13 -14.03 50.38 -5.05
N GLY B 14 -13.95 51.67 -5.26
CA GLY B 14 -14.03 52.57 -4.11
C GLY B 14 -14.48 53.96 -4.33
N GLY B 15 -13.62 54.73 -5.04
CA GLY B 15 -12.55 54.26 -6.01
C GLY B 15 -11.67 53.06 -5.77
N GLY B 16 -10.83 53.16 -4.72
CA GLY B 16 -10.74 54.37 -3.78
C GLY B 16 -9.61 55.31 -4.23
N GLY B 17 -8.57 55.45 -3.42
CA GLY B 17 -7.27 55.91 -3.93
C GLY B 17 -6.45 54.68 -3.67
N SER B 18 -5.24 54.82 -3.08
CA SER B 18 -4.28 53.62 -2.79
C SER B 18 -3.11 53.84 -1.78
N LEU B 19 -2.50 52.74 -1.31
CA LEU B 19 -1.31 52.77 -0.49
C LEU B 19 -0.07 53.01 -1.34
N GLY B 26 11.94 54.79 4.26
CA GLY B 26 10.62 54.51 4.74
C GLY B 26 10.57 53.47 5.86
N SER B 27 9.40 53.49 6.58
CA SER B 27 9.19 52.86 7.89
C SER B 27 9.04 51.35 7.91
N PRO B 28 9.60 50.71 8.94
CA PRO B 28 9.36 49.27 8.96
C PRO B 28 7.94 48.96 9.55
N GLU B 29 6.97 49.07 8.66
CA GLU B 29 5.61 48.58 8.83
C GLU B 29 5.04 47.92 7.53
N ASP B 30 4.10 47.05 7.67
CA ASP B 30 3.63 46.27 6.54
C ASP B 30 2.15 45.94 6.60
N PHE B 31 1.45 46.10 5.48
CA PHE B 31 0.00 45.87 5.43
C PHE B 31 -0.06 44.72 4.49
N VAL B 32 -0.67 43.65 4.96
CA VAL B 32 -0.64 42.41 4.36
C VAL B 32 -2.02 41.93 4.01
N TYR B 33 -2.12 41.35 2.85
CA TYR B 33 -3.33 40.75 2.36
C TYR B 33 -3.11 39.35 1.90
N GLN B 34 -4.04 38.46 2.28
CA GLN B 34 -3.97 37.06 1.83
C GLN B 34 -5.23 36.55 1.31
N PHE B 35 -5.13 35.78 0.26
CA PHE B 35 -6.21 34.98 -0.28
C PHE B 35 -5.77 33.49 -0.42
N LYS B 36 -6.51 32.63 0.23
CA LYS B 36 -6.23 31.16 0.22
C LYS B 36 -7.41 30.39 -0.29
N GLY B 37 -7.17 29.70 -1.37
CA GLY B 37 -8.16 28.88 -2.09
C GLY B 37 -7.85 27.42 -1.70
N MET B 38 -8.63 26.86 -0.83
CA MET B 38 -8.32 25.55 -0.12
C MET B 38 -9.36 24.46 -0.52
N CYS B 39 -8.85 23.28 -0.93
CA CYS B 39 -9.62 22.14 -1.39
C CYS B 39 -9.28 20.98 -0.41
N TYR B 40 -10.28 20.39 0.20
CA TYR B 40 -10.13 19.38 1.25
C TYR B 40 -10.76 18.06 0.64
N PHE B 41 -9.96 17.01 0.51
CA PHE B 41 -10.44 15.81 -0.11
C PHE B 41 -10.39 14.64 0.88
N THR B 42 -11.40 13.80 0.80
CA THR B 42 -11.48 12.58 1.60
C THR B 42 -12.05 11.46 0.77
N ASN B 43 -11.46 10.27 0.93
CA ASN B 43 -11.86 9.07 0.18
C ASN B 43 -11.85 9.20 -1.37
N GLY B 44 -10.66 9.47 -1.91
CA GLY B 44 -10.55 9.92 -3.29
C GLY B 44 -11.16 11.29 -3.37
N THR B 45 -12.14 11.39 -4.26
CA THR B 45 -12.97 12.57 -4.41
C THR B 45 -14.39 12.23 -4.09
N GLU B 46 -14.63 11.20 -3.28
CA GLU B 46 -16.03 10.91 -2.81
C GLU B 46 -16.45 12.12 -1.97
N ARG B 47 -15.56 12.75 -1.23
CA ARG B 47 -15.92 13.91 -0.42
C ARG B 47 -14.92 15.08 -0.69
N VAL B 48 -15.46 16.20 -1.17
CA VAL B 48 -14.66 17.34 -1.55
C VAL B 48 -15.33 18.51 -0.88
N ARG B 49 -14.54 19.39 -0.35
CA ARG B 49 -15.00 20.64 0.21
C ARG B 49 -14.04 21.78 -0.19
N LEU B 50 -14.62 22.87 -0.62
CA LEU B 50 -13.89 24.14 -0.98
C LEU B 50 -14.06 25.20 0.09
N VAL B 51 -13.00 25.78 0.59
CA VAL B 51 -13.08 26.92 1.48
C VAL B 51 -12.12 27.96 0.93
N THR B 52 -12.63 29.13 0.55
CA THR B 52 -11.79 30.25 0.16
C THR B 52 -11.77 31.27 1.29
N ARG B 53 -10.58 31.81 1.55
CA ARG B 53 -10.38 32.64 2.74
C ARG B 53 -9.70 33.99 2.36
N TYR B 54 -10.28 35.08 2.85
CA TYR B 54 -9.89 36.45 2.57
C TYR B 54 -9.44 37.00 3.87
N ILE B 55 -8.21 37.48 3.89
CA ILE B 55 -7.47 37.78 5.03
C ILE B 55 -6.73 39.08 5.02
N TYR B 56 -6.95 39.88 6.05
CA TYR B 56 -6.29 41.17 6.21
C TYR B 56 -5.37 41.05 7.40
N ASN B 57 -4.05 41.17 7.15
CA ASN B 57 -3.00 40.89 8.10
C ASN B 57 -3.12 39.41 8.54
N ARG B 58 -3.64 39.11 9.72
CA ARG B 58 -3.93 37.72 10.10
C ARG B 58 -5.40 37.43 10.31
N GLU B 59 -6.25 38.41 10.05
CA GLU B 59 -7.66 38.33 10.30
C GLU B 59 -8.40 37.84 9.04
N GLU B 60 -8.83 36.58 9.11
CA GLU B 60 -9.75 36.09 8.15
C GLU B 60 -11.12 36.75 8.26
N TYR B 61 -11.51 37.58 7.30
CA TYR B 61 -12.72 38.38 7.44
C TYR B 61 -13.93 37.95 6.63
N ALA B 62 -13.74 37.14 5.63
CA ALA B 62 -14.75 36.59 4.83
C ALA B 62 -14.31 35.23 4.27
N ARG B 63 -15.29 34.34 4.02
CA ARG B 63 -14.97 33.08 3.42
C ARG B 63 -16.12 32.52 2.62
N PHE B 64 -15.80 31.76 1.61
CA PHE B 64 -16.75 30.95 0.91
C PHE B 64 -16.43 29.48 1.34
N ASP B 65 -17.44 28.82 1.88
CA ASP B 65 -17.39 27.35 2.21
C ASP B 65 -18.45 26.66 1.41
N SER B 66 -18.06 25.71 0.62
CA SER B 66 -18.97 25.02 -0.28
C SER B 66 -20.01 24.27 0.52
N ASP B 67 -19.78 23.93 1.79
CA ASP B 67 -20.86 23.30 2.58
C ASP B 67 -21.97 24.31 3.00
N VAL B 68 -21.64 25.58 2.95
CA VAL B 68 -22.64 26.66 3.23
C VAL B 68 -23.29 27.11 1.93
N GLY B 69 -22.45 27.31 0.92
CA GLY B 69 -22.88 27.74 -0.43
C GLY B 69 -23.10 29.23 -0.74
N VAL B 70 -22.81 30.09 0.24
CA VAL B 70 -22.78 31.52 0.09
C VAL B 70 -21.56 32.05 0.82
N TYR B 71 -21.14 33.22 0.40
CA TYR B 71 -20.09 33.91 1.15
C TYR B 71 -20.63 34.31 2.51
N ARG B 72 -19.74 34.28 3.47
CA ARG B 72 -20.05 34.61 4.83
C ARG B 72 -19.01 35.50 5.47
N ALA B 73 -19.46 36.54 6.14
CA ALA B 73 -18.62 37.43 6.95
C ALA B 73 -18.16 36.71 8.19
N VAL B 74 -16.86 36.71 8.49
CA VAL B 74 -16.34 36.05 9.67
C VAL B 74 -16.05 37.05 10.75
N THR B 75 -15.70 38.30 10.41
CA THR B 75 -15.54 39.39 11.39
C THR B 75 -16.26 40.64 10.87
N PRO B 76 -16.34 41.73 11.70
CA PRO B 76 -17.03 42.94 11.30
C PRO B 76 -16.41 43.68 10.11
N LEU B 77 -15.19 43.35 9.70
CA LEU B 77 -14.67 43.82 8.47
C LEU B 77 -15.33 43.15 7.21
N GLY B 78 -15.96 41.99 7.34
CA GLY B 78 -16.48 41.24 6.24
C GLY B 78 -17.85 41.53 5.63
N PRO B 79 -18.82 42.02 6.39
CA PRO B 79 -20.14 42.09 5.75
C PRO B 79 -20.26 42.80 4.43
N PRO B 80 -19.56 43.93 4.22
CA PRO B 80 -19.67 44.57 2.95
C PRO B 80 -19.18 43.66 1.80
N ALA B 81 -18.10 42.92 1.98
CA ALA B 81 -17.60 42.03 0.99
C ALA B 81 -18.54 40.83 0.70
N ALA B 82 -18.91 40.14 1.75
CA ALA B 82 -19.81 38.98 1.57
C ALA B 82 -21.18 39.37 0.96
N GLU B 83 -21.77 40.43 1.42
CA GLU B 83 -23.00 40.95 0.79
C GLU B 83 -22.84 41.22 -0.72
N TYR B 84 -21.73 41.82 -1.12
CA TYR B 84 -21.45 42.20 -2.48
C TYR B 84 -21.22 41.00 -3.31
N TRP B 85 -20.38 40.07 -2.85
CA TRP B 85 -20.16 38.86 -3.61
C TRP B 85 -21.42 38.01 -3.78
N ASN B 86 -22.20 37.89 -2.74
CA ASN B 86 -23.42 37.10 -2.85
C ASN B 86 -24.46 37.83 -3.74
N SER B 87 -24.42 39.15 -3.90
CA SER B 87 -25.41 39.85 -4.79
C SER B 87 -24.98 39.75 -6.26
N GLN B 88 -23.82 39.27 -6.56
CA GLN B 88 -23.41 39.17 -7.92
C GLN B 88 -23.58 37.76 -8.42
N LYS B 89 -24.59 37.56 -9.20
CA LYS B 89 -25.02 36.23 -9.52
C LYS B 89 -23.90 35.45 -10.20
N GLU B 90 -23.15 36.11 -11.04
CA GLU B 90 -22.15 35.42 -11.79
C GLU B 90 -20.96 35.05 -11.00
N VAL B 91 -20.57 35.92 -10.09
CA VAL B 91 -19.54 35.63 -9.17
C VAL B 91 -19.89 34.42 -8.26
N LEU B 92 -21.06 34.47 -7.65
CA LEU B 92 -21.48 33.41 -6.76
C LEU B 92 -21.58 32.08 -7.54
N GLU B 93 -22.15 32.08 -8.72
CA GLU B 93 -22.16 30.89 -9.55
C GLU B 93 -20.77 30.32 -9.94
N ARG B 94 -19.81 31.22 -10.24
CA ARG B 94 -18.48 30.89 -10.50
C ARG B 94 -17.90 30.15 -9.30
N THR B 95 -18.02 30.75 -8.13
CA THR B 95 -17.47 30.19 -6.99
C THR B 95 -18.16 28.85 -6.56
N ARG B 96 -19.49 28.74 -6.65
CA ARG B 96 -20.19 27.43 -6.47
C ARG B 96 -19.69 26.40 -7.43
N ALA B 97 -19.25 26.78 -8.61
CA ALA B 97 -18.79 25.77 -9.56
C ALA B 97 -17.34 25.36 -9.40
N GLU B 98 -16.55 26.17 -8.69
CA GLU B 98 -15.08 25.99 -8.47
C GLU B 98 -14.72 24.66 -7.85
N LEU B 99 -15.56 24.16 -6.94
CA LEU B 99 -15.34 22.82 -6.41
C LEU B 99 -15.15 21.80 -7.57
N ASP B 100 -16.03 21.80 -8.55
CA ASP B 100 -15.87 20.95 -9.73
C ASP B 100 -14.80 21.46 -10.68
N THR B 101 -14.84 22.75 -11.06
CA THR B 101 -14.07 23.15 -12.24
C THR B 101 -12.58 23.27 -11.90
N VAL B 102 -12.24 23.51 -10.65
CA VAL B 102 -10.92 23.61 -10.15
C VAL B 102 -10.49 22.47 -9.18
N CYS B 103 -11.17 22.25 -8.06
CA CYS B 103 -10.71 21.24 -7.03
C CYS B 103 -10.64 19.84 -7.63
N ARG B 104 -11.69 19.43 -8.31
CA ARG B 104 -11.69 18.13 -8.93
C ARG B 104 -10.80 18.06 -10.14
N HIS B 105 -10.70 19.14 -10.90
CA HIS B 105 -9.88 19.15 -12.05
C HIS B 105 -8.44 18.90 -11.66
N ASN B 106 -7.98 19.66 -10.68
CA ASN B 106 -6.61 19.64 -10.31
C ASN B 106 -6.28 18.27 -9.55
N TYR B 107 -7.28 17.68 -8.84
CA TYR B 107 -7.06 16.38 -8.15
C TYR B 107 -6.71 15.29 -9.15
N GLN B 108 -7.27 15.32 -10.35
CA GLN B 108 -6.89 14.38 -11.40
C GLN B 108 -5.44 14.48 -11.75
N LEU B 109 -4.89 15.68 -11.67
CA LEU B 109 -3.45 15.86 -11.99
C LEU B 109 -2.61 15.45 -10.90
N GLU B 110 -3.07 15.62 -9.68
CA GLU B 110 -2.35 15.11 -8.50
C GLU B 110 -2.31 13.57 -8.49
N LEU B 111 -3.34 12.99 -8.97
CA LEU B 111 -3.49 11.53 -9.01
C LEU B 111 -2.42 10.95 -9.92
N ARG B 112 -2.03 11.65 -10.95
CA ARG B 112 -0.97 11.16 -11.85
C ARG B 112 0.44 11.44 -11.35
N THR B 113 0.64 12.31 -10.34
CA THR B 113 2.00 12.76 -9.94
C THR B 113 2.20 12.62 -8.45
N THR B 114 1.83 13.60 -7.75
CA THR B 114 1.95 13.65 -6.32
C THR B 114 1.46 12.41 -5.53
N LEU B 115 0.26 11.94 -5.84
CA LEU B 115 -0.31 10.83 -5.13
C LEU B 115 0.28 9.43 -5.48
N GLN B 116 1.14 9.39 -6.49
CA GLN B 116 1.93 8.24 -6.88
C GLN B 116 3.34 8.34 -6.32
N ARG B 117 3.72 9.41 -5.65
CA ARG B 117 5.07 9.56 -5.21
C ARG B 117 5.27 8.71 -3.93
N ARG B 118 6.27 7.85 -4.00
CA ARG B 118 6.52 6.78 -3.01
C ARG B 118 8.05 6.69 -2.90
N VAL B 119 8.64 7.39 -1.98
CA VAL B 119 10.07 7.43 -1.82
C VAL B 119 10.32 6.58 -0.53
N GLU B 120 11.08 5.51 -0.67
CA GLU B 120 11.38 4.59 0.46
C GLU B 120 12.34 5.21 1.41
N PRO B 121 12.18 4.97 2.71
CA PRO B 121 13.09 5.51 3.73
C PRO B 121 14.44 4.85 3.72
N THR B 122 15.48 5.63 3.97
CA THR B 122 16.80 5.13 4.35
C THR B 122 16.74 4.94 5.89
N VAL B 123 17.14 3.78 6.39
CA VAL B 123 17.14 3.48 7.76
C VAL B 123 18.55 3.07 8.23
N THR B 124 19.05 3.77 9.24
CA THR B 124 20.31 3.43 9.86
C THR B 124 20.25 3.49 11.40
N ILE B 125 21.08 2.67 12.05
CA ILE B 125 21.18 2.65 13.53
C ILE B 125 22.57 3.17 13.88
N SER B 126 22.68 4.08 14.85
CA SER B 126 23.97 4.61 15.34
C SER B 126 23.96 4.75 16.86
N PRO B 127 25.12 4.54 17.48
CA PRO B 127 25.18 4.77 18.93
C PRO B 127 24.97 6.20 19.24
N SER B 128 25.13 6.56 20.48
CA SER B 128 24.75 7.91 20.74
C SER B 128 25.67 8.65 21.65
N ARG B 129 25.29 9.91 21.88
CA ARG B 129 26.17 11.01 22.18
C ARG B 129 25.97 11.40 23.66
N LEU B 138 22.09 3.86 24.84
CA LEU B 138 21.35 4.64 23.79
C LEU B 138 21.52 4.39 22.23
N LEU B 139 20.46 3.94 21.58
CA LEU B 139 20.48 3.68 20.11
C LEU B 139 19.48 4.58 19.38
N VAL B 140 19.94 5.17 18.28
CA VAL B 140 19.14 6.03 17.43
C VAL B 140 18.90 5.31 16.12
N CYS B 141 17.64 5.08 15.85
CA CYS B 141 17.19 4.62 14.56
C CYS B 141 16.79 5.90 13.80
N SER B 142 17.56 6.26 12.77
CA SER B 142 17.23 7.40 11.86
C SER B 142 16.54 6.91 10.65
N VAL B 143 15.39 7.47 10.42
CA VAL B 143 14.61 7.06 9.31
C VAL B 143 14.38 8.32 8.42
N THR B 144 15.09 8.31 7.27
CA THR B 144 15.22 9.54 6.51
C THR B 144 14.72 9.47 5.09
N ASP B 145 14.36 10.64 4.58
CA ASP B 145 14.06 10.91 3.15
C ASP B 145 12.95 10.14 2.60
N PHE B 146 11.84 10.09 3.30
CA PHE B 146 10.74 9.29 2.81
C PHE B 146 9.53 10.17 2.39
N TYR B 147 8.65 9.57 1.54
CA TYR B 147 7.38 10.18 1.24
C TYR B 147 6.45 9.06 0.76
N PRO B 148 5.16 9.11 1.09
CA PRO B 148 4.51 10.17 1.93
C PRO B 148 4.71 9.99 3.40
N ALA B 149 3.95 10.75 4.19
CA ALA B 149 4.17 10.87 5.63
C ALA B 149 3.87 9.66 6.47
N GLN B 150 2.99 8.76 6.05
CA GLN B 150 2.61 7.60 6.90
C GLN B 150 3.81 6.66 7.14
N ILE B 151 4.13 6.35 8.37
CA ILE B 151 5.32 5.59 8.71
C ILE B 151 5.02 4.97 10.05
N LYS B 152 5.63 3.84 10.35
CA LYS B 152 5.58 3.29 11.68
C LYS B 152 6.95 2.69 11.96
N VAL B 153 7.57 3.18 13.01
CA VAL B 153 8.92 2.77 13.42
C VAL B 153 8.76 2.13 14.80
N ARG B 154 9.25 0.93 14.98
CA ARG B 154 9.27 0.28 16.27
C ARG B 154 10.62 -0.32 16.56
N TRP B 155 10.97 -0.32 17.83
CA TRP B 155 12.12 -1.06 18.31
C TRP B 155 11.70 -2.39 18.97
N PHE B 156 12.55 -3.40 18.78
CA PHE B 156 12.34 -4.74 19.29
C PHE B 156 13.62 -5.13 19.97
N ARG B 157 13.47 -5.95 21.06
CA ARG B 157 14.59 -6.65 21.76
C ARG B 157 14.29 -8.19 21.62
N ASN B 158 15.21 -8.90 20.96
CA ASN B 158 14.88 -10.21 20.38
C ASN B 158 13.47 -10.13 19.71
N ASP B 159 12.49 -10.94 20.02
CA ASP B 159 11.23 -10.81 19.25
C ASP B 159 10.23 -9.89 19.85
N GLN B 160 10.50 -9.27 21.01
CA GLN B 160 9.49 -8.45 21.70
C GLN B 160 9.57 -7.00 21.37
N GLU B 161 8.43 -6.42 21.01
CA GLU B 161 8.34 -5.00 20.78
C GLU B 161 8.67 -4.33 22.11
N GLU B 162 9.60 -3.39 22.09
CA GLU B 162 9.93 -2.63 23.26
C GLU B 162 8.77 -1.63 23.44
N THR B 163 8.09 -1.69 24.59
CA THR B 163 7.00 -0.73 24.94
C THR B 163 7.55 0.57 25.58
N THR B 164 8.78 0.51 26.08
CA THR B 164 9.27 1.29 27.16
C THR B 164 10.75 1.76 26.95
N GLY B 165 11.06 3.00 27.30
CA GLY B 165 12.45 3.51 27.07
C GLY B 165 12.65 3.93 25.59
N VAL B 166 11.56 4.11 24.88
CA VAL B 166 11.59 4.55 23.50
C VAL B 166 11.12 5.98 23.43
N VAL B 167 11.93 6.89 22.88
CA VAL B 167 11.43 8.27 22.58
C VAL B 167 11.64 8.56 21.12
N SER B 168 10.64 9.18 20.54
CA SER B 168 10.61 9.57 19.15
C SER B 168 10.51 11.10 18.93
N THR B 169 11.14 11.62 17.87
CA THR B 169 10.88 12.96 17.42
C THR B 169 9.50 12.99 16.84
N PRO B 170 8.87 14.19 16.77
CA PRO B 170 7.71 14.22 15.85
C PRO B 170 8.22 13.92 14.40
N LEU B 171 7.28 13.80 13.51
CA LEU B 171 7.52 13.67 12.13
C LEU B 171 8.09 15.02 11.67
N ILE B 172 9.17 15.02 10.91
CA ILE B 172 9.86 16.22 10.56
C ILE B 172 9.72 16.43 9.08
N ARG B 173 9.15 17.55 8.70
CA ARG B 173 8.95 17.91 7.32
C ARG B 173 10.23 18.61 6.81
N ASN B 174 10.92 18.08 5.78
CA ASN B 174 12.17 18.67 5.35
C ASN B 174 11.93 19.91 4.42
N GLY B 175 10.76 19.96 3.82
CA GLY B 175 10.34 21.06 2.93
C GLY B 175 10.66 20.81 1.48
N ASP B 176 11.31 19.69 1.18
CA ASP B 176 11.66 19.31 -0.16
C ASP B 176 10.88 18.02 -0.57
N TRP B 177 9.66 17.83 -0.11
CA TRP B 177 8.85 16.72 -0.45
C TRP B 177 9.46 15.35 0.13
N THR B 178 10.13 15.46 1.24
CA THR B 178 10.52 14.35 2.11
C THR B 178 10.42 14.67 3.59
N PHE B 179 10.27 13.63 4.31
CA PHE B 179 10.14 13.66 5.76
C PHE B 179 11.25 12.77 6.35
N GLN B 180 11.55 12.97 7.63
CA GLN B 180 12.38 12.13 8.40
C GLN B 180 11.74 11.97 9.81
N ILE B 181 12.21 10.97 10.55
CA ILE B 181 11.83 10.76 11.92
C ILE B 181 12.99 9.99 12.62
N LEU B 182 13.31 10.34 13.84
CA LEU B 182 14.35 9.70 14.65
C LEU B 182 13.70 9.06 15.87
N VAL B 183 14.10 7.81 16.14
CA VAL B 183 13.51 7.03 17.19
C VAL B 183 14.62 6.42 18.02
N MET B 184 14.64 6.82 19.28
CA MET B 184 15.71 6.46 20.17
C MET B 184 15.30 5.39 21.26
N LEU B 185 16.22 4.47 21.51
CA LEU B 185 16.03 3.43 22.50
C LEU B 185 17.11 3.49 23.61
N GLU B 186 16.66 3.57 24.86
CA GLU B 186 17.54 3.35 26.08
C GLU B 186 17.54 1.84 26.43
N MET B 187 18.69 1.22 26.35
CA MET B 187 18.78 -0.22 26.68
C MET B 187 19.98 -0.52 27.55
N THR B 188 19.84 -1.56 28.36
CA THR B 188 20.94 -2.14 29.11
C THR B 188 21.21 -3.45 28.32
N PRO B 189 22.25 -3.45 27.47
CA PRO B 189 22.61 -4.68 26.76
C PRO B 189 23.24 -5.84 27.62
N GLN B 190 22.72 -7.03 27.36
CA GLN B 190 23.29 -8.30 27.82
C GLN B 190 23.30 -9.21 26.59
N ARG B 191 24.30 -10.10 26.54
CA ARG B 191 24.48 -10.82 25.30
C ARG B 191 23.60 -12.05 25.39
N GLY B 192 23.19 -12.60 24.25
CA GLY B 192 23.48 -12.09 22.94
C GLY B 192 22.15 -11.57 22.53
N ASP B 193 21.66 -10.50 23.21
CA ASP B 193 20.46 -9.73 22.74
C ASP B 193 20.75 -9.11 21.40
N VAL B 194 19.73 -9.09 20.55
CA VAL B 194 19.81 -8.51 19.24
C VAL B 194 18.73 -7.47 19.41
N TYR B 195 19.03 -6.22 19.01
CA TYR B 195 18.04 -5.15 18.95
C TYR B 195 17.78 -4.84 17.49
N THR B 196 16.53 -4.69 17.14
CA THR B 196 16.23 -4.43 15.78
C THR B 196 15.27 -3.28 15.69
N CYS B 197 15.47 -2.46 14.65
CA CYS B 197 14.59 -1.33 14.33
C CYS B 197 13.74 -1.86 13.15
N HIS B 198 12.43 -1.75 13.21
CA HIS B 198 11.50 -2.18 12.19
C HIS B 198 10.79 -0.97 11.64
N VAL B 199 10.80 -0.81 10.35
CA VAL B 199 10.17 0.37 9.71
C VAL B 199 9.14 -0.01 8.65
N GLU B 200 7.89 0.42 8.78
CA GLU B 200 6.84 0.13 7.79
C GLU B 200 6.42 1.42 7.11
N HIS B 201 6.25 1.40 5.79
CA HIS B 201 5.98 2.61 4.96
C HIS B 201 5.29 2.16 3.73
N PRO B 202 4.36 2.96 3.15
CA PRO B 202 3.59 2.42 2.01
C PRO B 202 4.38 2.11 0.77
N SER B 203 5.57 2.69 0.63
CA SER B 203 6.44 2.38 -0.48
C SER B 203 7.17 1.04 -0.40
N LEU B 204 7.09 0.35 0.72
CA LEU B 204 8.02 -0.80 0.93
C LEU B 204 7.35 -2.08 0.54
N GLN B 205 8.09 -2.94 -0.09
CA GLN B 205 7.50 -4.14 -0.47
C GLN B 205 7.31 -5.06 0.82
N ASN B 206 8.24 -4.89 1.72
CA ASN B 206 8.36 -5.52 3.01
C ASN B 206 8.89 -4.53 4.03
N PRO B 207 8.46 -4.59 5.25
CA PRO B 207 9.11 -3.74 6.25
C PRO B 207 10.70 -3.84 6.25
N ILE B 208 11.36 -2.72 6.50
CA ILE B 208 12.79 -2.68 6.66
C ILE B 208 13.15 -3.04 8.09
N ILE B 209 14.06 -4.01 8.23
CA ILE B 209 14.49 -4.46 9.52
C ILE B 209 15.97 -4.20 9.52
N VAL B 210 16.43 -3.40 10.46
CA VAL B 210 17.90 -3.17 10.64
C VAL B 210 18.27 -3.72 12.02
N GLU B 211 19.32 -4.50 12.09
CA GLU B 211 19.77 -5.04 13.41
C GLU B 211 21.01 -4.33 13.95
N TRP B 212 21.03 -4.12 15.26
CA TRP B 212 22.23 -3.59 15.94
C TRP B 212 23.16 -4.66 16.54
N ARG B 213 24.49 -4.37 16.38
CA ARG B 213 25.75 -5.15 16.72
C ARG B 213 26.91 -4.31 17.51
N ALA B 214 27.44 -4.74 18.70
CA ALA B 214 27.04 -5.96 19.49
C ALA B 214 25.59 -5.81 20.04
N ILE C 1 -14.96 -24.05 2.82
CA ILE C 1 -14.95 -23.35 4.16
C ILE C 1 -14.59 -21.93 3.82
N VAL C 2 -15.35 -20.98 4.30
CA VAL C 2 -15.01 -19.57 4.08
C VAL C 2 -14.08 -19.01 5.19
N ALA C 3 -12.98 -18.37 4.81
CA ALA C 3 -12.03 -17.77 5.77
C ALA C 3 -11.29 -16.58 5.12
N ASP C 4 -10.69 -15.74 5.91
CA ASP C 4 -9.76 -14.73 5.40
C ASP C 4 -8.50 -15.38 4.85
N HIS C 5 -8.02 -16.38 5.55
CA HIS C 5 -6.78 -16.99 5.18
C HIS C 5 -6.85 -18.48 5.50
N VAL C 6 -6.18 -19.26 4.67
CA VAL C 6 -6.04 -20.71 4.86
C VAL C 6 -4.60 -21.16 4.68
N ALA C 7 -4.13 -21.90 5.65
CA ALA C 7 -2.84 -22.46 5.66
C ALA C 7 -2.91 -24.00 5.69
N SER C 8 -1.93 -24.64 5.07
CA SER C 8 -1.68 -26.10 5.23
C SER C 8 -0.38 -26.26 5.92
N TYR C 9 -0.41 -26.75 7.18
CA TYR C 9 0.77 -26.90 7.96
C TYR C 9 0.90 -28.41 8.39
N GLY C 10 1.03 -29.36 7.49
CA GLY C 10 1.34 -29.18 6.12
C GLY C 10 0.57 -30.11 5.16
N VAL C 11 1.01 -30.08 3.92
CA VAL C 11 0.55 -30.94 2.88
C VAL C 11 1.60 -32.10 2.85
N ASN C 12 1.09 -33.28 3.17
CA ASN C 12 1.92 -34.52 3.35
C ASN C 12 1.42 -35.47 2.29
N LEU C 13 2.36 -36.00 1.49
CA LEU C 13 2.01 -36.96 0.44
C LEU C 13 3.00 -38.12 0.51
N TYR C 14 2.50 -39.32 0.32
CA TYR C 14 3.35 -40.53 0.17
C TYR C 14 2.77 -41.38 -0.90
N GLN C 15 3.58 -41.87 -1.80
CA GLN C 15 3.04 -42.73 -2.81
C GLN C 15 3.95 -43.97 -3.08
N SER C 16 3.33 -45.06 -3.56
CA SER C 16 4.01 -46.38 -3.69
C SER C 16 4.87 -46.32 -4.93
N TYR C 17 4.47 -45.57 -5.97
CA TYR C 17 5.29 -45.54 -7.18
C TYR C 17 6.54 -44.70 -6.90
N GLY C 18 7.70 -45.30 -7.02
CA GLY C 18 8.98 -44.69 -6.57
C GLY C 18 9.67 -45.59 -5.54
N PRO C 19 9.29 -45.68 -4.27
CA PRO C 19 8.24 -44.88 -3.69
C PRO C 19 8.70 -43.42 -3.54
N SER C 20 7.79 -42.51 -3.19
CA SER C 20 8.22 -41.15 -3.00
C SER C 20 7.22 -40.40 -2.12
N GLY C 21 7.67 -39.30 -1.59
CA GLY C 21 6.84 -38.46 -0.76
C GLY C 21 7.10 -36.99 -1.05
N GLN C 22 6.28 -36.17 -0.43
CA GLN C 22 6.45 -34.73 -0.48
C GLN C 22 5.91 -34.16 0.80
N TYR C 23 6.62 -33.20 1.31
CA TYR C 23 6.21 -32.45 2.47
C TYR C 23 6.39 -30.95 2.13
N SER C 24 5.30 -30.25 2.31
CA SER C 24 5.30 -28.77 2.10
C SER C 24 4.35 -28.06 3.05
N HIS C 25 4.64 -26.77 3.34
CA HIS C 25 3.65 -25.89 3.96
C HIS C 25 3.18 -24.85 2.91
N GLU C 26 1.90 -24.52 2.94
CA GLU C 26 1.27 -23.61 2.02
C GLU C 26 0.54 -22.49 2.83
N PHE C 27 0.45 -21.28 2.27
CA PHE C 27 -0.33 -20.25 2.85
C PHE C 27 -1.02 -19.48 1.74
N ASP C 28 -2.36 -19.37 1.87
CA ASP C 28 -3.24 -18.86 0.84
C ASP C 28 -2.84 -19.33 -0.58
N GLY C 29 -2.57 -20.62 -0.67
CA GLY C 29 -2.46 -21.34 -1.92
C GLY C 29 -1.08 -21.26 -2.51
N ASP C 30 -0.11 -20.66 -1.82
CA ASP C 30 1.23 -20.65 -2.33
C ASP C 30 2.14 -21.44 -1.40
N GLU C 31 3.21 -21.96 -1.95
CA GLU C 31 4.12 -22.87 -1.17
C GLU C 31 5.21 -22.05 -0.44
N GLU C 32 5.27 -22.19 0.86
CA GLU C 32 6.27 -21.52 1.72
C GLU C 32 7.62 -22.22 1.71
N PHE C 33 7.55 -23.58 1.72
CA PHE C 33 8.75 -24.39 1.67
C PHE C 33 8.35 -25.80 1.29
N TYR C 34 9.32 -26.53 0.81
CA TYR C 34 9.24 -27.98 0.84
C TYR C 34 10.42 -28.53 1.52
N VAL C 35 10.29 -29.80 1.97
CA VAL C 35 11.42 -30.49 2.59
C VAL C 35 11.92 -31.49 1.60
N ASP C 36 13.18 -31.34 1.30
CA ASP C 36 13.86 -32.30 0.43
C ASP C 36 14.14 -33.54 1.31
N LEU C 37 13.40 -34.61 1.07
CA LEU C 37 13.39 -35.75 2.02
C LEU C 37 14.63 -36.54 1.95
N GLU C 38 15.26 -36.56 0.83
CA GLU C 38 16.51 -37.27 0.77
C GLU C 38 17.66 -36.50 1.34
N ARG C 39 17.73 -35.23 1.08
CA ARG C 39 18.83 -34.47 1.62
C ARG C 39 18.56 -33.98 3.04
N LYS C 40 17.35 -34.11 3.57
CA LYS C 40 17.03 -33.67 4.91
C LYS C 40 17.22 -32.11 5.03
N GLU C 41 16.61 -31.37 4.10
CA GLU C 41 16.75 -29.91 4.04
C GLU C 41 15.44 -29.19 3.74
N THR C 42 15.20 -28.11 4.50
CA THR C 42 14.06 -27.27 4.26
C THR C 42 14.47 -26.27 3.15
N VAL C 43 13.67 -26.16 2.10
CA VAL C 43 13.89 -25.31 0.99
C VAL C 43 12.79 -24.20 0.95
N TRP C 44 13.09 -23.04 1.52
CA TRP C 44 12.07 -21.95 1.50
C TRP C 44 11.94 -21.28 0.13
N GLN C 45 10.76 -20.80 -0.24
CA GLN C 45 10.49 -20.33 -1.58
C GLN C 45 10.59 -18.79 -1.82
N LEU C 46 10.98 -18.01 -0.83
CA LEU C 46 11.25 -16.63 -0.97
C LEU C 46 12.44 -16.26 -0.13
N PRO C 47 13.23 -15.25 -0.56
CA PRO C 47 14.29 -14.70 0.19
C PRO C 47 13.91 -14.25 1.56
N LEU C 48 12.77 -13.58 1.67
CA LEU C 48 12.25 -13.16 2.97
C LEU C 48 12.07 -14.31 3.98
N PHE C 49 11.48 -15.39 3.54
CA PHE C 49 11.35 -16.62 4.39
C PHE C 49 12.71 -17.21 4.77
N ARG C 50 13.64 -17.26 3.84
CA ARG C 50 14.99 -17.77 4.13
C ARG C 50 15.68 -16.93 5.13
N ARG C 51 15.47 -15.62 5.11
CA ARG C 51 16.07 -14.79 6.14
C ARG C 51 15.47 -15.00 7.49
N PHE C 52 14.17 -15.15 7.61
CA PHE C 52 13.57 -15.03 8.93
C PHE C 52 12.95 -16.29 9.48
N ARG C 53 12.74 -17.32 8.68
CA ARG C 53 11.95 -18.42 9.17
C ARG C 53 12.78 -19.74 9.20
N ARG C 54 12.36 -20.68 10.06
CA ARG C 54 13.11 -21.90 10.27
C ARG C 54 12.14 -23.07 10.48
N PHE C 55 12.33 -24.18 9.79
CA PHE C 55 11.53 -25.38 10.01
C PHE C 55 12.46 -26.62 10.09
N ASP C 56 12.26 -27.43 11.13
CA ASP C 56 13.12 -28.60 11.33
C ASP C 56 12.76 -29.69 10.30
N PRO C 57 13.65 -29.95 9.30
CA PRO C 57 13.25 -30.95 8.31
C PRO C 57 12.96 -32.39 8.81
N GLN C 58 13.52 -32.75 9.95
CA GLN C 58 13.23 -34.05 10.65
C GLN C 58 11.76 -34.15 10.99
N PHE C 59 11.04 -33.03 11.14
CA PHE C 59 9.55 -33.12 11.30
C PHE C 59 8.84 -33.76 10.10
N ALA C 60 9.22 -33.33 8.88
CA ALA C 60 8.71 -33.89 7.69
C ALA C 60 9.04 -35.38 7.59
N LEU C 61 10.26 -35.76 7.81
CA LEU C 61 10.63 -37.21 7.79
C LEU C 61 9.83 -38.03 8.80
N THR C 62 9.58 -37.49 9.99
CA THR C 62 8.76 -38.16 11.02
C THR C 62 7.37 -38.43 10.48
N ASN C 63 6.76 -37.38 9.86
CA ASN C 63 5.41 -37.51 9.40
C ASN C 63 5.24 -38.37 8.17
N ILE C 64 6.17 -38.27 7.24
CA ILE C 64 6.04 -39.06 6.05
C ILE C 64 6.08 -40.60 6.36
N ALA C 65 6.91 -40.97 7.31
CA ALA C 65 6.97 -42.39 7.81
C ALA C 65 5.59 -42.85 8.34
N VAL C 66 4.88 -41.93 9.03
CA VAL C 66 3.55 -42.28 9.37
C VAL C 66 2.61 -42.53 8.19
N LEU C 67 2.61 -41.65 7.19
CA LEU C 67 1.73 -41.82 6.04
C LEU C 67 2.07 -43.17 5.35
N LYS C 68 3.36 -43.55 5.29
CA LYS C 68 3.74 -44.82 4.68
C LYS C 68 3.04 -45.99 5.43
N HIS C 69 3.10 -45.91 6.77
CA HIS C 69 2.39 -46.83 7.65
C HIS C 69 0.85 -46.85 7.47
N ASN C 70 0.25 -45.67 7.46
CA ASN C 70 -1.16 -45.56 7.24
C ASN C 70 -1.59 -46.13 5.90
N LEU C 71 -0.81 -45.92 4.87
CA LEU C 71 -1.18 -46.44 3.55
C LEU C 71 -1.27 -47.99 3.57
N ASN C 72 -0.32 -48.61 4.22
CA ASN C 72 -0.48 -50.08 4.50
C ASN C 72 -1.72 -50.47 5.22
N CYS C 73 -2.04 -49.77 6.31
CA CYS C 73 -3.28 -50.06 7.04
C CYS C 73 -4.50 -49.90 6.21
N VAL C 74 -4.55 -48.85 5.36
CA VAL C 74 -5.72 -48.67 4.58
C VAL C 74 -5.84 -49.75 3.51
N ILE C 75 -4.75 -50.12 2.87
CA ILE C 75 -4.75 -51.20 1.89
C ILE C 75 -5.20 -52.49 2.58
N LYS C 76 -4.79 -52.71 3.81
CA LYS C 76 -5.14 -53.96 4.54
C LYS C 76 -6.66 -54.15 4.71
N ARG C 77 -7.41 -53.06 4.92
CA ARG C 77 -8.87 -53.19 5.10
C ARG C 77 -9.67 -52.78 3.86
N SER C 78 -9.11 -52.53 2.72
CA SER C 78 -9.90 -52.21 1.58
C SER C 78 -9.61 -53.20 0.41
N ASN C 79 -10.07 -52.91 -0.80
CA ASN C 79 -9.99 -53.83 -1.98
C ASN C 79 -8.69 -53.58 -2.75
N SER C 80 -7.92 -52.62 -2.23
CA SER C 80 -6.61 -52.25 -2.74
C SER C 80 -6.79 -51.99 -4.24
N THR C 81 -7.35 -50.79 -4.53
CA THR C 81 -7.65 -50.42 -5.99
C THR C 81 -6.70 -49.31 -6.08
N ALA C 82 -5.96 -49.30 -7.17
CA ALA C 82 -4.92 -48.28 -7.35
C ALA C 82 -5.59 -46.93 -7.73
N ALA C 83 -4.84 -45.86 -7.68
CA ALA C 83 -5.32 -44.57 -8.12
C ALA C 83 -5.86 -44.57 -9.52
N THR C 84 -6.95 -43.83 -9.77
CA THR C 84 -7.42 -43.56 -11.17
C THR C 84 -6.64 -42.47 -11.79
N ASN C 85 -6.21 -42.67 -13.02
CA ASN C 85 -5.42 -41.61 -13.73
C ASN C 85 -6.39 -40.52 -14.24
N GLU C 86 -6.25 -39.30 -13.78
CA GLU C 86 -6.89 -38.14 -14.39
C GLU C 86 -6.21 -37.64 -15.68
N VAL C 87 -6.99 -36.89 -16.48
CA VAL C 87 -6.46 -36.23 -17.64
C VAL C 87 -6.00 -34.84 -17.17
N PRO C 88 -4.72 -34.53 -17.23
CA PRO C 88 -4.32 -33.24 -16.70
C PRO C 88 -4.68 -32.11 -17.71
N GLU C 89 -4.75 -30.87 -17.25
CA GLU C 89 -5.18 -29.74 -18.09
C GLU C 89 -4.05 -28.73 -18.12
N VAL C 90 -3.61 -28.35 -19.32
CA VAL C 90 -2.39 -27.55 -19.54
C VAL C 90 -2.68 -26.15 -20.11
N THR C 91 -2.09 -25.11 -19.52
CA THR C 91 -2.14 -23.72 -19.95
C THR C 91 -0.78 -23.09 -19.89
N VAL C 92 -0.42 -22.33 -20.92
CA VAL C 92 0.89 -21.69 -21.00
C VAL C 92 0.64 -20.16 -21.18
N PHE C 93 1.33 -19.33 -20.41
CA PHE C 93 1.12 -17.88 -20.48
C PHE C 93 2.41 -17.23 -20.01
N SER C 94 2.58 -15.94 -20.31
CA SER C 94 3.77 -15.26 -19.87
C SER C 94 3.51 -14.63 -18.43
N LYS C 95 4.60 -14.46 -17.71
CA LYS C 95 4.60 -13.72 -16.49
C LYS C 95 4.19 -12.18 -16.73
N SER C 96 4.72 -11.57 -17.76
CA SER C 96 4.42 -10.20 -18.04
C SER C 96 4.30 -10.00 -19.60
N PRO C 97 3.68 -8.89 -20.02
CA PRO C 97 3.53 -8.60 -21.48
C PRO C 97 4.85 -8.58 -22.27
N VAL C 98 4.81 -9.23 -23.44
CA VAL C 98 6.06 -9.59 -24.07
C VAL C 98 6.54 -8.43 -24.92
N THR C 99 7.75 -7.97 -24.67
CA THR C 99 8.44 -7.11 -25.58
C THR C 99 9.71 -7.77 -26.01
N LEU C 100 9.90 -7.70 -27.34
CA LEU C 100 11.02 -8.27 -28.02
C LEU C 100 12.21 -7.59 -27.45
N GLY C 101 13.22 -8.37 -27.11
CA GLY C 101 14.43 -7.83 -26.60
C GLY C 101 14.54 -7.83 -25.09
N GLN C 102 13.43 -7.99 -24.35
CA GLN C 102 13.51 -7.83 -22.90
C GLN C 102 13.10 -9.10 -22.06
N PRO C 103 13.93 -9.46 -21.07
CA PRO C 103 13.75 -10.82 -20.57
C PRO C 103 12.41 -11.05 -19.85
N ASN C 104 11.87 -12.25 -20.01
CA ASN C 104 10.56 -12.60 -19.54
C ASN C 104 10.59 -14.06 -19.12
N THR C 105 9.44 -14.62 -18.75
CA THR C 105 9.30 -15.93 -18.19
C THR C 105 7.99 -16.53 -18.71
N LEU C 106 8.04 -17.76 -19.28
CA LEU C 106 6.84 -18.49 -19.67
C LEU C 106 6.47 -19.35 -18.51
N ILE C 107 5.19 -19.55 -18.33
CA ILE C 107 4.73 -20.27 -17.23
C ILE C 107 3.84 -21.34 -17.82
N CYS C 108 4.04 -22.57 -17.39
CA CYS C 108 3.16 -23.68 -17.78
C CYS C 108 2.44 -24.26 -16.58
N LEU C 109 1.14 -24.13 -16.53
CA LEU C 109 0.40 -24.60 -15.41
C LEU C 109 -0.17 -25.94 -15.82
N VAL C 110 0.05 -26.97 -15.02
CA VAL C 110 -0.47 -28.32 -15.31
C VAL C 110 -1.36 -28.61 -14.15
N ASP C 111 -2.64 -28.62 -14.43
CA ASP C 111 -3.66 -28.73 -13.39
C ASP C 111 -4.40 -30.13 -13.50
N ASN C 112 -5.15 -30.48 -12.50
CA ASN C 112 -5.89 -31.73 -12.39
C ASN C 112 -4.85 -32.91 -12.54
N ILE C 113 -3.73 -32.86 -11.83
CA ILE C 113 -2.77 -33.92 -11.85
C ILE C 113 -3.16 -34.98 -10.82
N PHE C 114 -3.44 -36.17 -11.29
CA PHE C 114 -3.48 -37.33 -10.39
C PHE C 114 -3.30 -38.63 -11.17
N PRO C 115 -2.53 -39.62 -10.65
CA PRO C 115 -1.67 -39.49 -9.47
C PRO C 115 -0.51 -38.48 -9.75
N PRO C 116 0.18 -38.02 -8.72
CA PRO C 116 1.22 -37.04 -8.83
C PRO C 116 2.54 -37.61 -9.29
N VAL C 117 2.53 -38.00 -10.57
CA VAL C 117 3.64 -38.49 -11.28
C VAL C 117 3.55 -37.85 -12.63
N VAL C 118 4.47 -36.95 -12.94
CA VAL C 118 4.37 -36.21 -14.17
C VAL C 118 5.76 -35.78 -14.68
N ASN C 119 5.92 -35.71 -16.00
CA ASN C 119 7.03 -34.98 -16.59
C ASN C 119 6.55 -33.70 -17.31
N ILE C 120 7.20 -32.59 -17.00
CA ILE C 120 6.94 -31.29 -17.68
C ILE C 120 8.22 -30.85 -18.19
N THR C 121 8.34 -30.62 -19.47
CA THR C 121 9.58 -30.09 -20.05
C THR C 121 9.20 -28.98 -21.07
N TRP C 122 10.21 -28.24 -21.55
CA TRP C 122 10.02 -27.21 -22.55
C TRP C 122 10.73 -27.51 -23.89
N LEU C 123 10.08 -27.08 -24.98
CA LEU C 123 10.64 -27.15 -26.30
C LEU C 123 10.72 -25.72 -26.84
N SER C 124 11.87 -25.43 -27.42
CA SER C 124 12.09 -24.32 -28.30
C SER C 124 12.28 -24.79 -29.79
N ASN C 125 11.36 -24.34 -30.65
CA ASN C 125 11.29 -24.78 -32.01
C ASN C 125 11.40 -26.33 -32.09
N GLY C 126 10.62 -26.98 -31.25
CA GLY C 126 10.53 -28.41 -31.26
C GLY C 126 11.64 -29.19 -30.56
N HIS C 127 12.75 -28.56 -30.13
CA HIS C 127 13.84 -29.27 -29.45
C HIS C 127 13.90 -28.89 -27.96
N SER C 128 14.40 -29.81 -27.19
CA SER C 128 14.38 -29.72 -25.76
C SER C 128 15.18 -28.52 -25.26
N VAL C 129 14.70 -27.84 -24.22
CA VAL C 129 15.49 -26.76 -23.60
C VAL C 129 15.48 -26.90 -22.07
N THR C 130 16.65 -26.85 -21.45
CA THR C 130 16.69 -27.01 -19.99
C THR C 130 17.32 -25.85 -19.25
N GLU C 131 18.07 -24.97 -19.91
CA GLU C 131 18.62 -23.84 -19.20
C GLU C 131 17.44 -22.85 -19.02
N GLY C 132 17.39 -22.22 -17.88
CA GLY C 132 16.30 -21.34 -17.48
C GLY C 132 15.02 -21.98 -16.96
N VAL C 133 15.00 -23.31 -16.71
CA VAL C 133 13.80 -24.04 -16.29
C VAL C 133 13.74 -24.32 -14.83
N SER C 134 12.58 -24.18 -14.22
CA SER C 134 12.36 -24.48 -12.82
C SER C 134 10.90 -24.85 -12.66
N GLU C 135 10.52 -25.42 -11.51
CA GLU C 135 9.19 -25.82 -11.25
C GLU C 135 8.84 -25.79 -9.80
N THR C 136 7.56 -25.71 -9.49
CA THR C 136 7.12 -25.78 -8.14
C THR C 136 7.07 -27.28 -7.72
N SER C 137 6.78 -27.48 -6.45
CA SER C 137 6.32 -28.79 -5.92
C SER C 137 4.93 -29.06 -6.44
N PHE C 138 4.39 -30.25 -6.11
CA PHE C 138 2.99 -30.49 -6.36
C PHE C 138 2.26 -29.59 -5.33
N LEU C 139 1.27 -28.88 -5.80
CA LEU C 139 0.46 -27.91 -4.99
C LEU C 139 -0.88 -28.51 -4.84
N SER C 140 -1.39 -28.46 -3.65
CA SER C 140 -2.62 -29.17 -3.32
C SER C 140 -3.88 -28.44 -3.82
N LYS C 141 -4.96 -29.23 -4.04
CA LYS C 141 -6.26 -28.73 -4.42
C LYS C 141 -7.23 -29.43 -3.53
N SER C 142 -8.36 -28.83 -3.34
CA SER C 142 -9.32 -29.29 -2.36
C SER C 142 -10.14 -30.49 -2.86
N ASP C 143 -10.08 -30.83 -4.13
CA ASP C 143 -10.59 -32.08 -4.60
C ASP C 143 -9.52 -33.27 -4.48
N HIS C 144 -8.36 -32.98 -3.96
CA HIS C 144 -7.26 -33.88 -3.70
C HIS C 144 -6.44 -34.33 -4.87
N SER C 145 -6.64 -33.63 -6.01
CA SER C 145 -5.69 -33.68 -7.05
C SER C 145 -4.61 -32.65 -6.77
N PHE C 146 -3.69 -32.46 -7.71
CA PHE C 146 -2.60 -31.55 -7.61
C PHE C 146 -2.51 -30.65 -8.86
N PHE C 147 -1.77 -29.54 -8.71
CA PHE C 147 -1.28 -28.81 -9.83
C PHE C 147 0.17 -28.60 -9.66
N LYS C 148 0.84 -28.27 -10.75
CA LYS C 148 2.23 -28.00 -10.69
C LYS C 148 2.54 -26.97 -11.77
N ILE C 149 3.54 -26.12 -11.54
CA ILE C 149 3.87 -25.01 -12.48
C ILE C 149 5.31 -25.09 -12.82
N SER C 150 5.63 -25.02 -14.10
CA SER C 150 6.99 -24.95 -14.59
C SER C 150 7.23 -23.59 -15.27
N TYR C 151 8.46 -23.11 -15.23
CA TYR C 151 8.83 -21.77 -15.63
C TYR C 151 10.00 -21.88 -16.57
N LEU C 152 10.00 -21.11 -17.63
CA LEU C 152 11.14 -20.97 -18.54
C LEU C 152 11.44 -19.50 -18.74
N THR C 153 12.62 -19.07 -18.29
CA THR C 153 13.09 -17.72 -18.56
C THR C 153 13.60 -17.68 -20.02
N PHE C 154 13.30 -16.59 -20.70
CA PHE C 154 13.61 -16.43 -22.11
C PHE C 154 13.71 -14.98 -22.50
N LEU C 155 14.34 -14.79 -23.63
CA LEU C 155 14.55 -13.46 -24.24
C LEU C 155 13.72 -13.57 -25.46
N PRO C 156 12.56 -12.93 -25.53
CA PRO C 156 11.64 -12.98 -26.72
C PRO C 156 12.27 -12.46 -28.01
N SER C 157 11.85 -13.05 -29.14
CA SER C 157 12.36 -12.76 -30.50
C SER C 157 11.26 -13.17 -31.47
N ALA C 158 11.34 -12.60 -32.66
CA ALA C 158 10.34 -12.89 -33.71
C ALA C 158 10.31 -14.38 -34.14
N ASP C 159 11.46 -15.06 -34.01
CA ASP C 159 11.76 -16.34 -34.69
C ASP C 159 11.65 -17.59 -33.75
N GLU C 160 11.18 -17.40 -32.53
CA GLU C 160 11.22 -18.48 -31.55
C GLU C 160 9.84 -18.81 -31.10
N ILE C 161 9.51 -20.09 -31.16
CA ILE C 161 8.27 -20.57 -30.68
C ILE C 161 8.52 -21.65 -29.61
N TYR C 162 7.60 -21.74 -28.70
CA TYR C 162 7.74 -22.49 -27.49
C TYR C 162 6.61 -23.43 -27.33
N ASP C 163 6.90 -24.59 -26.70
CA ASP C 163 5.87 -25.56 -26.27
C ASP C 163 6.18 -26.06 -24.90
N CYS C 164 5.13 -26.28 -24.14
CA CYS C 164 5.26 -26.91 -22.85
C CYS C 164 4.84 -28.35 -23.17
N LYS C 165 5.67 -29.32 -22.86
CA LYS C 165 5.40 -30.80 -23.10
C LYS C 165 5.13 -31.56 -21.80
N VAL C 166 3.99 -32.20 -21.73
CA VAL C 166 3.58 -32.82 -20.52
C VAL C 166 3.32 -34.33 -20.77
N GLU C 167 3.91 -35.16 -19.88
CA GLU C 167 3.73 -36.64 -19.98
C GLU C 167 3.07 -37.09 -18.66
N HIS C 168 1.99 -37.85 -18.79
CA HIS C 168 1.29 -38.38 -17.68
C HIS C 168 0.50 -39.61 -18.06
N TRP C 169 0.23 -40.53 -17.15
CA TRP C 169 -0.42 -41.84 -17.58
C TRP C 169 -1.89 -41.63 -17.98
N GLY C 170 -2.51 -40.57 -17.50
CA GLY C 170 -3.80 -40.14 -18.01
C GLY C 170 -3.88 -39.67 -19.46
N LEU C 171 -2.74 -39.40 -20.09
CA LEU C 171 -2.70 -39.02 -21.51
C LEU C 171 -2.16 -40.13 -22.38
N ASP C 172 -2.71 -40.29 -23.57
CA ASP C 172 -2.27 -41.32 -24.53
C ASP C 172 -0.90 -41.06 -25.12
N GLU C 173 -0.62 -39.81 -25.37
CA GLU C 173 0.62 -39.41 -25.92
C GLU C 173 1.01 -38.11 -25.20
N PRO C 174 2.28 -37.71 -25.27
CA PRO C 174 2.64 -36.40 -24.72
C PRO C 174 1.78 -35.21 -25.27
N LEU C 175 1.44 -34.27 -24.41
CA LEU C 175 0.57 -33.14 -24.71
C LEU C 175 1.50 -31.96 -24.82
N LEU C 176 1.51 -31.35 -26.02
CA LEU C 176 2.31 -30.18 -26.32
C LEU C 176 1.35 -29.02 -26.24
N LYS C 177 1.63 -28.07 -25.38
CA LYS C 177 0.85 -26.85 -25.34
C LYS C 177 1.71 -25.71 -25.88
N HIS C 178 1.23 -25.15 -26.95
CA HIS C 178 1.95 -24.14 -27.74
C HIS C 178 1.71 -22.75 -27.20
N TRP C 179 2.70 -21.91 -27.19
CA TRP C 179 2.51 -20.57 -26.64
C TRP C 179 2.28 -19.50 -27.70
N GLU C 180 1.27 -18.61 -27.39
CA GLU C 180 0.86 -17.21 -27.95
C GLU C 180 1.79 -15.92 -27.85
N VAL D 1 11.89 -17.98 16.05
CA VAL D 1 10.89 -18.89 16.59
C VAL D 1 10.74 -19.87 15.47
N GLU D 2 10.79 -21.17 15.78
CA GLU D 2 10.63 -22.19 14.82
C GLU D 2 9.17 -22.38 14.45
N GLU D 3 8.90 -22.74 13.21
CA GLU D 3 7.57 -23.17 12.76
C GLU D 3 7.30 -24.59 13.34
N LEU D 4 6.05 -24.87 13.56
CA LEU D 4 5.60 -26.13 14.09
C LEU D 4 4.73 -26.76 13.00
N TYR D 5 4.23 -27.94 13.28
CA TYR D 5 3.49 -28.71 12.26
C TYR D 5 2.41 -29.60 12.87
N LEU D 6 1.48 -29.99 12.05
CA LEU D 6 0.44 -30.87 12.47
C LEU D 6 0.84 -32.36 12.18
N VAL D 7 0.70 -33.16 13.21
CA VAL D 7 1.10 -34.59 13.21
C VAL D 7 0.05 -35.38 12.52
N ALA D 8 0.42 -36.28 11.63
CA ALA D 8 -0.53 -37.25 11.03
C ALA D 8 -0.77 -38.34 12.07
N GLY D 9 -2.02 -38.59 12.45
CA GLY D 9 -2.31 -39.71 13.33
C GLY D 9 -1.97 -41.08 12.74
N GLU D 10 -1.48 -42.00 13.57
CA GLU D 10 -1.11 -43.35 13.14
C GLU D 10 -2.30 -44.23 13.12
N GLU D 11 -2.49 -44.90 12.01
CA GLU D 11 -3.50 -45.94 11.93
C GLU D 11 -3.02 -47.13 12.80
N GLY D 12 -4.00 -47.82 13.31
CA GLY D 12 -3.78 -48.79 14.41
C GLY D 12 -3.39 -50.20 14.01
N CYS D 13 -3.20 -50.50 12.77
CA CYS D 13 -3.02 -51.92 12.45
C CYS D 13 -1.47 -52.21 12.64
N GLY D 14 -1.12 -53.46 12.77
CA GLY D 14 0.17 -53.82 13.40
C GLY D 14 1.21 -53.84 12.32
N GLY D 15 1.49 -55.01 11.73
CA GLY D 15 0.47 -56.07 11.51
C GLY D 15 -0.03 -55.88 10.05
N GLY D 16 0.78 -56.43 9.11
CA GLY D 16 0.68 -56.26 7.64
C GLY D 16 2.14 -56.27 7.20
N GLY D 17 2.43 -55.46 6.19
CA GLY D 17 3.78 -55.01 5.95
C GLY D 17 4.09 -55.68 4.64
N SER D 18 3.84 -55.05 3.52
CA SER D 18 3.33 -53.69 3.35
C SER D 18 2.63 -53.69 1.99
N LEU D 19 3.48 -53.56 0.97
CA LEU D 19 3.21 -53.00 -0.33
C LEU D 19 4.50 -52.26 -0.61
N SER D 27 2.87 -52.32 -13.49
CA SER D 27 3.94 -51.40 -13.16
C SER D 27 3.50 -49.91 -13.22
N PRO D 28 2.87 -49.34 -14.32
CA PRO D 28 2.39 -47.96 -14.07
C PRO D 28 1.10 -47.84 -13.23
N GLU D 29 1.31 -48.22 -12.00
CA GLU D 29 0.31 -48.30 -10.96
C GLU D 29 0.74 -47.45 -9.76
N ASP D 30 -0.18 -46.75 -9.10
CA ASP D 30 0.18 -45.88 -7.91
C ASP D 30 -0.89 -45.90 -6.79
N PHE D 31 -0.43 -46.03 -5.55
CA PHE D 31 -1.30 -46.04 -4.39
C PHE D 31 -0.77 -44.89 -3.61
N VAL D 32 -1.67 -43.96 -3.34
CA VAL D 32 -1.34 -42.66 -2.86
C VAL D 32 -2.04 -42.37 -1.54
N TYR D 33 -1.32 -41.73 -0.66
CA TYR D 33 -1.86 -41.34 0.60
C TYR D 33 -1.54 -39.87 0.89
N GLN D 34 -2.55 -39.18 1.44
CA GLN D 34 -2.40 -37.83 1.79
C GLN D 34 -2.85 -37.52 3.13
N PHE D 35 -2.09 -36.62 3.76
CA PHE D 35 -2.48 -36.00 5.00
C PHE D 35 -2.37 -34.50 4.83
N LYS D 36 -3.45 -33.83 5.15
CA LYS D 36 -3.46 -32.32 5.12
C LYS D 36 -3.95 -31.76 6.47
N GLY D 37 -3.09 -30.97 7.08
CA GLY D 37 -3.28 -30.24 8.31
C GLY D 37 -3.60 -28.78 7.95
N MET D 38 -4.85 -28.43 8.01
CA MET D 38 -5.39 -27.09 7.46
C MET D 38 -5.96 -26.16 8.57
N CYS D 39 -5.57 -24.89 8.53
CA CYS D 39 -5.85 -23.90 9.54
C CYS D 39 -6.62 -22.81 8.78
N TYR D 40 -7.76 -22.40 9.29
CA TYR D 40 -8.63 -21.42 8.62
C TYR D 40 -8.73 -20.26 9.59
N PHE D 41 -8.26 -19.08 9.16
CA PHE D 41 -8.27 -17.93 10.05
C PHE D 41 -9.21 -16.87 9.47
N THR D 42 -9.94 -16.22 10.36
CA THR D 42 -10.85 -15.09 10.05
C THR D 42 -10.81 -14.04 11.16
N ASN D 43 -10.80 -12.75 10.75
CA ASN D 43 -10.62 -11.58 11.66
C ASN D 43 -9.38 -11.65 12.56
N GLY D 44 -8.21 -11.68 11.93
CA GLY D 44 -6.98 -11.98 12.65
C GLY D 44 -7.05 -13.47 13.08
N THR D 45 -6.93 -13.68 14.38
CA THR D 45 -7.12 -14.96 14.96
C THR D 45 -8.29 -14.92 15.94
N GLU D 46 -9.25 -14.02 15.70
CA GLU D 46 -10.45 -14.01 16.53
C GLU D 46 -11.18 -15.29 16.18
N ARG D 47 -11.16 -15.82 14.96
CA ARG D 47 -11.85 -17.10 14.62
C ARG D 47 -10.80 -18.01 13.95
N VAL D 48 -10.57 -19.17 14.57
CA VAL D 48 -9.59 -20.12 14.03
C VAL D 48 -10.29 -21.48 14.01
N ARG D 49 -10.03 -22.24 12.97
CA ARG D 49 -10.59 -23.54 12.80
C ARG D 49 -9.54 -24.45 12.17
N LEU D 50 -9.39 -25.62 12.77
CA LEU D 50 -8.46 -26.64 12.37
C LEU D 50 -9.26 -27.76 11.71
N VAL D 51 -8.88 -28.16 10.51
CA VAL D 51 -9.40 -29.42 9.89
C VAL D 51 -8.25 -30.29 9.35
N THR D 52 -8.13 -31.48 9.88
CA THR D 52 -7.10 -32.43 9.44
C THR D 52 -7.80 -33.49 8.61
N ARG D 53 -7.24 -33.78 7.44
CA ARG D 53 -7.90 -34.59 6.43
C ARG D 53 -6.96 -35.79 6.07
N TYR D 54 -7.52 -37.00 6.12
CA TYR D 54 -6.81 -38.23 5.91
C TYR D 54 -7.40 -38.74 4.62
N ILE D 55 -6.52 -38.99 3.66
CA ILE D 55 -6.91 -39.26 2.32
C ILE D 55 -6.20 -40.49 1.70
N TYR D 56 -6.99 -41.36 1.14
CA TYR D 56 -6.49 -42.51 0.36
C TYR D 56 -6.84 -42.32 -1.13
N ASN D 57 -5.82 -42.23 -1.95
CA ASN D 57 -5.94 -41.79 -3.33
C ASN D 57 -6.61 -40.41 -3.37
N ARG D 58 -7.91 -40.32 -3.72
CA ARG D 58 -8.67 -39.01 -3.71
C ARG D 58 -9.82 -39.00 -2.76
N GLU D 59 -9.94 -40.05 -1.98
CA GLU D 59 -11.00 -40.18 -1.06
C GLU D 59 -10.56 -39.72 0.34
N GLU D 60 -11.05 -38.58 0.75
CA GLU D 60 -11.00 -38.20 2.14
C GLU D 60 -11.87 -39.14 3.05
N TYR D 61 -11.24 -39.94 3.90
CA TYR D 61 -11.99 -40.90 4.66
C TYR D 61 -12.19 -40.62 6.10
N ALA D 62 -11.36 -39.76 6.68
CA ALA D 62 -11.49 -39.33 8.05
C ALA D 62 -11.01 -37.94 8.24
N ARG D 63 -11.56 -37.22 9.23
CA ARG D 63 -11.14 -35.94 9.52
C ARG D 63 -11.33 -35.55 10.98
N PHE D 64 -10.48 -34.64 11.43
CA PHE D 64 -10.66 -33.95 12.63
C PHE D 64 -11.00 -32.51 12.25
N ASP D 65 -12.10 -32.04 12.79
CA ASP D 65 -12.59 -30.64 12.68
C ASP D 65 -12.75 -30.06 14.12
N SER D 66 -12.02 -28.98 14.39
CA SER D 66 -12.02 -28.41 15.70
C SER D 66 -13.41 -27.91 16.09
N ASP D 67 -14.30 -27.55 15.14
CA ASP D 67 -15.73 -27.20 15.53
C ASP D 67 -16.57 -28.40 16.01
N VAL D 68 -16.14 -29.60 15.68
CA VAL D 68 -16.77 -30.81 16.16
C VAL D 68 -16.08 -31.30 17.46
N GLY D 69 -14.75 -31.33 17.45
CA GLY D 69 -13.90 -31.74 18.60
C GLY D 69 -13.54 -33.23 18.80
N VAL D 70 -14.03 -34.08 17.90
CA VAL D 70 -13.65 -35.46 17.79
C VAL D 70 -13.37 -35.83 16.34
N TYR D 71 -12.63 -36.91 16.19
CA TYR D 71 -12.46 -37.47 14.84
C TYR D 71 -13.79 -38.05 14.29
N ARG D 72 -13.98 -37.93 13.00
CA ARG D 72 -15.15 -38.44 12.31
C ARG D 72 -14.73 -39.17 11.04
N ALA D 73 -15.42 -40.25 10.80
CA ALA D 73 -15.41 -40.96 9.54
C ALA D 73 -16.19 -40.25 8.49
N VAL D 74 -15.63 -40.09 7.31
CA VAL D 74 -16.28 -39.38 6.20
C VAL D 74 -16.78 -40.37 5.17
N THR D 75 -16.11 -41.51 5.00
CA THR D 75 -16.59 -42.58 4.15
C THR D 75 -16.49 -43.94 4.91
N PRO D 76 -16.98 -45.03 4.30
CA PRO D 76 -16.91 -46.31 4.98
C PRO D 76 -15.51 -46.88 5.25
N LEU D 77 -14.48 -46.36 4.61
CA LEU D 77 -13.10 -46.68 4.97
C LEU D 77 -12.68 -46.08 6.36
N GLY D 78 -13.34 -45.04 6.82
CA GLY D 78 -12.98 -44.28 8.04
C GLY D 78 -13.38 -44.67 9.43
N PRO D 79 -14.49 -45.42 9.59
CA PRO D 79 -14.85 -45.70 11.01
C PRO D 79 -13.79 -46.33 11.88
N PRO D 80 -13.00 -47.31 11.34
CA PRO D 80 -12.03 -47.93 12.26
C PRO D 80 -11.01 -46.95 12.73
N ALA D 81 -10.55 -46.04 11.85
CA ALA D 81 -9.55 -45.03 12.20
C ALA D 81 -10.13 -44.01 13.21
N ALA D 82 -11.26 -43.44 12.90
CA ALA D 82 -11.91 -42.47 13.83
C ALA D 82 -12.17 -43.06 15.19
N GLU D 83 -12.71 -44.28 15.26
CA GLU D 83 -12.96 -44.90 16.56
C GLU D 83 -11.65 -45.08 17.36
N TYR D 84 -10.61 -45.55 16.69
CA TYR D 84 -9.34 -45.70 17.28
C TYR D 84 -8.74 -44.33 17.81
N TRP D 85 -8.69 -43.29 16.99
CA TRP D 85 -8.11 -42.09 17.40
C TRP D 85 -8.89 -41.47 18.57
N ASN D 86 -10.22 -41.55 18.54
CA ASN D 86 -11.05 -40.96 19.63
C ASN D 86 -10.96 -41.80 20.89
N SER D 87 -10.55 -43.06 20.83
CA SER D 87 -10.37 -43.88 22.04
C SER D 87 -9.06 -43.59 22.71
N GLN D 88 -8.15 -42.88 22.06
CA GLN D 88 -6.87 -42.60 22.70
C GLN D 88 -6.85 -41.21 23.26
N LYS D 89 -6.92 -41.09 24.55
CA LYS D 89 -7.10 -39.77 25.17
C LYS D 89 -6.02 -38.84 24.75
N GLU D 90 -4.83 -39.34 24.74
CA GLU D 90 -3.70 -38.49 24.55
C GLU D 90 -3.63 -37.96 23.11
N VAL D 91 -3.98 -38.80 22.16
CA VAL D 91 -4.10 -38.43 20.76
C VAL D 91 -5.17 -37.36 20.59
N LEU D 92 -6.36 -37.59 21.13
CA LEU D 92 -7.45 -36.62 21.01
C LEU D 92 -7.05 -35.32 21.67
N GLU D 93 -6.46 -35.40 22.85
CA GLU D 93 -6.00 -34.20 23.61
C GLU D 93 -4.90 -33.39 22.83
N ARG D 94 -3.95 -34.12 22.21
CA ARG D 94 -2.96 -33.52 21.30
C ARG D 94 -3.61 -32.76 20.16
N THR D 95 -4.57 -33.42 19.51
CA THR D 95 -5.18 -32.84 18.34
C THR D 95 -6.09 -31.65 18.72
N ARG D 96 -6.83 -31.74 19.82
CA ARG D 96 -7.58 -30.60 20.33
C ARG D 96 -6.67 -29.46 20.64
N ALA D 97 -5.45 -29.68 21.08
CA ALA D 97 -4.63 -28.56 21.44
C ALA D 97 -3.91 -27.90 20.21
N GLU D 98 -3.86 -28.60 19.08
CA GLU D 98 -3.08 -28.17 17.89
C GLU D 98 -3.56 -26.84 17.35
N LEU D 99 -4.83 -26.56 17.50
CA LEU D 99 -5.37 -25.27 17.10
C LEU D 99 -4.51 -24.11 17.79
N ASP D 100 -4.23 -24.24 19.09
CA ASP D 100 -3.38 -23.30 19.84
C ASP D 100 -1.90 -23.51 19.62
N THR D 101 -1.43 -24.75 19.71
CA THR D 101 0.00 -24.99 19.77
C THR D 101 0.62 -24.88 18.40
N VAL D 102 -0.12 -25.15 17.37
CA VAL D 102 0.40 -25.06 16.01
C VAL D 102 -0.25 -23.91 15.17
N CYS D 103 -1.56 -23.90 14.98
CA CYS D 103 -2.25 -22.91 14.06
C CYS D 103 -2.01 -21.48 14.48
N ARG D 104 -2.25 -21.19 15.74
CA ARG D 104 -1.99 -19.85 16.28
C ARG D 104 -0.50 -19.55 16.43
N HIS D 105 0.33 -20.56 16.75
CA HIS D 105 1.77 -20.35 16.84
C HIS D 105 2.32 -19.88 15.49
N ASN D 106 1.96 -20.60 14.45
CA ASN D 106 2.56 -20.40 13.17
C ASN D 106 1.93 -19.07 12.56
N TYR D 107 0.66 -18.79 12.86
CA TYR D 107 0.07 -17.51 12.40
C TYR D 107 0.84 -16.28 12.87
N GLN D 108 1.40 -16.31 14.07
CA GLN D 108 2.29 -15.21 14.54
C GLN D 108 3.47 -14.99 13.61
N LEU D 109 3.99 -16.07 13.02
CA LEU D 109 5.13 -15.94 12.14
C LEU D 109 4.69 -15.39 10.80
N GLU D 110 3.52 -15.75 10.31
CA GLU D 110 3.02 -15.24 9.07
C GLU D 110 2.72 -13.72 9.19
N LEU D 111 2.27 -13.33 10.36
CA LEU D 111 1.91 -11.95 10.66
C LEU D 111 3.13 -11.07 10.55
N ARG D 112 4.27 -11.60 10.85
CA ARG D 112 5.59 -10.86 10.66
C ARG D 112 6.28 -10.98 9.27
N THR D 113 5.79 -11.84 8.35
CA THR D 113 6.43 -12.01 7.04
C THR D 113 5.38 -11.84 5.94
N THR D 114 4.72 -12.91 5.66
CA THR D 114 3.77 -13.03 4.61
C THR D 114 2.68 -11.95 4.59
N LEU D 115 2.07 -11.68 5.73
CA LEU D 115 0.97 -10.75 5.82
C LEU D 115 1.35 -9.24 5.69
N GLN D 116 2.64 -8.94 5.73
CA GLN D 116 3.18 -7.66 5.50
C GLN D 116 3.80 -7.50 4.09
N ARG D 117 3.81 -8.51 3.23
CA ARG D 117 4.38 -8.41 1.91
C ARG D 117 3.37 -7.72 1.03
N ARG D 118 3.85 -6.71 0.34
CA ARG D 118 3.01 -5.82 -0.49
C ARG D 118 3.78 -5.57 -1.77
N VAL D 119 3.47 -6.33 -2.80
CA VAL D 119 4.17 -6.19 -4.03
C VAL D 119 3.19 -5.41 -4.99
N GLU D 120 3.61 -4.24 -5.40
CA GLU D 120 2.78 -3.31 -6.18
C GLU D 120 2.65 -3.77 -7.61
N PRO D 121 1.43 -3.75 -8.18
CA PRO D 121 1.28 -4.17 -9.60
C PRO D 121 1.99 -3.28 -10.57
N THR D 122 2.51 -3.86 -11.61
CA THR D 122 2.97 -3.15 -12.80
C THR D 122 1.77 -3.10 -13.77
N VAL D 123 1.42 -1.89 -14.24
CA VAL D 123 0.20 -1.71 -15.07
C VAL D 123 0.63 -1.16 -16.41
N THR D 124 0.21 -1.86 -17.45
CA THR D 124 0.36 -1.36 -18.80
C THR D 124 -0.84 -1.62 -19.74
N ILE D 125 -0.95 -0.81 -20.78
CA ILE D 125 -2.04 -0.91 -21.76
C ILE D 125 -1.43 -1.20 -23.12
N SER D 126 -2.05 -2.07 -23.91
CA SER D 126 -1.71 -2.26 -25.32
C SER D 126 -2.89 -2.71 -26.18
N PRO D 127 -2.86 -2.36 -27.49
CA PRO D 127 -3.79 -2.94 -28.50
C PRO D 127 -3.84 -4.48 -28.65
N SER D 128 -4.57 -4.95 -29.66
CA SER D 128 -4.50 -6.37 -30.19
C SER D 128 -5.69 -6.46 -31.13
N ASN D 137 -11.24 -3.50 -32.43
CA ASN D 137 -10.29 -2.83 -31.53
C ASN D 137 -10.62 -3.21 -30.06
N LEU D 138 -9.74 -4.02 -29.48
CA LEU D 138 -9.63 -4.21 -28.04
C LEU D 138 -8.48 -3.40 -27.41
N LEU D 139 -8.68 -2.92 -26.20
CA LEU D 139 -7.55 -2.55 -25.37
C LEU D 139 -7.41 -3.53 -24.18
N VAL D 140 -6.15 -3.89 -23.90
CA VAL D 140 -5.81 -4.83 -22.83
C VAL D 140 -5.02 -4.07 -21.76
N CYS D 141 -5.62 -4.00 -20.57
CA CYS D 141 -4.95 -3.49 -19.40
C CYS D 141 -4.35 -4.75 -18.65
N SER D 142 -3.03 -4.89 -18.70
CA SER D 142 -2.28 -5.93 -18.03
C SER D 142 -1.77 -5.44 -16.68
N VAL D 143 -2.13 -6.17 -15.70
CA VAL D 143 -1.87 -5.84 -14.34
C VAL D 143 -1.09 -7.00 -13.78
N THR D 144 0.21 -6.80 -13.68
CA THR D 144 1.12 -7.92 -13.45
C THR D 144 1.96 -7.81 -12.17
N ASP D 145 2.35 -8.98 -11.67
CA ASP D 145 3.28 -9.16 -10.59
C ASP D 145 2.86 -8.47 -9.28
N PHE D 146 1.67 -8.76 -8.80
CA PHE D 146 1.25 -8.17 -7.56
C PHE D 146 0.99 -9.21 -6.43
N TYR D 147 1.01 -8.74 -5.20
CA TYR D 147 0.69 -9.57 -4.04
C TYR D 147 0.32 -8.62 -2.88
N PRO D 148 -0.75 -8.88 -2.16
CA PRO D 148 -1.58 -10.13 -2.28
C PRO D 148 -2.63 -10.07 -3.34
N ALA D 149 -3.60 -10.94 -3.26
CA ALA D 149 -4.59 -11.13 -4.34
C ALA D 149 -5.62 -10.02 -4.58
N GLN D 150 -6.02 -9.26 -3.56
CA GLN D 150 -7.16 -8.34 -3.70
C GLN D 150 -6.77 -7.26 -4.74
N ILE D 151 -7.59 -7.03 -5.71
CA ILE D 151 -7.29 -6.07 -6.77
C ILE D 151 -8.60 -5.60 -7.27
N LYS D 152 -8.66 -4.39 -7.74
CA LYS D 152 -9.80 -3.92 -8.48
C LYS D 152 -9.29 -3.08 -9.67
N VAL D 153 -9.70 -3.49 -10.87
CA VAL D 153 -9.29 -2.89 -12.11
C VAL D 153 -10.57 -2.39 -12.77
N ARG D 154 -10.62 -1.12 -13.16
CA ARG D 154 -11.73 -0.51 -13.89
C ARG D 154 -11.23 0.31 -15.05
N TRP D 155 -12.03 0.26 -16.12
CA TRP D 155 -11.79 1.06 -17.29
C TRP D 155 -12.70 2.28 -17.29
N PHE D 156 -12.17 3.39 -17.76
CA PHE D 156 -12.89 4.64 -17.89
C PHE D 156 -12.67 5.14 -19.24
N ARG D 157 -13.74 5.85 -19.76
CA ARG D 157 -13.67 6.57 -21.03
C ARG D 157 -14.00 8.06 -20.67
N ASN D 158 -13.05 8.97 -20.98
CA ASN D 158 -13.07 10.33 -20.40
C ASN D 158 -13.38 10.26 -18.88
N ASP D 159 -14.37 10.92 -18.31
CA ASP D 159 -14.50 10.81 -16.84
C ASP D 159 -15.34 9.57 -16.38
N GLN D 160 -16.01 8.84 -17.30
CA GLN D 160 -17.04 7.80 -16.94
C GLN D 160 -16.48 6.35 -16.92
N GLU D 161 -16.72 5.62 -15.80
CA GLU D 161 -16.48 4.23 -15.67
C GLU D 161 -17.26 3.50 -16.76
N GLU D 162 -16.56 2.72 -17.57
CA GLU D 162 -17.18 1.86 -18.59
C GLU D 162 -17.83 0.68 -17.84
N THR D 163 -19.14 0.51 -17.99
CA THR D 163 -19.87 -0.64 -17.37
C THR D 163 -20.01 -1.85 -18.31
N THR D 164 -19.68 -1.62 -19.58
CA THR D 164 -20.14 -2.41 -20.69
C THR D 164 -19.00 -2.68 -21.74
N GLY D 165 -18.93 -3.90 -22.26
CA GLY D 165 -17.83 -4.25 -23.18
C GLY D 165 -16.49 -4.51 -22.43
N VAL D 166 -16.56 -4.78 -21.13
CA VAL D 166 -15.36 -5.07 -20.33
C VAL D 166 -15.37 -6.54 -20.05
N VAL D 167 -14.32 -7.25 -20.45
CA VAL D 167 -14.14 -8.65 -20.00
C VAL D 167 -12.78 -8.81 -19.33
N SER D 168 -12.79 -9.55 -18.24
CA SER D 168 -11.61 -9.82 -17.43
C SER D 168 -11.25 -11.31 -17.34
N THR D 169 -9.94 -11.63 -17.32
CA THR D 169 -9.50 -12.95 -16.96
C THR D 169 -9.90 -13.19 -15.51
N PRO D 170 -9.96 -14.48 -15.09
CA PRO D 170 -9.85 -14.66 -13.65
C PRO D 170 -8.48 -14.18 -13.17
N LEU D 171 -8.36 -14.15 -11.90
CA LEU D 171 -7.11 -13.90 -11.24
C LEU D 171 -6.19 -15.06 -11.58
N ILE D 172 -4.95 -14.76 -11.96
CA ILE D 172 -4.03 -15.72 -12.40
C ILE D 172 -2.91 -15.81 -11.37
N ARG D 173 -2.71 -17.03 -10.86
CA ARG D 173 -1.76 -17.28 -9.79
C ARG D 173 -0.52 -17.69 -10.49
N ASN D 174 0.62 -17.01 -10.28
CA ASN D 174 1.80 -17.32 -11.07
C ASN D 174 2.55 -18.48 -10.45
N GLY D 175 2.29 -18.74 -9.17
CA GLY D 175 2.98 -19.82 -8.39
C GLY D 175 4.30 -19.40 -7.72
N ASP D 176 4.77 -18.19 -7.98
CA ASP D 176 5.96 -17.59 -7.33
C ASP D 176 5.57 -16.44 -6.33
N TRP D 177 4.41 -16.51 -5.69
CA TRP D 177 3.99 -15.55 -4.73
C TRP D 177 3.66 -14.21 -5.42
N THR D 178 3.25 -14.26 -6.68
CA THR D 178 2.61 -13.12 -7.39
C THR D 178 1.41 -13.59 -8.16
N PHE D 179 0.55 -12.64 -8.49
CA PHE D 179 -0.61 -12.78 -9.32
C PHE D 179 -0.52 -11.81 -10.50
N GLN D 180 -1.36 -12.04 -11.51
CA GLN D 180 -1.62 -11.10 -12.57
C GLN D 180 -3.06 -11.20 -12.93
N ILE D 181 -3.53 -10.23 -13.70
CA ILE D 181 -4.91 -10.20 -14.21
C ILE D 181 -4.94 -9.28 -15.49
N LEU D 182 -5.70 -9.65 -16.49
CA LEU D 182 -5.80 -8.92 -17.74
C LEU D 182 -7.26 -8.50 -17.83
N VAL D 183 -7.45 -7.21 -18.16
CA VAL D 183 -8.79 -6.66 -18.33
C VAL D 183 -8.89 -5.97 -19.68
N MET D 184 -9.82 -6.47 -20.50
CA MET D 184 -10.05 -6.09 -21.91
C MET D 184 -11.22 -5.14 -22.05
N LEU D 185 -11.01 -4.11 -22.86
CA LEU D 185 -12.09 -3.17 -23.21
C LEU D 185 -12.32 -3.18 -24.72
N GLU D 186 -13.56 -3.47 -25.10
CA GLU D 186 -14.01 -3.36 -26.54
C GLU D 186 -14.46 -1.93 -26.72
N MET D 187 -13.85 -1.22 -27.66
CA MET D 187 -14.11 0.18 -27.83
C MET D 187 -14.20 0.55 -29.30
N THR D 188 -15.01 1.56 -29.56
CA THR D 188 -15.08 2.15 -30.87
C THR D 188 -14.44 3.58 -30.72
N PRO D 189 -13.14 3.72 -31.06
CA PRO D 189 -12.37 4.99 -30.79
C PRO D 189 -12.68 6.20 -31.70
N GLN D 190 -12.68 7.39 -31.10
CA GLN D 190 -12.89 8.63 -31.83
C GLN D 190 -12.31 9.84 -31.05
N ARG D 191 -11.98 10.93 -31.79
CA ARG D 191 -11.39 12.23 -31.26
C ARG D 191 -12.19 12.67 -30.02
N GLY D 192 -11.65 13.29 -28.96
CA GLY D 192 -10.34 13.13 -28.33
C GLY D 192 -10.57 12.29 -27.04
N ASP D 193 -11.02 11.05 -27.25
CA ASP D 193 -11.19 10.07 -26.14
C ASP D 193 -9.86 9.68 -25.50
N VAL D 194 -9.85 9.69 -24.17
CA VAL D 194 -8.75 9.23 -23.40
C VAL D 194 -9.44 8.06 -22.73
N TYR D 195 -8.81 6.90 -22.81
CA TYR D 195 -9.23 5.74 -22.08
C TYR D 195 -8.20 5.58 -21.00
N THR D 196 -8.67 5.30 -19.83
CA THR D 196 -7.75 5.07 -18.75
C THR D 196 -8.14 3.81 -17.98
N CYS D 197 -7.12 3.10 -17.57
CA CYS D 197 -7.21 1.89 -16.74
C CYS D 197 -6.88 2.39 -15.31
N HIS D 198 -7.75 2.13 -14.34
CA HIS D 198 -7.55 2.51 -12.95
C HIS D 198 -7.38 1.24 -12.04
N VAL D 199 -6.30 1.15 -11.29
CA VAL D 199 -6.00 -0.06 -10.53
C VAL D 199 -5.87 0.24 -9.06
N GLU D 200 -6.60 -0.44 -8.19
CA GLU D 200 -6.45 -0.35 -6.75
C GLU D 200 -5.92 -1.66 -6.21
N HIS D 201 -5.02 -1.55 -5.26
CA HIS D 201 -4.38 -2.70 -4.65
C HIS D 201 -3.95 -2.31 -3.23
N PRO D 202 -3.90 -3.28 -2.26
CA PRO D 202 -3.50 -2.91 -0.85
C PRO D 202 -2.10 -2.37 -0.68
N SER D 203 -1.21 -2.65 -1.62
CA SER D 203 0.07 -1.95 -1.66
C SER D 203 0.08 -0.42 -1.99
N LEU D 204 -1.05 0.13 -2.40
CA LEU D 204 -1.16 1.52 -2.93
C LEU D 204 -2.13 2.27 -2.07
N GLN D 205 -1.81 3.51 -1.73
CA GLN D 205 -2.75 4.32 -1.03
C GLN D 205 -3.82 4.78 -2.10
N ASN D 206 -3.44 4.95 -3.36
CA ASN D 206 -4.22 5.56 -4.35
C ASN D 206 -4.20 4.76 -5.55
N PRO D 207 -5.24 4.83 -6.38
CA PRO D 207 -5.16 4.07 -7.65
C PRO D 207 -3.96 4.42 -8.59
N ILE D 208 -3.44 3.44 -9.27
CA ILE D 208 -2.55 3.68 -10.43
C ILE D 208 -3.45 3.95 -11.61
N ILE D 209 -3.09 4.95 -12.40
CA ILE D 209 -3.86 5.38 -13.55
C ILE D 209 -2.93 5.24 -14.75
N VAL D 210 -3.33 4.48 -15.75
CA VAL D 210 -2.56 4.42 -17.01
C VAL D 210 -3.49 4.86 -18.14
N GLU D 211 -3.03 5.73 -19.00
CA GLU D 211 -3.84 6.31 -20.03
C GLU D 211 -3.47 5.81 -21.43
N TRP D 212 -4.50 5.54 -22.23
CA TRP D 212 -4.39 5.30 -23.64
C TRP D 212 -5.21 6.36 -24.43
N ARG D 213 -4.61 7.04 -25.38
CA ARG D 213 -3.22 7.45 -25.43
C ARG D 213 -3.38 8.65 -26.40
N ALA D 214 -3.10 8.55 -27.72
CA ALA D 214 -3.31 7.44 -28.71
C ALA D 214 -4.57 6.65 -28.52
N GLN E 9 -16.96 29.88 -41.17
CA GLN E 9 -17.98 28.95 -41.77
C GLN E 9 -19.39 29.61 -41.76
N ALA E 10 -20.33 28.98 -42.47
CA ALA E 10 -21.59 29.64 -42.85
C ALA E 10 -22.79 28.70 -42.75
N LEU E 11 -23.91 29.26 -42.36
CA LEU E 11 -25.08 28.48 -42.24
C LEU E 11 -26.25 29.30 -42.77
N SER E 12 -27.04 28.67 -43.59
CA SER E 12 -28.20 29.25 -44.19
C SER E 12 -29.39 28.36 -43.79
N ILE E 13 -30.46 28.94 -43.27
CA ILE E 13 -31.69 28.21 -42.93
C ILE E 13 -32.93 29.10 -43.14
N GLN E 14 -34.11 28.48 -43.14
CA GLN E 14 -35.38 29.15 -43.25
C GLN E 14 -35.94 29.65 -41.93
N GLU E 15 -36.57 30.83 -41.95
CA GLU E 15 -37.33 31.34 -40.73
C GLU E 15 -38.10 30.16 -40.27
N GLY E 16 -38.11 30.00 -38.95
CA GLY E 16 -38.84 28.93 -38.35
C GLY E 16 -38.09 27.64 -38.17
N GLU E 17 -37.14 27.26 -39.00
CA GLU E 17 -36.27 26.11 -38.67
C GLU E 17 -35.31 26.42 -37.51
N ASN E 18 -34.79 25.34 -36.94
CA ASN E 18 -33.77 25.37 -35.91
C ASN E 18 -32.42 25.62 -36.51
N ALA E 19 -31.56 26.38 -35.83
CA ALA E 19 -30.19 26.53 -36.30
C ALA E 19 -29.27 25.89 -35.27
N THR E 20 -28.22 25.20 -35.74
CA THR E 20 -27.22 24.60 -34.90
C THR E 20 -25.87 25.02 -35.34
N MET E 21 -25.11 25.64 -34.44
CA MET E 21 -23.76 26.02 -34.68
C MET E 21 -22.81 25.24 -33.71
N ASN E 22 -21.54 25.11 -34.11
CA ASN E 22 -20.53 24.28 -33.46
C ASN E 22 -19.21 25.04 -33.40
N CYS E 23 -18.46 24.92 -32.34
CA CYS E 23 -17.11 25.49 -32.28
C CYS E 23 -16.29 24.47 -31.51
N SER E 24 -14.99 24.67 -31.56
CA SER E 24 -14.09 23.94 -30.68
C SER E 24 -13.07 24.86 -30.08
N TYR E 25 -12.35 24.35 -29.13
CA TYR E 25 -11.38 25.15 -28.36
C TYR E 25 -10.21 24.31 -28.00
N LYS E 26 -9.11 24.92 -27.55
CA LYS E 26 -7.85 24.16 -27.42
C LYS E 26 -7.27 24.00 -26.01
N THR E 27 -7.76 24.68 -25.01
CA THR E 27 -7.06 24.73 -23.68
C THR E 27 -8.01 24.20 -22.58
N SER E 28 -7.58 24.12 -21.33
CA SER E 28 -8.51 23.78 -20.24
C SER E 28 -9.35 25.06 -20.02
N ILE E 29 -10.57 24.92 -19.50
CA ILE E 29 -11.44 26.02 -19.33
C ILE E 29 -12.24 25.84 -18.06
N ASN E 30 -12.76 26.94 -17.52
CA ASN E 30 -13.81 26.95 -16.57
C ASN E 30 -15.19 27.24 -17.15
N ASN E 31 -15.26 28.01 -18.22
CA ASN E 31 -16.45 28.30 -18.86
C ASN E 31 -16.32 28.64 -20.33
N LEU E 32 -17.45 28.48 -21.04
CA LEU E 32 -17.59 28.83 -22.42
C LEU E 32 -18.81 29.68 -22.58
N GLN E 33 -18.70 30.67 -23.42
CA GLN E 33 -19.83 31.57 -23.69
C GLN E 33 -19.96 31.83 -25.18
N TRP E 34 -21.18 31.82 -25.72
CA TRP E 34 -21.41 32.18 -27.10
C TRP E 34 -21.82 33.68 -27.17
N TYR E 35 -21.31 34.36 -28.17
CA TYR E 35 -21.63 35.78 -28.47
C TYR E 35 -22.11 35.89 -29.92
N ARG E 36 -22.84 36.94 -30.17
CA ARG E 36 -23.30 37.30 -31.51
C ARG E 36 -22.82 38.73 -31.82
N GLN E 37 -22.55 38.93 -33.11
CA GLN E 37 -22.19 40.24 -33.63
C GLN E 37 -22.93 40.54 -34.91
N ASN E 38 -23.51 41.73 -34.95
CA ASN E 38 -23.90 42.30 -36.26
C ASN E 38 -22.87 43.32 -36.76
N SER E 39 -22.88 43.55 -38.08
CA SER E 39 -21.76 44.18 -38.81
C SER E 39 -21.50 45.60 -38.23
N GLY E 40 -20.26 45.84 -37.81
CA GLY E 40 -19.86 47.16 -37.32
C GLY E 40 -20.30 47.51 -35.90
N ARG E 41 -20.65 46.46 -35.13
CA ARG E 41 -21.05 46.70 -33.76
C ARG E 41 -20.31 45.82 -32.73
N GLY E 42 -20.50 46.11 -31.45
CA GLY E 42 -20.13 45.17 -30.44
C GLY E 42 -20.69 43.69 -30.49
N LEU E 43 -19.92 42.79 -29.92
CA LEU E 43 -20.38 41.44 -29.62
C LEU E 43 -21.39 41.59 -28.44
N VAL E 44 -22.40 40.74 -28.42
CA VAL E 44 -23.35 40.70 -27.37
C VAL E 44 -23.36 39.22 -26.86
N HIS E 45 -23.32 39.03 -25.54
CA HIS E 45 -23.22 37.70 -24.97
C HIS E 45 -24.61 37.06 -25.18
N LEU E 46 -24.65 35.77 -25.39
CA LEU E 46 -25.91 34.99 -25.42
C LEU E 46 -26.11 34.05 -24.26
N ILE E 47 -25.17 33.12 -23.99
CA ILE E 47 -25.41 32.16 -22.93
C ILE E 47 -24.03 31.56 -22.51
N LEU E 48 -23.89 31.30 -21.20
CA LEU E 48 -22.62 30.86 -20.56
C LEU E 48 -22.85 29.42 -20.03
N ILE E 49 -21.89 28.55 -20.22
CA ILE E 49 -21.93 27.24 -19.70
C ILE E 49 -20.59 26.94 -19.04
N ARG E 50 -20.65 26.33 -17.88
CA ARG E 50 -19.45 26.00 -17.06
C ARG E 50 -18.99 24.61 -17.33
N SER E 51 -17.72 24.36 -17.07
CA SER E 51 -17.12 23.11 -17.48
C SER E 51 -17.66 21.89 -16.72
N ASN E 52 -18.44 22.12 -15.66
CA ASN E 52 -19.17 21.03 -14.94
C ASN E 52 -20.62 20.81 -15.41
N GLU E 53 -20.99 21.27 -16.59
CA GLU E 53 -22.34 21.21 -17.07
C GLU E 53 -22.19 20.65 -18.45
N ARG E 54 -23.19 19.92 -18.89
CA ARG E 54 -23.31 19.43 -20.25
C ARG E 54 -24.24 20.18 -21.12
N GLU E 55 -25.24 20.82 -20.53
CA GLU E 55 -26.29 21.40 -21.28
C GLU E 55 -26.79 22.58 -20.47
N LYS E 56 -27.20 23.64 -21.15
CA LYS E 56 -27.82 24.67 -20.50
C LYS E 56 -28.74 25.37 -21.48
N HIS E 57 -29.88 25.81 -20.99
CA HIS E 57 -30.79 26.41 -21.91
C HIS E 57 -31.34 27.67 -21.35
N SER E 58 -31.81 28.52 -22.25
CA SER E 58 -32.35 29.79 -21.87
C SER E 58 -33.12 30.43 -23.00
N GLY E 59 -34.40 30.64 -22.80
CA GLY E 59 -35.27 31.20 -23.79
C GLY E 59 -35.33 30.29 -24.98
N ARG E 60 -34.99 30.80 -26.16
CA ARG E 60 -34.88 30.01 -27.37
C ARG E 60 -33.53 29.32 -27.60
N LEU E 61 -32.60 29.44 -26.68
CA LEU E 61 -31.27 28.93 -26.87
C LEU E 61 -31.02 27.69 -26.02
N ARG E 62 -30.20 26.79 -26.52
CA ARG E 62 -29.63 25.74 -25.76
C ARG E 62 -28.14 25.53 -26.13
N VAL E 63 -27.25 25.52 -25.12
CA VAL E 63 -25.80 25.25 -25.36
C VAL E 63 -25.46 23.89 -24.72
N THR E 64 -24.62 23.15 -25.41
CA THR E 64 -24.10 21.93 -24.98
C THR E 64 -22.60 22.04 -24.99
N LEU E 65 -21.99 21.31 -24.09
CA LEU E 65 -20.60 21.36 -23.88
C LEU E 65 -20.12 19.93 -23.68
N ASP E 66 -19.12 19.58 -24.48
CA ASP E 66 -18.43 18.29 -24.46
C ASP E 66 -16.90 18.60 -24.20
N THR E 67 -16.55 18.56 -22.93
CA THR E 67 -15.20 18.82 -22.31
C THR E 67 -14.08 17.83 -22.78
N SER E 68 -14.44 16.64 -23.29
CA SER E 68 -13.45 15.68 -23.78
C SER E 68 -13.12 15.93 -25.22
N LYS E 69 -14.12 16.17 -26.08
CA LYS E 69 -13.82 16.57 -27.46
C LYS E 69 -13.43 18.05 -27.49
N LYS E 70 -13.62 18.80 -26.42
CA LYS E 70 -13.56 20.29 -26.46
C LYS E 70 -14.35 20.98 -27.57
N SER E 71 -15.62 20.72 -27.57
CA SER E 71 -16.52 21.37 -28.45
C SER E 71 -17.81 21.71 -27.72
N SER E 72 -18.49 22.66 -28.35
CA SER E 72 -19.73 23.16 -27.91
C SER E 72 -20.66 23.32 -29.12
N SER E 73 -21.94 23.18 -28.88
CA SER E 73 -22.96 23.47 -29.84
C SER E 73 -23.92 24.49 -29.31
N LEU E 74 -24.45 25.33 -30.21
CA LEU E 74 -25.52 26.30 -29.88
C LEU E 74 -26.70 26.01 -30.75
N LEU E 75 -27.86 25.77 -30.13
CA LEU E 75 -29.08 25.49 -30.82
C LEU E 75 -29.96 26.70 -30.66
N ILE E 76 -30.46 27.24 -31.77
CA ILE E 76 -31.48 28.30 -31.75
C ILE E 76 -32.78 27.70 -32.24
N THR E 77 -33.82 27.72 -31.43
CA THR E 77 -35.11 27.14 -31.88
C THR E 77 -36.00 28.26 -32.54
N ALA E 78 -36.83 27.83 -33.49
CA ALA E 78 -37.77 28.64 -34.25
C ALA E 78 -37.07 29.97 -34.71
N SER E 79 -36.06 29.82 -35.54
CA SER E 79 -35.20 30.93 -35.84
C SER E 79 -35.99 32.06 -36.58
N ARG E 80 -35.61 33.31 -36.33
CA ARG E 80 -36.25 34.51 -36.89
C ARG E 80 -35.20 35.26 -37.66
N ALA E 81 -35.66 36.19 -38.51
CA ALA E 81 -34.74 37.03 -39.32
C ALA E 81 -33.76 37.81 -38.40
N ALA E 82 -34.23 38.23 -37.26
CA ALA E 82 -33.38 38.86 -36.23
C ALA E 82 -32.19 38.05 -35.68
N ASP E 83 -32.17 36.71 -35.85
CA ASP E 83 -31.04 35.85 -35.49
C ASP E 83 -29.87 35.88 -36.49
N THR E 84 -30.11 36.45 -37.67
CA THR E 84 -29.06 36.70 -38.66
C THR E 84 -27.95 37.48 -38.02
N ALA E 85 -26.75 36.91 -38.04
CA ALA E 85 -25.57 37.44 -37.33
C ALA E 85 -24.40 36.49 -37.45
N SER E 86 -23.26 36.97 -37.03
CA SER E 86 -22.12 36.10 -36.85
C SER E 86 -22.14 35.61 -35.37
N TYR E 87 -21.85 34.36 -35.16
CA TYR E 87 -21.82 33.75 -33.81
C TYR E 87 -20.43 33.24 -33.46
N PHE E 88 -20.01 33.58 -32.27
CA PHE E 88 -18.64 33.29 -31.85
C PHE E 88 -18.74 32.59 -30.49
N CYS E 89 -17.88 31.64 -30.33
CA CYS E 89 -17.75 31.02 -29.09
C CYS E 89 -16.44 31.47 -28.38
N ALA E 90 -16.53 31.88 -27.13
CA ALA E 90 -15.40 32.34 -26.41
C ALA E 90 -15.21 31.50 -25.11
N THR E 91 -13.98 31.18 -24.82
CA THR E 91 -13.69 30.51 -23.56
C THR E 91 -12.81 31.40 -22.71
N ASP E 92 -12.89 31.11 -21.45
CA ASP E 92 -11.98 31.77 -20.47
C ASP E 92 -10.54 31.39 -20.49
N ALA E 93 -10.16 30.38 -21.25
CA ALA E 93 -8.81 29.84 -21.25
C ALA E 93 -8.23 29.56 -19.79
N GLY E 94 -9.12 29.25 -18.87
CA GLY E 94 -8.80 29.04 -17.49
C GLY E 94 -8.65 30.26 -16.61
N TYR E 95 -8.82 31.49 -17.15
CA TYR E 95 -8.66 32.71 -16.32
C TYR E 95 -9.73 32.85 -15.35
N ASN E 96 -10.91 32.53 -15.76
CA ASN E 96 -12.09 32.63 -14.96
C ASN E 96 -12.48 34.04 -14.40
N GLN E 97 -11.86 35.05 -14.99
CA GLN E 97 -12.10 36.45 -14.62
C GLN E 97 -11.42 37.37 -15.68
N GLY E 98 -11.67 38.65 -15.50
CA GLY E 98 -11.03 39.71 -16.31
C GLY E 98 -11.56 39.80 -17.70
N GLY E 99 -10.94 40.61 -18.54
CA GLY E 99 -11.59 41.02 -19.79
C GLY E 99 -11.06 40.30 -21.00
N LYS E 100 -10.13 39.38 -20.78
CA LYS E 100 -9.48 38.58 -21.83
C LYS E 100 -10.18 37.22 -22.00
N LEU E 101 -10.75 37.01 -23.17
CA LEU E 101 -11.48 35.85 -23.54
C LEU E 101 -10.79 35.47 -24.83
N ILE E 102 -10.86 34.19 -25.21
CA ILE E 102 -10.33 33.72 -26.48
C ILE E 102 -11.53 33.42 -27.35
N PHE E 103 -11.67 34.14 -28.46
CA PHE E 103 -12.82 34.02 -29.37
C PHE E 103 -12.43 33.14 -30.54
N GLY E 104 -13.27 32.21 -30.91
CA GLY E 104 -13.07 31.49 -32.19
C GLY E 104 -13.37 32.37 -33.44
N GLN E 105 -13.37 31.72 -34.57
CA GLN E 105 -13.48 32.34 -35.92
C GLN E 105 -14.94 32.72 -36.27
N GLY E 106 -15.94 31.95 -35.78
CA GLY E 106 -17.31 32.41 -36.04
C GLY E 106 -18.03 31.68 -37.14
N THR E 107 -19.32 31.55 -36.98
CA THR E 107 -20.20 31.03 -37.98
C THR E 107 -21.18 32.20 -38.33
N GLU E 108 -21.28 32.55 -39.61
CA GLU E 108 -22.28 33.47 -40.15
C GLU E 108 -23.58 32.76 -40.38
N LEU E 109 -24.60 33.19 -39.69
CA LEU E 109 -25.89 32.57 -39.82
C LEU E 109 -26.82 33.50 -40.60
N SER E 110 -27.41 32.99 -41.70
CA SER E 110 -28.44 33.72 -42.43
C SER E 110 -29.76 33.04 -42.35
N VAL E 111 -30.73 33.74 -41.76
CA VAL E 111 -32.09 33.24 -41.66
C VAL E 111 -32.92 33.85 -42.79
N LYS E 112 -33.34 33.02 -43.72
CA LYS E 112 -34.09 33.42 -44.89
C LYS E 112 -35.61 33.36 -44.76
N PRO E 113 -36.30 34.26 -45.45
CA PRO E 113 -37.73 34.32 -45.29
C PRO E 113 -38.43 33.16 -46.03
N ASN E 114 -39.61 32.81 -45.54
CA ASN E 114 -40.56 31.95 -46.22
C ASN E 114 -41.46 32.76 -47.18
N ILE E 115 -41.15 32.68 -48.45
CA ILE E 115 -41.87 33.44 -49.47
C ILE E 115 -43.11 32.68 -49.90
N GLN E 116 -44.21 33.23 -49.44
CA GLN E 116 -45.54 32.67 -49.53
C GLN E 116 -46.00 32.44 -50.98
N ASN E 117 -45.72 33.42 -51.85
CA ASN E 117 -46.17 33.45 -53.22
C ASN E 117 -45.13 33.95 -54.14
N PRO E 118 -44.19 33.10 -54.53
CA PRO E 118 -43.16 33.67 -55.36
C PRO E 118 -43.81 34.23 -56.61
N ASP E 119 -43.33 35.38 -57.07
CA ASP E 119 -43.75 35.97 -58.35
C ASP E 119 -42.50 36.55 -59.03
N PRO E 120 -41.48 35.71 -59.27
CA PRO E 120 -40.15 36.20 -59.62
C PRO E 120 -40.19 37.03 -60.85
N ALA E 121 -39.41 38.11 -60.91
CA ALA E 121 -39.51 39.08 -62.01
C ALA E 121 -38.31 39.99 -62.07
N VAL E 122 -38.03 40.50 -63.25
CA VAL E 122 -36.97 41.48 -63.41
C VAL E 122 -37.58 42.73 -64.00
N TYR E 123 -37.47 43.89 -63.33
CA TYR E 123 -38.09 45.14 -63.74
C TYR E 123 -37.04 46.18 -63.96
N GLN E 124 -37.30 47.12 -64.84
CA GLN E 124 -36.38 48.24 -65.09
C GLN E 124 -37.04 49.46 -64.46
N LEU E 125 -36.24 50.35 -63.94
CA LEU E 125 -36.79 51.46 -63.15
C LEU E 125 -36.72 52.69 -64.06
N ARG E 126 -36.37 53.88 -63.50
CA ARG E 126 -35.92 55.13 -64.16
C ARG E 126 -35.71 56.31 -63.08
N ASP E 127 -34.52 56.95 -62.94
CA ASP E 127 -34.41 58.41 -62.33
C ASP E 127 -32.97 59.07 -62.47
N SER E 128 -32.64 59.26 -63.73
CA SER E 128 -33.43 58.93 -64.99
C SER E 128 -32.92 60.07 -65.86
N LYS E 129 -33.40 61.24 -65.48
CA LYS E 129 -33.05 62.46 -66.12
C LYS E 129 -31.72 62.80 -65.56
N SER E 130 -31.63 62.77 -64.24
CA SER E 130 -30.42 62.97 -63.44
C SER E 130 -29.25 62.04 -63.80
N SER E 131 -29.47 60.74 -63.69
CA SER E 131 -28.43 59.67 -63.75
C SER E 131 -28.36 59.05 -65.19
N ASP E 132 -27.16 58.62 -65.62
CA ASP E 132 -26.92 57.86 -66.91
C ASP E 132 -27.15 56.39 -66.66
N LYS E 133 -27.29 56.06 -65.38
CA LYS E 133 -27.47 54.72 -64.91
C LYS E 133 -28.86 54.26 -65.30
N SER E 134 -28.92 53.00 -65.67
CA SER E 134 -30.12 52.23 -65.56
C SER E 134 -29.91 51.36 -64.43
N VAL E 135 -31.02 50.95 -63.86
CA VAL E 135 -31.09 50.07 -62.72
C VAL E 135 -32.15 49.00 -63.04
N CYS E 136 -31.80 47.73 -62.75
CA CYS E 136 -32.73 46.60 -62.82
C CYS E 136 -32.86 46.02 -61.48
N LEU E 137 -34.08 45.61 -61.21
CA LEU E 137 -34.51 45.06 -59.95
C LEU E 137 -35.03 43.67 -60.15
N PHE E 138 -34.35 42.68 -59.59
CA PHE E 138 -34.82 41.30 -59.66
C PHE E 138 -35.48 41.06 -58.33
N THR E 139 -36.74 40.69 -58.33
CA THR E 139 -37.53 40.69 -57.10
C THR E 139 -38.57 39.53 -57.03
N ASP E 140 -39.10 39.26 -55.84
CA ASP E 140 -40.20 38.32 -55.61
C ASP E 140 -39.85 36.86 -55.89
N PHE E 141 -38.57 36.55 -55.93
CA PHE E 141 -38.07 35.21 -55.94
C PHE E 141 -38.04 34.59 -54.53
N ASP E 142 -38.17 33.27 -54.50
CA ASP E 142 -38.11 32.49 -53.29
C ASP E 142 -36.65 32.38 -52.83
N SER E 143 -36.52 31.94 -51.57
CA SER E 143 -35.26 32.02 -50.84
C SER E 143 -34.18 31.02 -51.28
N GLN E 144 -34.55 30.06 -52.11
CA GLN E 144 -33.61 29.15 -52.77
C GLN E 144 -32.76 29.79 -53.88
N THR E 145 -33.27 30.85 -54.49
CA THR E 145 -32.50 31.57 -55.49
C THR E 145 -31.31 32.27 -54.85
N ASN E 146 -30.16 32.14 -55.49
CA ASN E 146 -28.96 32.88 -55.09
C ASN E 146 -28.64 33.82 -56.22
N VAL E 147 -28.00 34.95 -55.89
CA VAL E 147 -27.56 35.92 -56.87
C VAL E 147 -26.06 35.95 -56.91
N SER E 148 -25.51 35.96 -58.11
CA SER E 148 -24.07 35.94 -58.32
C SER E 148 -23.55 37.33 -58.77
N GLN E 149 -22.25 37.52 -58.66
CA GLN E 149 -21.68 38.77 -59.15
C GLN E 149 -21.58 38.86 -60.68
N SER E 150 -21.23 40.09 -61.12
CA SER E 150 -20.74 40.45 -62.49
C SER E 150 -20.77 39.30 -63.57
N LYS E 151 -19.67 38.75 -64.13
CA LYS E 151 -18.52 39.44 -64.84
C LYS E 151 -18.98 40.66 -65.67
N ASP E 152 -18.00 41.44 -66.14
CA ASP E 152 -18.14 42.86 -66.59
C ASP E 152 -17.97 43.72 -65.33
N SER E 153 -16.78 44.31 -65.17
CA SER E 153 -16.49 45.08 -63.96
C SER E 153 -17.31 46.44 -63.93
N ASP E 154 -17.78 46.92 -65.10
CA ASP E 154 -18.76 48.06 -65.20
C ASP E 154 -20.26 47.66 -65.16
N VAL E 155 -20.53 46.52 -64.53
CA VAL E 155 -21.85 46.12 -64.14
C VAL E 155 -21.70 45.86 -62.63
N TYR E 156 -22.66 46.32 -61.86
CA TYR E 156 -22.57 46.19 -60.43
C TYR E 156 -23.77 45.48 -60.01
N ILE E 157 -23.57 44.49 -59.16
CA ILE E 157 -24.71 43.80 -58.66
C ILE E 157 -24.65 43.47 -57.21
N THR E 158 -25.75 43.78 -56.55
CA THR E 158 -25.80 43.67 -55.10
C THR E 158 -26.16 42.23 -54.82
N ASP E 159 -25.85 41.72 -53.64
CA ASP E 159 -26.47 40.48 -53.16
C ASP E 159 -27.98 40.68 -52.84
N LYS E 160 -28.68 39.57 -52.63
CA LYS E 160 -30.04 39.65 -52.23
C LYS E 160 -30.19 40.12 -50.83
N CYS E 161 -31.36 40.65 -50.57
CA CYS E 161 -31.65 41.38 -49.37
C CYS E 161 -33.15 41.19 -49.13
N VAL E 162 -33.62 41.21 -47.90
CA VAL E 162 -35.03 40.95 -47.66
C VAL E 162 -35.64 42.19 -47.12
N LEU E 163 -36.84 42.47 -47.54
CA LEU E 163 -37.59 43.54 -47.06
C LEU E 163 -38.96 43.04 -46.53
N ASP E 164 -39.47 43.69 -45.47
CA ASP E 164 -40.71 43.44 -44.82
C ASP E 164 -41.75 44.57 -44.77
N MET E 165 -42.90 44.36 -45.38
CA MET E 165 -44.01 45.32 -45.30
C MET E 165 -44.90 44.98 -44.12
N ARG E 166 -44.55 45.48 -42.93
CA ARG E 166 -45.02 44.99 -41.58
C ARG E 166 -46.50 44.73 -41.54
N SER E 167 -47.20 45.78 -41.89
CA SER E 167 -48.64 45.87 -41.89
C SER E 167 -49.42 45.53 -43.24
N MET E 168 -48.78 44.96 -44.25
CA MET E 168 -49.48 44.06 -45.17
C MET E 168 -49.09 42.62 -44.78
N ASP E 169 -48.29 42.41 -43.72
CA ASP E 169 -47.61 41.12 -43.48
C ASP E 169 -47.04 40.36 -44.79
N PHE E 170 -46.15 41.03 -45.51
CA PHE E 170 -45.56 40.58 -46.77
C PHE E 170 -44.02 40.83 -46.80
N LYS E 171 -43.26 39.82 -47.24
CA LYS E 171 -41.80 39.83 -47.27
C LYS E 171 -41.42 39.57 -48.69
N SER E 172 -40.37 40.22 -49.21
CA SER E 172 -39.89 39.92 -50.59
C SER E 172 -38.37 40.01 -50.66
N ASN E 173 -37.74 39.14 -51.42
CA ASN E 173 -36.31 39.22 -51.67
C ASN E 173 -36.14 40.12 -52.90
N SER E 174 -35.00 40.80 -52.99
CA SER E 174 -34.65 41.53 -54.19
C SER E 174 -33.18 41.72 -54.37
N ALA E 175 -32.74 41.98 -55.58
CA ALA E 175 -31.38 42.37 -55.87
C ALA E 175 -31.34 43.43 -56.96
N VAL E 176 -30.32 44.27 -56.95
CA VAL E 176 -30.29 45.38 -57.86
C VAL E 176 -29.09 45.23 -58.72
N ALA E 177 -29.23 45.55 -60.00
CA ALA E 177 -28.09 45.62 -60.87
C ALA E 177 -28.07 46.94 -61.59
N TRP E 178 -26.90 47.43 -61.91
CA TRP E 178 -26.84 48.63 -62.65
C TRP E 178 -25.52 48.79 -63.36
N SER E 179 -25.58 49.70 -64.30
CA SER E 179 -24.47 50.06 -65.15
C SER E 179 -24.84 51.29 -65.97
N ASN E 180 -23.82 52.02 -66.44
CA ASN E 180 -23.99 52.96 -67.59
C ASN E 180 -23.69 52.39 -68.97
N LYS E 181 -23.24 51.14 -69.06
CA LYS E 181 -22.85 50.58 -70.36
C LYS E 181 -23.76 51.19 -71.35
N SER E 182 -25.06 50.95 -71.22
CA SER E 182 -26.11 51.38 -72.19
C SER E 182 -26.42 50.36 -73.35
N ASP E 183 -25.47 49.44 -73.64
CA ASP E 183 -25.71 48.06 -74.16
C ASP E 183 -26.08 46.99 -73.04
N PHE E 184 -26.01 47.40 -71.77
CA PHE E 184 -26.61 46.71 -70.63
C PHE E 184 -28.13 46.90 -70.71
N ALA E 185 -28.86 45.82 -70.51
CA ALA E 185 -30.29 45.92 -70.32
C ALA E 185 -30.70 44.84 -69.35
N CYS E 186 -31.96 44.92 -68.92
CA CYS E 186 -32.58 43.99 -67.97
C CYS E 186 -33.04 42.85 -68.88
N ALA E 187 -32.82 41.57 -68.51
CA ALA E 187 -32.67 40.40 -69.48
C ALA E 187 -31.23 40.59 -69.85
N ASN E 188 -30.40 39.60 -69.66
CA ASN E 188 -28.94 39.80 -69.60
C ASN E 188 -28.29 40.31 -68.29
N ALA E 189 -28.96 41.18 -67.50
CA ALA E 189 -28.32 41.66 -66.23
C ALA E 189 -27.95 40.54 -65.25
N PHE E 190 -28.92 39.67 -64.98
CA PHE E 190 -28.74 38.57 -64.05
C PHE E 190 -28.32 37.21 -64.67
N ASN E 191 -27.80 37.25 -65.91
CA ASN E 191 -27.30 36.05 -66.66
C ASN E 191 -26.42 35.19 -65.88
N ASN E 192 -25.54 35.82 -65.09
CA ASN E 192 -24.58 35.04 -64.35
C ASN E 192 -25.18 34.24 -63.21
N SER E 193 -26.50 34.26 -63.01
CA SER E 193 -27.12 33.65 -61.83
C SER E 193 -28.15 32.63 -62.28
N ILE E 194 -28.32 31.56 -61.54
CA ILE E 194 -29.37 30.62 -61.83
C ILE E 194 -30.69 31.21 -61.29
N ILE E 195 -31.53 31.70 -62.21
CA ILE E 195 -32.82 32.29 -61.86
C ILE E 195 -33.98 31.37 -62.19
N PRO E 196 -35.13 31.50 -61.52
CA PRO E 196 -36.26 30.62 -61.83
C PRO E 196 -36.68 30.71 -63.29
N GLU E 197 -36.96 29.57 -63.87
CA GLU E 197 -37.34 29.52 -65.30
C GLU E 197 -38.67 30.29 -65.57
N ASP E 198 -39.53 30.26 -64.57
CA ASP E 198 -40.76 31.01 -64.53
C ASP E 198 -40.58 32.63 -64.43
N THR E 199 -39.36 33.17 -64.47
CA THR E 199 -39.13 34.60 -64.17
C THR E 199 -39.79 35.54 -65.20
N PHE E 200 -40.63 36.46 -64.71
CA PHE E 200 -41.31 37.44 -65.60
C PHE E 200 -40.39 38.61 -66.12
N PHE E 201 -40.11 38.63 -67.43
CA PHE E 201 -39.44 39.79 -68.09
C PHE E 201 -40.55 40.56 -68.80
N PRO E 202 -40.68 41.87 -68.57
CA PRO E 202 -41.49 42.69 -69.49
C PRO E 202 -40.64 43.44 -70.51
N GLY F 1 -24.56 50.54 -21.01
CA GLY F 1 -23.58 49.73 -21.79
C GLY F 1 -22.33 50.51 -21.81
N VAL F 2 -21.35 49.90 -22.43
CA VAL F 2 -20.10 50.50 -22.48
C VAL F 2 -20.20 51.59 -23.56
N THR F 3 -19.55 52.72 -23.42
CA THR F 3 -19.55 53.60 -24.54
C THR F 3 -18.14 53.97 -25.02
N GLN F 4 -18.01 54.05 -26.34
CA GLN F 4 -16.78 54.32 -26.97
C GLN F 4 -16.87 55.54 -27.86
N THR F 5 -15.80 56.32 -27.92
CA THR F 5 -15.72 57.44 -28.87
C THR F 5 -14.29 57.63 -29.36
N PRO F 6 -14.11 58.30 -30.50
CA PRO F 6 -15.18 58.61 -31.47
C PRO F 6 -15.58 57.38 -32.23
N ARG F 7 -16.72 57.45 -32.86
CA ARG F 7 -17.13 56.36 -33.64
C ARG F 7 -16.39 56.13 -34.98
N TYR F 8 -15.99 57.22 -35.64
CA TYR F 8 -15.43 57.10 -36.99
C TYR F 8 -14.20 57.99 -37.03
N LEU F 9 -13.09 57.46 -37.57
CA LEU F 9 -11.86 58.18 -37.71
C LEU F 9 -11.15 57.91 -39.01
N ILE F 10 -10.65 58.99 -39.62
CA ILE F 10 -9.81 58.90 -40.78
C ILE F 10 -8.46 59.45 -40.42
N LYS F 11 -7.41 58.70 -40.70
CA LYS F 11 -5.98 59.17 -40.53
C LYS F 11 -5.10 58.76 -41.65
N THR F 12 -3.98 59.44 -41.82
CA THR F 12 -2.97 59.06 -42.74
C THR F 12 -1.79 58.31 -42.01
N ARG F 13 -0.98 57.59 -42.78
CA ARG F 13 0.20 56.91 -42.35
C ARG F 13 1.08 57.84 -41.61
N GLY F 14 1.60 57.37 -40.47
CA GLY F 14 2.50 58.14 -39.62
C GLY F 14 1.79 58.94 -38.58
N GLN F 15 0.47 59.12 -38.63
CA GLN F 15 -0.19 59.85 -37.54
C GLN F 15 -0.43 58.98 -36.35
N GLN F 16 -1.06 59.56 -35.33
CA GLN F 16 -1.45 58.81 -34.16
C GLN F 16 -2.93 59.07 -33.88
N VAL F 17 -3.52 58.19 -33.07
CA VAL F 17 -4.92 58.29 -32.74
C VAL F 17 -5.22 57.82 -31.33
N THR F 18 -6.26 58.35 -30.69
CA THR F 18 -6.59 58.02 -29.35
C THR F 18 -8.03 57.70 -29.31
N LEU F 19 -8.38 56.61 -28.65
CA LEU F 19 -9.74 56.13 -28.50
C LEU F 19 -10.08 56.07 -26.99
N SER F 20 -11.33 56.38 -26.62
CA SER F 20 -11.74 56.40 -25.25
C SER F 20 -12.88 55.43 -25.07
N CYS F 21 -12.90 54.87 -23.88
CA CYS F 21 -13.90 53.91 -23.47
C CYS F 21 -14.34 54.20 -22.02
N SER F 22 -15.65 54.27 -21.82
CA SER F 22 -16.28 54.30 -20.47
C SER F 22 -16.96 53.00 -20.17
N PRO F 23 -16.46 52.24 -19.22
CA PRO F 23 -17.04 50.95 -18.95
C PRO F 23 -18.35 51.03 -18.22
N ILE F 24 -19.06 49.91 -18.12
CA ILE F 24 -20.20 49.83 -17.29
C ILE F 24 -19.82 50.11 -15.86
N SER F 25 -20.69 50.79 -15.16
CA SER F 25 -20.38 51.33 -13.87
C SER F 25 -20.18 50.17 -12.82
N GLY F 26 -19.08 50.18 -12.02
CA GLY F 26 -18.80 49.05 -11.18
C GLY F 26 -17.98 47.94 -11.87
N HIS F 27 -17.68 48.10 -13.18
CA HIS F 27 -16.79 47.18 -13.86
C HIS F 27 -15.39 47.80 -13.70
N ARG F 28 -14.44 46.98 -13.24
CA ARG F 28 -13.08 47.42 -13.04
C ARG F 28 -12.10 46.94 -14.12
N SER F 29 -12.38 45.85 -14.84
CA SER F 29 -11.59 45.33 -16.00
C SER F 29 -12.08 45.96 -17.33
N VAL F 30 -11.15 46.56 -18.08
CA VAL F 30 -11.45 47.15 -19.31
C VAL F 30 -10.45 46.54 -20.30
N SER F 31 -10.95 45.87 -21.32
CA SER F 31 -10.03 45.38 -22.30
C SER F 31 -10.28 45.90 -23.74
N TRP F 32 -9.28 45.81 -24.60
CA TRP F 32 -9.35 46.33 -25.93
C TRP F 32 -9.01 45.25 -26.87
N TYR F 33 -9.77 45.20 -27.94
CA TYR F 33 -9.61 44.22 -29.02
C TYR F 33 -9.61 44.96 -30.40
N GLN F 34 -8.96 44.38 -31.33
CA GLN F 34 -8.83 44.79 -32.66
C GLN F 34 -9.44 43.76 -33.59
N GLN F 35 -10.42 44.21 -34.40
CA GLN F 35 -11.11 43.34 -35.33
C GLN F 35 -10.90 43.75 -36.79
N THR F 36 -10.51 42.80 -37.55
CA THR F 36 -10.03 43.05 -38.89
C THR F 36 -10.55 41.89 -39.68
N PRO F 37 -10.90 42.11 -40.93
CA PRO F 37 -11.27 40.85 -41.70
C PRO F 37 -10.09 39.87 -41.81
N GLY F 38 -8.85 40.34 -42.02
CA GLY F 38 -7.74 39.33 -42.23
C GLY F 38 -7.48 38.45 -41.01
N GLN F 39 -7.56 39.07 -39.84
CA GLN F 39 -7.19 38.33 -38.60
C GLN F 39 -8.26 38.12 -37.56
N GLY F 40 -9.49 38.56 -37.81
CA GLY F 40 -10.57 38.35 -36.78
C GLY F 40 -10.32 39.26 -35.55
N LEU F 41 -10.81 38.82 -34.39
CA LEU F 41 -10.72 39.50 -33.12
C LEU F 41 -9.42 39.26 -32.43
N GLN F 42 -8.58 40.24 -32.18
CA GLN F 42 -7.30 40.01 -31.57
C GLN F 42 -7.26 40.89 -30.34
N PHE F 43 -6.80 40.32 -29.25
CA PHE F 43 -6.71 41.01 -27.97
C PHE F 43 -5.50 41.96 -27.94
N LEU F 44 -5.73 43.20 -27.52
CA LEU F 44 -4.65 44.16 -27.38
C LEU F 44 -4.07 44.17 -25.90
N PHE F 45 -4.94 44.43 -24.95
CA PHE F 45 -4.58 44.61 -23.58
C PHE F 45 -5.76 44.80 -22.73
N GLU F 46 -5.54 44.51 -21.45
CA GLU F 46 -6.53 44.65 -20.42
C GLU F 46 -5.95 45.54 -19.32
N TYR F 47 -6.74 46.48 -18.82
CA TYR F 47 -6.43 47.32 -17.67
C TYR F 47 -7.30 46.93 -16.48
N PHE F 48 -6.70 47.00 -15.30
CA PHE F 48 -7.41 46.82 -14.06
C PHE F 48 -6.78 47.73 -12.97
N SER F 49 -7.61 48.51 -12.27
CA SER F 49 -7.08 49.55 -11.25
C SER F 49 -6.02 50.46 -11.69
N GLU F 50 -6.09 51.00 -12.88
CA GLU F 50 -5.09 51.95 -13.33
C GLU F 50 -3.97 51.38 -14.07
N THR F 51 -3.76 50.08 -14.08
CA THR F 51 -2.52 49.53 -14.62
C THR F 51 -2.84 48.43 -15.65
N GLN F 52 -1.93 48.24 -16.55
CA GLN F 52 -2.07 47.24 -17.51
C GLN F 52 -1.85 45.91 -16.76
N ARG F 53 -2.76 44.94 -16.86
CA ARG F 53 -2.73 43.73 -16.20
C ARG F 53 -2.45 42.59 -17.14
N ASN F 54 -2.82 42.65 -18.38
CA ASN F 54 -2.53 41.60 -19.36
C ASN F 54 -2.35 42.29 -20.67
N LYS F 55 -1.54 41.71 -21.50
CA LYS F 55 -1.13 42.28 -22.76
C LYS F 55 -1.14 41.25 -23.82
N GLY F 56 -1.56 41.59 -25.00
CA GLY F 56 -1.49 40.65 -26.14
C GLY F 56 -0.17 40.81 -26.87
N ASN F 57 -0.17 40.55 -28.18
CA ASN F 57 1.08 40.54 -28.95
C ASN F 57 1.33 41.69 -29.89
N PHE F 58 0.68 42.84 -29.74
CA PHE F 58 0.86 44.00 -30.57
C PHE F 58 2.11 44.78 -30.17
N PRO F 59 2.76 45.46 -31.12
CA PRO F 59 3.99 46.10 -30.72
C PRO F 59 3.72 47.30 -29.81
N GLY F 60 4.78 47.93 -29.31
CA GLY F 60 4.67 48.97 -28.29
C GLY F 60 4.05 50.30 -28.79
N ARG F 61 4.01 50.53 -30.09
CA ARG F 61 3.24 51.69 -30.57
C ARG F 61 1.65 51.64 -30.27
N PHE F 62 1.10 50.46 -29.91
CA PHE F 62 -0.23 50.31 -29.35
C PHE F 62 -0.10 50.39 -27.86
N SER F 63 -0.72 51.35 -27.20
CA SER F 63 -0.58 51.53 -25.79
C SER F 63 -1.91 52.00 -25.20
N GLY F 64 -1.99 51.95 -23.88
CA GLY F 64 -3.19 52.23 -23.18
C GLY F 64 -3.01 52.83 -21.82
N ARG F 65 -4.09 53.33 -21.24
CA ARG F 65 -4.16 53.74 -19.89
C ARG F 65 -5.52 53.66 -19.36
N GLN F 66 -5.59 53.69 -18.04
CA GLN F 66 -6.81 53.66 -17.33
C GLN F 66 -6.76 54.63 -16.18
N PHE F 67 -7.86 55.42 -16.04
CA PHE F 67 -8.05 56.44 -15.01
C PHE F 67 -8.63 55.89 -13.72
N SER F 68 -8.63 56.63 -12.63
CA SER F 68 -9.20 56.18 -11.34
C SER F 68 -10.63 55.82 -11.39
N ASN F 69 -11.43 56.48 -12.19
CA ASN F 69 -12.81 56.05 -12.39
C ASN F 69 -12.99 54.83 -13.34
N SER F 70 -11.90 54.16 -13.78
CA SER F 70 -11.94 52.97 -14.70
C SER F 70 -12.09 53.17 -16.17
N ARG F 71 -12.31 54.39 -16.57
CA ARG F 71 -12.29 54.73 -17.93
C ARG F 71 -10.86 54.54 -18.56
N SER F 72 -10.81 54.12 -19.82
CA SER F 72 -9.64 53.76 -20.48
C SER F 72 -9.51 54.52 -21.82
N GLU F 73 -8.28 54.78 -22.18
CA GLU F 73 -7.89 55.24 -23.48
C GLU F 73 -6.89 54.33 -24.10
N MET F 74 -6.99 54.12 -25.39
CA MET F 74 -5.90 53.47 -26.08
C MET F 74 -5.34 54.43 -27.16
N ASN F 75 -4.09 54.20 -27.55
CA ASN F 75 -3.38 55.07 -28.45
C ASN F 75 -2.62 54.26 -29.39
N VAL F 76 -2.74 54.59 -30.66
CA VAL F 76 -1.90 53.95 -31.71
C VAL F 76 -1.09 55.02 -32.34
N SER F 77 0.24 54.89 -32.25
CA SER F 77 1.20 55.83 -32.93
C SER F 77 1.82 55.15 -34.15
N THR F 78 2.53 55.95 -34.91
CA THR F 78 3.00 55.68 -36.28
C THR F 78 2.13 54.71 -37.09
N LEU F 79 0.93 55.26 -37.44
CA LEU F 79 -0.10 54.44 -38.01
C LEU F 79 0.35 53.86 -39.32
N GLU F 80 -0.09 52.65 -39.61
CA GLU F 80 0.21 51.95 -40.89
C GLU F 80 -1.11 51.62 -41.49
N LEU F 81 -1.14 51.35 -42.78
CA LEU F 81 -2.41 51.02 -43.48
C LEU F 81 -3.12 49.81 -42.84
N GLY F 82 -2.32 48.86 -42.35
CA GLY F 82 -2.85 47.64 -41.75
C GLY F 82 -3.52 47.90 -40.42
N ASP F 83 -3.43 49.10 -39.86
CA ASP F 83 -4.06 49.39 -38.62
C ASP F 83 -5.56 49.67 -38.77
N SER F 84 -6.06 49.69 -40.01
CA SER F 84 -7.44 50.01 -40.28
C SER F 84 -8.25 48.84 -39.75
N ALA F 85 -9.22 49.11 -38.91
CA ALA F 85 -9.96 48.07 -38.19
C ALA F 85 -11.06 48.63 -37.37
N LEU F 86 -11.89 47.75 -36.82
CA LEU F 86 -12.79 48.11 -35.70
C LEU F 86 -12.10 47.87 -34.38
N TYR F 87 -12.03 48.88 -33.52
CA TYR F 87 -11.41 48.80 -32.26
C TYR F 87 -12.53 48.74 -31.27
N LEU F 88 -12.55 47.63 -30.54
CA LEU F 88 -13.56 47.34 -29.51
C LEU F 88 -13.03 47.42 -28.09
N CYS F 89 -13.77 48.10 -27.25
CA CYS F 89 -13.53 48.20 -25.88
C CYS F 89 -14.52 47.20 -25.17
N ALA F 90 -14.13 46.56 -24.09
CA ALA F 90 -15.04 45.76 -23.34
C ALA F 90 -14.78 45.85 -21.84
N SER F 91 -15.86 45.74 -21.08
CA SER F 91 -15.78 45.80 -19.66
C SER F 91 -16.33 44.53 -19.03
N SER F 92 -15.75 44.21 -17.88
CA SER F 92 -16.17 43.02 -17.13
C SER F 92 -16.17 43.21 -15.62
N ALA F 93 -17.13 42.57 -15.00
CA ALA F 93 -17.14 42.33 -13.53
C ALA F 93 -17.02 40.84 -13.07
N GLY F 94 -17.19 39.92 -14.00
CA GLY F 94 -17.32 38.49 -13.61
C GLY F 94 -16.76 37.69 -14.72
N ASN F 95 -17.58 36.87 -15.32
CA ASN F 95 -17.19 36.12 -16.47
C ASN F 95 -17.59 36.70 -17.87
N THR F 96 -18.71 37.34 -17.97
CA THR F 96 -19.27 37.86 -19.22
C THR F 96 -18.66 39.18 -19.49
N ILE F 97 -18.21 39.41 -20.72
CA ILE F 97 -17.68 40.71 -21.02
C ILE F 97 -18.68 41.47 -21.93
N TYR F 98 -18.93 42.87 -21.78
CA TYR F 98 -19.88 43.80 -22.37
C TYR F 98 -19.10 44.71 -23.26
N PHE F 99 -19.40 44.71 -24.54
CA PHE F 99 -18.64 45.45 -25.56
C PHE F 99 -19.28 46.77 -25.85
N GLY F 100 -18.49 47.77 -26.13
CA GLY F 100 -18.99 49.01 -26.73
C GLY F 100 -19.39 48.78 -28.16
N GLU F 101 -19.74 49.88 -28.79
CA GLU F 101 -20.16 49.86 -30.18
C GLU F 101 -19.01 49.83 -31.15
N GLY F 102 -17.82 50.21 -30.72
CA GLY F 102 -16.65 50.14 -31.59
C GLY F 102 -16.26 51.49 -32.23
N SER F 103 -15.00 51.67 -32.46
CA SER F 103 -14.43 52.82 -33.16
C SER F 103 -13.87 52.26 -34.46
N TRP F 104 -14.31 52.79 -35.60
CA TRP F 104 -13.85 52.41 -36.88
C TRP F 104 -12.74 53.36 -37.31
N LEU F 105 -11.55 52.86 -37.52
CA LEU F 105 -10.45 53.64 -37.95
C LEU F 105 -10.12 53.22 -39.36
N THR F 106 -10.06 54.17 -40.28
CA THR F 106 -9.49 53.95 -41.63
C THR F 106 -8.22 54.78 -41.74
N VAL F 107 -7.10 54.12 -42.02
CA VAL F 107 -5.86 54.79 -42.25
C VAL F 107 -5.76 54.85 -43.75
N VAL F 108 -5.63 56.04 -44.34
CA VAL F 108 -5.62 56.11 -45.84
C VAL F 108 -4.23 56.35 -46.35
N GLU F 109 -3.98 55.98 -47.57
CA GLU F 109 -2.71 56.46 -48.25
C GLU F 109 -2.59 57.97 -48.35
N ASP F 110 -3.67 58.63 -48.70
CA ASP F 110 -3.69 60.14 -48.80
C ASP F 110 -5.13 60.60 -48.66
N LEU F 111 -5.31 61.77 -48.05
CA LEU F 111 -6.63 62.37 -47.91
C LEU F 111 -7.35 62.55 -49.21
N LYS F 112 -6.65 62.57 -50.32
CA LYS F 112 -7.33 62.57 -51.60
C LYS F 112 -8.11 61.35 -51.99
N ASN F 113 -8.00 60.26 -51.26
CA ASN F 113 -8.83 59.10 -51.53
C ASN F 113 -10.22 59.26 -50.90
N VAL F 114 -10.45 60.31 -50.12
CA VAL F 114 -11.70 60.48 -49.40
C VAL F 114 -12.69 61.17 -50.31
N PHE F 115 -13.88 60.60 -50.46
CA PHE F 115 -14.92 61.16 -51.30
C PHE F 115 -16.29 60.96 -50.65
N PRO F 116 -17.16 61.98 -50.74
CA PRO F 116 -18.51 61.82 -50.25
C PRO F 116 -19.36 61.02 -51.26
N PRO F 117 -20.48 60.44 -50.86
CA PRO F 117 -21.32 59.73 -51.84
C PRO F 117 -22.08 60.71 -52.77
N GLU F 118 -22.39 60.27 -53.96
CA GLU F 118 -23.44 60.84 -54.81
C GLU F 118 -24.63 59.96 -54.55
N VAL F 119 -25.78 60.58 -54.43
CA VAL F 119 -27.00 59.84 -54.13
C VAL F 119 -28.07 60.05 -55.24
N ALA F 120 -28.66 59.00 -55.76
CA ALA F 120 -29.68 59.07 -56.75
C ALA F 120 -30.84 58.07 -56.38
N VAL F 121 -32.06 58.50 -56.64
CA VAL F 121 -33.25 57.71 -56.46
C VAL F 121 -33.86 57.36 -57.82
N PHE F 122 -34.35 56.11 -57.94
CA PHE F 122 -34.93 55.57 -59.18
C PHE F 122 -36.35 55.23 -58.85
N GLU F 123 -37.26 55.62 -59.75
CA GLU F 123 -38.67 55.53 -59.55
C GLU F 123 -39.15 54.14 -59.97
N PRO F 124 -40.26 53.68 -59.40
CA PRO F 124 -40.75 52.33 -59.69
C PRO F 124 -41.09 52.07 -61.10
N SER F 125 -40.83 50.86 -61.56
CA SER F 125 -41.24 50.36 -62.88
C SER F 125 -42.75 50.29 -62.96
N GLU F 126 -43.26 50.73 -64.09
CA GLU F 126 -44.70 50.59 -64.38
C GLU F 126 -45.14 49.17 -64.55
N ALA F 127 -44.27 48.36 -65.10
CA ALA F 127 -44.56 46.96 -65.23
C ALA F 127 -44.69 46.28 -63.83
N GLU F 128 -43.93 46.72 -62.81
CA GLU F 128 -44.10 46.17 -61.47
C GLU F 128 -45.44 46.53 -60.90
N ILE F 129 -45.81 47.80 -61.05
CA ILE F 129 -47.07 48.28 -60.52
C ILE F 129 -48.25 47.50 -61.08
N SER F 130 -48.25 47.21 -62.39
CA SER F 130 -49.31 46.39 -63.03
C SER F 130 -49.40 44.98 -62.51
N HIS F 131 -48.24 44.34 -62.43
CA HIS F 131 -48.12 42.94 -62.12
C HIS F 131 -48.47 42.63 -60.63
N THR F 132 -47.84 43.36 -59.74
CA THR F 132 -47.99 43.23 -58.28
C THR F 132 -48.81 44.46 -58.09
N GLN F 133 -49.38 44.73 -56.94
CA GLN F 133 -49.93 46.14 -56.90
C GLN F 133 -48.99 46.95 -55.98
N LYS F 134 -47.69 46.88 -56.27
CA LYS F 134 -46.65 47.40 -55.40
C LYS F 134 -45.64 48.19 -56.18
N ALA F 135 -44.90 49.03 -55.47
CA ALA F 135 -43.92 49.88 -56.15
C ALA F 135 -42.60 49.92 -55.35
N THR F 136 -41.48 49.65 -56.01
CA THR F 136 -40.18 49.69 -55.37
C THR F 136 -39.32 50.82 -55.85
N LEU F 137 -38.98 51.73 -54.93
CA LEU F 137 -37.99 52.72 -55.19
C LEU F 137 -36.65 52.14 -54.82
N VAL F 138 -35.65 52.59 -55.57
CA VAL F 138 -34.27 52.21 -55.31
C VAL F 138 -33.47 53.48 -55.09
N CYS F 139 -32.66 53.46 -54.03
CA CYS F 139 -31.64 54.43 -53.79
C CYS F 139 -30.24 53.86 -54.06
N LEU F 140 -29.41 54.60 -54.82
CA LEU F 140 -27.98 54.30 -54.99
C LEU F 140 -27.12 55.41 -54.42
N ALA F 141 -26.28 55.07 -53.48
CA ALA F 141 -25.20 55.90 -53.02
C ALA F 141 -23.91 55.35 -53.65
N THR F 142 -23.18 56.16 -54.41
CA THR F 142 -22.03 55.74 -55.11
C THR F 142 -20.88 56.67 -54.97
N GLY F 143 -19.70 56.11 -55.19
CA GLY F 143 -18.46 56.80 -55.18
C GLY F 143 -17.87 57.26 -53.88
N PHE F 144 -18.25 56.70 -52.74
CA PHE F 144 -17.82 57.20 -51.45
C PHE F 144 -16.64 56.36 -50.92
N TYR F 145 -15.81 57.03 -50.18
CA TYR F 145 -14.70 56.39 -49.46
C TYR F 145 -14.27 57.28 -48.31
N PRO F 146 -14.08 56.73 -47.10
CA PRO F 146 -14.23 55.35 -46.78
C PRO F 146 -15.69 54.92 -46.58
N ASP F 147 -15.89 53.67 -46.19
CA ASP F 147 -17.21 53.12 -46.10
C ASP F 147 -17.91 53.55 -44.70
N HIS F 148 -18.07 54.80 -44.40
CA HIS F 148 -18.50 55.28 -43.11
C HIS F 148 -19.76 56.09 -43.53
N VAL F 149 -20.87 55.36 -43.76
CA VAL F 149 -22.17 55.98 -44.16
C VAL F 149 -23.37 55.44 -43.41
N GLU F 150 -24.39 56.22 -43.24
CA GLU F 150 -25.66 55.71 -42.74
C GLU F 150 -26.74 56.14 -43.76
N LEU F 151 -27.45 55.17 -44.34
CA LEU F 151 -28.52 55.38 -45.19
C LEU F 151 -29.92 55.31 -44.54
N SER F 152 -30.78 56.28 -44.83
CA SER F 152 -32.16 56.25 -44.31
C SER F 152 -33.13 56.72 -45.35
N TRP F 153 -34.37 56.23 -45.24
CA TRP F 153 -35.48 56.65 -46.03
C TRP F 153 -36.47 57.44 -45.20
N TRP F 154 -37.05 58.44 -45.84
CA TRP F 154 -37.91 59.41 -45.22
C TRP F 154 -39.11 59.55 -46.11
N VAL F 155 -40.32 59.36 -45.54
CA VAL F 155 -41.53 59.50 -46.29
C VAL F 155 -42.40 60.56 -45.63
N ASN F 156 -42.77 61.57 -46.41
CA ASN F 156 -43.46 62.74 -45.84
C ASN F 156 -42.85 63.28 -44.55
N GLY F 157 -41.51 63.36 -44.49
CA GLY F 157 -40.76 63.99 -43.42
C GLY F 157 -40.43 63.11 -42.25
N LYS F 158 -40.74 61.82 -42.34
CA LYS F 158 -40.50 60.92 -41.23
C LYS F 158 -39.77 59.68 -41.69
N GLU F 159 -38.85 59.22 -40.85
CA GLU F 159 -38.00 58.13 -41.18
C GLU F 159 -38.83 56.84 -41.26
N VAL F 160 -38.69 56.03 -42.31
CA VAL F 160 -39.39 54.76 -42.35
C VAL F 160 -38.43 53.58 -42.20
N HIS F 161 -38.94 52.49 -41.63
CA HIS F 161 -38.21 51.21 -41.51
C HIS F 161 -38.99 50.09 -42.23
N SER F 162 -40.31 50.21 -42.25
CA SER F 162 -41.14 49.23 -42.90
C SER F 162 -41.02 49.32 -44.40
N GLY F 163 -40.92 48.17 -45.05
CA GLY F 163 -40.68 48.08 -46.51
C GLY F 163 -39.27 48.44 -47.02
N VAL F 164 -38.32 48.59 -46.09
CA VAL F 164 -36.99 49.01 -46.44
C VAL F 164 -35.98 47.87 -46.37
N CYS F 165 -35.13 47.74 -47.39
CA CYS F 165 -34.00 46.81 -47.37
C CYS F 165 -32.83 47.60 -47.77
N THR F 166 -31.76 47.66 -46.99
CA THR F 166 -30.50 48.34 -47.39
C THR F 166 -29.39 47.31 -47.43
N ASP F 167 -28.58 47.25 -48.48
CA ASP F 167 -27.51 46.21 -48.54
C ASP F 167 -26.69 46.15 -47.22
N PRO F 168 -26.43 44.97 -46.66
CA PRO F 168 -25.60 44.94 -45.44
C PRO F 168 -24.12 45.39 -45.56
N GLN F 169 -23.51 45.23 -46.70
CA GLN F 169 -22.13 45.65 -46.98
C GLN F 169 -22.11 46.38 -48.32
N PRO F 170 -21.31 47.44 -48.37
CA PRO F 170 -21.17 48.18 -49.64
C PRO F 170 -20.52 47.34 -50.72
N LEU F 171 -20.75 47.55 -52.01
CA LEU F 171 -19.91 46.93 -53.09
C LEU F 171 -18.70 47.87 -53.36
N LYS F 172 -17.55 47.32 -53.71
CA LYS F 172 -16.43 48.08 -54.31
C LYS F 172 -16.60 48.43 -55.77
N GLU F 173 -16.35 49.65 -56.14
CA GLU F 173 -16.44 50.01 -57.52
C GLU F 173 -15.27 49.49 -58.36
N GLN F 174 -14.20 49.08 -57.73
CA GLN F 174 -12.97 48.63 -58.40
C GLN F 174 -12.39 47.64 -57.44
N PRO F 175 -12.93 46.38 -57.49
CA PRO F 175 -12.52 45.31 -56.52
C PRO F 175 -11.02 45.12 -56.35
N ALA F 176 -10.21 45.39 -57.39
CA ALA F 176 -8.69 45.20 -57.25
C ALA F 176 -8.10 46.18 -56.24
N LEU F 177 -8.53 47.43 -56.31
CA LEU F 177 -7.88 48.48 -55.49
C LEU F 177 -8.13 48.38 -54.01
N ASN F 178 -7.07 48.62 -53.26
CA ASN F 178 -7.19 48.73 -51.81
C ASN F 178 -8.03 50.03 -51.37
N ASP F 179 -7.76 51.16 -52.07
CA ASP F 179 -8.36 52.52 -51.96
C ASP F 179 -9.75 52.60 -52.65
N SER F 180 -10.33 51.47 -53.08
CA SER F 180 -11.47 51.49 -53.98
C SER F 180 -12.68 52.26 -53.32
N ARG F 181 -13.37 53.05 -54.12
CA ARG F 181 -14.61 53.65 -53.72
C ARG F 181 -15.73 52.63 -53.71
N TYR F 182 -16.78 53.02 -52.99
CA TYR F 182 -17.85 52.10 -52.67
C TYR F 182 -19.15 52.54 -53.25
N CYS F 183 -20.03 51.55 -53.29
CA CYS F 183 -21.44 51.75 -53.48
C CYS F 183 -22.35 50.98 -52.62
N LEU F 184 -23.57 51.48 -52.48
CA LEU F 184 -24.51 50.91 -51.58
C LEU F 184 -25.87 51.14 -52.17
N SER F 185 -26.70 50.10 -52.17
CA SER F 185 -28.06 50.24 -52.59
C SER F 185 -29.04 49.96 -51.48
N SER F 186 -30.25 50.52 -51.64
CA SER F 186 -31.35 50.33 -50.74
C SER F 186 -32.66 50.36 -51.50
N ARG F 187 -33.67 49.69 -50.97
CA ARG F 187 -34.98 49.69 -51.55
C ARG F 187 -36.02 50.10 -50.55
N LEU F 188 -37.03 50.80 -51.07
CA LEU F 188 -38.23 51.07 -50.32
C LEU F 188 -39.44 50.62 -51.13
N ARG F 189 -40.28 49.75 -50.57
CA ARG F 189 -41.44 49.29 -51.30
C ARG F 189 -42.68 49.76 -50.60
N VAL F 190 -43.59 50.34 -51.37
CA VAL F 190 -44.86 50.84 -50.89
C VAL F 190 -45.98 50.30 -51.80
N SER F 191 -47.22 50.51 -51.40
CA SER F 191 -48.34 50.06 -52.24
C SER F 191 -48.38 50.95 -53.46
N ALA F 192 -48.86 50.42 -54.57
CA ALA F 192 -48.90 51.25 -55.78
C ALA F 192 -49.77 52.48 -55.61
N THR F 193 -50.87 52.37 -54.89
CA THR F 193 -51.74 53.52 -54.67
C THR F 193 -51.02 54.59 -53.79
N PHE F 194 -50.13 54.22 -52.86
CA PHE F 194 -49.31 55.18 -52.12
C PHE F 194 -48.34 55.87 -53.05
N TRP F 195 -47.68 55.15 -53.95
CA TRP F 195 -46.75 55.77 -54.89
C TRP F 195 -47.48 56.66 -55.88
N GLN F 196 -48.68 56.27 -56.24
CA GLN F 196 -49.46 57.02 -57.23
C GLN F 196 -50.03 58.34 -56.76
N ASN F 197 -50.01 58.62 -55.45
CA ASN F 197 -50.45 59.90 -54.88
C ASN F 197 -49.35 60.98 -55.01
N PRO F 198 -49.60 62.04 -55.84
CA PRO F 198 -48.50 63.05 -56.04
C PRO F 198 -48.15 63.94 -54.85
N ARG F 199 -48.90 63.91 -53.78
CA ARG F 199 -48.54 64.60 -52.53
C ARG F 199 -47.64 63.79 -51.56
N ASN F 200 -47.36 62.53 -51.91
CA ASN F 200 -46.34 61.77 -51.17
C ASN F 200 -44.94 62.05 -51.69
N HIS F 201 -44.12 62.36 -50.73
CA HIS F 201 -42.74 62.74 -50.88
C HIS F 201 -41.84 61.63 -50.28
N PHE F 202 -40.83 61.28 -51.05
CA PHE F 202 -39.84 60.28 -50.73
C PHE F 202 -38.43 60.92 -50.76
N ARG F 203 -37.63 60.66 -49.72
CA ARG F 203 -36.26 61.13 -49.70
C ARG F 203 -35.36 59.95 -49.20
N CYS F 204 -34.32 59.67 -49.98
CA CYS F 204 -33.20 58.76 -49.61
C CYS F 204 -32.07 59.70 -49.15
N GLN F 205 -31.54 59.45 -48.00
CA GLN F 205 -30.61 60.31 -47.36
C GLN F 205 -29.37 59.51 -46.83
N VAL F 206 -28.19 60.01 -47.07
CA VAL F 206 -26.99 59.39 -46.62
C VAL F 206 -26.17 60.32 -45.75
N GLN F 207 -25.91 59.89 -44.51
CA GLN F 207 -24.95 60.60 -43.65
C GLN F 207 -23.55 60.02 -43.97
N PHE F 208 -22.58 60.88 -44.28
CA PHE F 208 -21.22 60.45 -44.60
C PHE F 208 -20.35 61.02 -43.54
N TYR F 209 -19.39 60.23 -43.07
CA TYR F 209 -18.44 60.71 -42.02
C TYR F 209 -17.12 60.84 -42.69
N GLY F 210 -16.64 62.08 -42.73
CA GLY F 210 -15.39 62.34 -43.52
C GLY F 210 -14.38 63.19 -42.78
N LEU F 211 -13.84 64.14 -43.47
CA LEU F 211 -12.88 65.00 -42.87
C LEU F 211 -13.51 66.13 -42.02
N SER F 212 -12.70 66.79 -41.20
CA SER F 212 -13.16 67.98 -40.43
C SER F 212 -12.98 69.22 -41.19
N GLU F 213 -13.80 70.24 -40.82
CA GLU F 213 -13.62 71.65 -41.28
C GLU F 213 -12.24 72.17 -40.81
N ASN F 214 -11.60 71.48 -39.87
CA ASN F 214 -10.18 71.75 -39.52
C ASN F 214 -9.02 71.22 -40.51
N ASP F 215 -9.24 70.05 -41.15
CA ASP F 215 -8.22 69.42 -42.04
C ASP F 215 -7.88 70.32 -43.24
N GLU F 216 -6.61 70.28 -43.61
CA GLU F 216 -6.15 71.04 -44.74
C GLU F 216 -6.65 70.33 -46.00
N TRP F 217 -6.78 71.06 -47.10
CA TRP F 217 -7.34 70.50 -48.34
C TRP F 217 -6.85 71.25 -49.51
N THR F 218 -6.20 70.58 -50.45
CA THR F 218 -5.64 71.29 -51.63
C THR F 218 -5.95 70.58 -52.88
N GLN F 219 -6.94 69.67 -52.87
CA GLN F 219 -7.38 69.08 -54.14
C GLN F 219 -8.32 70.01 -54.86
N ASP F 220 -8.46 69.88 -56.16
CA ASP F 220 -9.33 70.71 -56.97
C ASP F 220 -10.78 70.20 -56.93
N ARG F 221 -11.37 70.19 -55.78
CA ARG F 221 -12.75 69.76 -55.61
C ARG F 221 -13.09 70.14 -54.18
N ALA F 222 -14.36 70.12 -53.83
CA ALA F 222 -14.79 70.48 -52.48
C ALA F 222 -14.18 69.57 -51.38
N LYS F 223 -13.82 70.16 -50.23
CA LYS F 223 -13.33 69.41 -49.15
C LYS F 223 -14.40 68.31 -48.74
N PRO F 224 -14.02 66.98 -48.63
CA PRO F 224 -15.03 65.86 -48.34
C PRO F 224 -15.29 65.68 -46.84
N VAL F 225 -16.01 66.68 -46.30
CA VAL F 225 -16.32 66.81 -44.90
C VAL F 225 -17.48 65.91 -44.59
N THR F 226 -17.68 65.70 -43.31
CA THR F 226 -18.88 65.08 -42.76
C THR F 226 -20.13 65.86 -43.22
N GLN F 227 -21.08 65.19 -43.83
CA GLN F 227 -22.17 65.79 -44.47
C GLN F 227 -23.29 64.79 -44.78
N ILE F 228 -24.45 65.34 -45.04
CA ILE F 228 -25.60 64.56 -45.51
C ILE F 228 -25.81 64.86 -46.96
N VAL F 229 -26.03 63.84 -47.76
CA VAL F 229 -26.34 63.99 -49.19
C VAL F 229 -27.66 63.27 -49.41
N SER F 230 -28.56 63.86 -50.15
CA SER F 230 -29.82 63.23 -50.41
C SER F 230 -30.39 63.36 -51.79
N ALA F 231 -31.41 62.59 -52.05
CA ALA F 231 -32.10 62.68 -53.30
C ALA F 231 -33.57 62.39 -53.02
N GLU F 232 -34.41 62.94 -53.85
CA GLU F 232 -35.85 62.96 -53.56
C GLU F 232 -36.74 62.71 -54.78
N ALA F 233 -37.92 62.21 -54.54
CA ALA F 233 -38.93 62.02 -55.63
C ALA F 233 -40.31 62.17 -55.00
N TRP F 234 -41.25 62.60 -55.83
CA TRP F 234 -42.63 62.70 -55.50
C TRP F 234 -43.34 61.52 -56.14
N GLY F 235 -44.41 61.03 -55.54
CA GLY F 235 -45.27 60.11 -56.26
C GLY F 235 -45.86 60.69 -57.56
N ARG F 236 -46.44 59.85 -58.39
CA ARG F 236 -47.15 60.31 -59.56
C ARG F 236 -48.20 59.32 -60.06
N ALA F 237 -49.35 59.84 -60.54
CA ALA F 237 -50.29 59.10 -61.43
C ALA F 237 -49.65 59.03 -62.83
N GLN G 9 21.65 -29.94 39.62
CA GLN G 9 21.18 -29.27 40.90
C GLN G 9 20.76 -30.32 41.93
N ALA G 10 20.73 -29.86 43.17
CA ALA G 10 20.41 -30.68 44.32
C ALA G 10 19.47 -29.92 45.30
N LEU G 11 18.56 -30.66 45.86
CA LEU G 11 17.63 -30.08 46.78
C LEU G 11 17.44 -31.09 47.94
N SER G 12 17.58 -30.56 49.14
CA SER G 12 17.48 -31.29 50.40
C SER G 12 16.36 -30.61 51.24
N ILE G 13 15.37 -31.37 51.64
CA ILE G 13 14.26 -30.87 52.42
C ILE G 13 13.81 -31.94 53.43
N GLN G 14 13.02 -31.52 54.41
CA GLN G 14 12.51 -32.41 55.43
C GLN G 14 11.17 -33.02 55.06
N GLU G 15 10.99 -34.27 55.48
CA GLU G 15 9.68 -34.96 55.31
C GLU G 15 8.58 -33.96 55.74
N GLY G 16 7.51 -33.87 54.93
CA GLY G 16 6.44 -32.90 55.15
C GLY G 16 6.59 -31.51 54.55
N GLU G 17 7.78 -30.96 54.35
CA GLU G 17 7.90 -29.69 53.58
C GLU G 17 7.56 -29.89 52.10
N ASN G 18 7.28 -28.78 51.42
CA ASN G 18 7.05 -28.75 49.98
C ASN G 18 8.35 -28.77 49.24
N ALA G 19 8.40 -29.39 48.05
CA ALA G 19 9.64 -29.34 47.21
C ALA G 19 9.28 -28.67 45.87
N THR G 20 10.16 -27.82 45.38
CA THR G 20 9.96 -27.16 44.07
C THR G 20 11.18 -27.35 43.27
N MET G 21 11.00 -27.88 42.08
CA MET G 21 12.09 -28.04 41.12
C MET G 21 11.81 -27.26 39.83
N ASN G 22 12.88 -26.96 39.09
CA ASN G 22 12.82 -26.01 37.95
C ASN G 22 13.64 -26.51 36.79
N CYS G 23 13.18 -26.34 35.55
CA CYS G 23 14.00 -26.60 34.34
C CYS G 23 13.71 -25.48 33.35
N SER G 24 14.62 -25.32 32.42
CA SER G 24 14.41 -24.42 31.26
C SER G 24 14.60 -25.18 29.96
N TYR G 25 14.14 -24.59 28.86
CA TYR G 25 14.29 -25.25 27.55
C TYR G 25 14.54 -24.23 26.49
N LYS G 26 15.02 -24.66 25.33
CA LYS G 26 15.55 -23.75 24.36
C LYS G 26 14.73 -23.56 23.06
N THR G 27 13.79 -24.42 22.74
CA THR G 27 13.22 -24.46 21.39
C THR G 27 11.71 -24.18 21.52
N SER G 28 10.98 -24.07 20.42
CA SER G 28 9.52 -24.09 20.51
C SER G 28 9.06 -25.54 20.84
N ILE G 29 7.90 -25.69 21.44
CA ILE G 29 7.46 -26.98 21.97
C ILE G 29 5.97 -27.05 21.85
N ASN G 30 5.45 -28.25 21.77
CA ASN G 30 4.03 -28.51 22.05
C ASN G 30 3.74 -29.01 23.48
N ASN G 31 4.69 -29.70 24.08
CA ASN G 31 4.52 -30.17 25.42
C ASN G 31 5.81 -30.35 26.15
N LEU G 32 5.67 -30.37 27.45
CA LEU G 32 6.76 -30.59 28.35
C LEU G 32 6.34 -31.74 29.33
N GLN G 33 7.28 -32.65 29.62
CA GLN G 33 6.96 -33.73 30.58
C GLN G 33 8.04 -33.89 31.69
N TRP G 34 7.62 -34.20 32.95
CA TRP G 34 8.57 -34.43 34.03
C TRP G 34 8.64 -35.96 34.34
N TYR G 35 9.83 -36.42 34.60
CA TYR G 35 10.09 -37.78 34.96
C TYR G 35 10.88 -37.82 36.27
N ARG G 36 10.77 -38.97 36.90
CA ARG G 36 11.55 -39.31 38.08
C ARG G 36 12.29 -40.65 37.90
N GLN G 37 13.46 -40.71 38.46
CA GLN G 37 14.30 -41.90 38.37
C GLN G 37 14.91 -42.17 39.74
N ASN G 38 14.87 -43.44 40.14
CA ASN G 38 15.77 -43.94 41.20
C ASN G 38 16.97 -44.72 40.75
N SER G 39 17.98 -44.54 41.59
CA SER G 39 19.35 -44.97 41.39
C SER G 39 19.27 -46.49 41.22
N GLY G 40 19.86 -47.05 40.15
CA GLY G 40 19.96 -46.44 38.81
C GLY G 40 18.88 -47.26 38.13
N ARG G 41 17.79 -46.63 37.66
CA ARG G 41 16.65 -47.49 37.20
C ARG G 41 15.82 -46.85 36.11
N GLY G 42 14.67 -47.34 35.69
CA GLY G 42 13.90 -46.67 34.65
C GLY G 42 13.38 -45.28 35.11
N LEU G 43 13.05 -44.46 34.15
CA LEU G 43 12.38 -43.19 34.35
C LEU G 43 10.91 -43.47 34.39
N VAL G 44 10.25 -42.84 35.33
CA VAL G 44 8.83 -42.99 35.48
C VAL G 44 8.22 -41.68 35.13
N HIS G 45 7.24 -41.73 34.29
CA HIS G 45 6.53 -40.53 33.93
C HIS G 45 5.65 -39.94 35.03
N LEU G 46 5.75 -38.63 35.30
CA LEU G 46 4.95 -37.97 36.32
C LEU G 46 3.82 -37.19 35.75
N ILE G 47 4.10 -36.27 34.80
CA ILE G 47 3.07 -35.37 34.31
C ILE G 47 3.49 -34.76 32.98
N LEU G 48 2.49 -34.47 32.15
CA LEU G 48 2.66 -33.83 30.86
C LEU G 48 1.83 -32.54 30.92
N ILE G 49 2.40 -31.45 30.41
CA ILE G 49 1.69 -30.19 30.33
C ILE G 49 1.90 -29.72 28.90
N ARG G 50 0.83 -29.28 28.28
CA ARG G 50 0.85 -28.71 26.91
C ARG G 50 1.19 -27.25 26.87
N SER G 51 1.70 -26.77 25.77
CA SER G 51 2.14 -25.37 25.64
C SER G 51 1.00 -24.36 25.68
N ASN G 52 -0.26 -24.77 25.50
CA ASN G 52 -1.44 -23.93 25.79
C ASN G 52 -2.01 -24.04 27.18
N GLU G 53 -1.24 -24.50 28.15
CA GLU G 53 -1.73 -24.63 29.56
C GLU G 53 -0.67 -23.95 30.38
N ARG G 54 -1.07 -23.39 31.49
CA ARG G 54 -0.13 -22.77 32.45
C ARG G 54 0.11 -23.57 33.72
N GLU G 55 -0.86 -24.38 34.13
CA GLU G 55 -0.83 -25.03 35.43
C GLU G 55 -1.57 -26.32 35.25
N LYS G 56 -1.06 -27.37 35.89
CA LYS G 56 -1.73 -28.62 35.86
C LYS G 56 -1.43 -29.34 37.15
N HIS G 57 -2.47 -29.95 37.73
CA HIS G 57 -2.46 -30.58 39.08
C HIS G 57 -2.70 -32.06 38.83
N SER G 58 -1.91 -32.97 39.42
CA SER G 58 -2.15 -34.47 39.34
C SER G 58 -1.65 -35.10 40.65
N GLY G 59 -2.61 -35.59 41.44
CA GLY G 59 -2.29 -36.14 42.71
C GLY G 59 -1.59 -35.14 43.60
N ARG G 60 -0.46 -35.49 44.17
CA ARG G 60 0.33 -34.58 45.01
C ARG G 60 1.21 -33.59 44.21
N LEU G 61 1.17 -33.64 42.88
CA LEU G 61 2.07 -32.86 42.02
C LEU G 61 1.34 -31.70 41.37
N ARG G 62 2.02 -30.58 41.24
CA ARG G 62 1.54 -29.48 40.42
C ARG G 62 2.64 -29.06 39.45
N VAL G 63 2.32 -28.95 38.16
CA VAL G 63 3.27 -28.36 37.23
C VAL G 63 2.81 -27.00 36.72
N THR G 64 3.79 -26.13 36.49
CA THR G 64 3.54 -24.84 35.88
C THR G 64 4.50 -24.71 34.68
N LEU G 65 3.97 -24.00 33.67
CA LEU G 65 4.64 -23.76 32.45
C LEU G 65 4.50 -22.29 32.14
N ASP G 66 5.65 -21.68 31.91
CA ASP G 66 5.77 -20.25 31.44
C ASP G 66 6.50 -20.25 30.11
N THR G 67 5.74 -20.26 29.04
CA THR G 67 6.31 -20.32 27.70
C THR G 67 7.05 -19.05 27.24
N SER G 68 6.89 -17.92 27.91
CA SER G 68 7.59 -16.71 27.53
C SER G 68 9.01 -16.78 28.11
N LYS G 69 9.16 -17.20 29.38
CA LYS G 69 10.50 -17.46 29.95
C LYS G 69 11.06 -18.85 29.58
N LYS G 70 10.29 -19.68 28.93
CA LYS G 70 10.66 -21.10 28.64
C LYS G 70 11.17 -21.87 29.85
N SER G 71 10.33 -21.87 30.88
CA SER G 71 10.61 -22.65 32.08
C SER G 71 9.32 -23.34 32.57
N SER G 72 9.60 -24.37 33.32
CA SER G 72 8.67 -25.10 34.06
C SER G 72 9.13 -25.31 35.49
N SER G 73 8.18 -25.38 36.40
CA SER G 73 8.44 -25.74 37.77
C SER G 73 7.50 -26.92 38.18
N LEU G 74 8.04 -27.80 39.03
CA LEU G 74 7.29 -28.96 39.58
C LEU G 74 7.23 -28.80 41.07
N LEU G 75 6.03 -28.82 41.61
CA LEU G 75 5.82 -28.59 43.03
C LEU G 75 5.33 -29.89 43.63
N ILE G 76 5.99 -30.36 44.67
CA ILE G 76 5.55 -31.58 45.38
C ILE G 76 5.06 -31.14 46.73
N THR G 77 3.78 -31.34 47.01
CA THR G 77 3.26 -30.91 48.33
C THR G 77 3.35 -32.07 49.33
N ALA G 78 3.59 -31.71 50.61
CA ALA G 78 3.73 -32.65 51.77
C ALA G 78 4.68 -33.81 51.38
N SER G 79 5.93 -33.47 51.12
CA SER G 79 6.87 -34.46 50.59
C SER G 79 7.10 -35.62 51.58
N ARG G 80 7.32 -36.80 51.06
CA ARG G 80 7.60 -38.02 51.80
C ARG G 80 8.95 -38.58 51.39
N ALA G 81 9.47 -39.52 52.22
CA ALA G 81 10.77 -40.17 51.93
C ALA G 81 10.75 -40.76 50.52
N ALA G 82 9.59 -41.27 50.12
CA ALA G 82 9.41 -41.87 48.86
C ALA G 82 9.66 -40.96 47.62
N ASP G 83 9.65 -39.65 47.79
CA ASP G 83 9.89 -38.65 46.72
C ASP G 83 11.34 -38.44 46.44
N THR G 84 12.21 -39.01 47.28
CA THR G 84 13.65 -39.05 47.03
C THR G 84 13.92 -39.73 45.69
N ALA G 85 14.61 -39.01 44.82
CA ALA G 85 14.76 -39.33 43.40
C ALA G 85 15.43 -38.19 42.63
N SER G 86 15.87 -38.54 41.43
CA SER G 86 16.30 -37.54 40.46
C SER G 86 15.08 -37.17 39.60
N TYR G 87 14.87 -35.88 39.39
CA TYR G 87 13.73 -35.37 38.59
C TYR G 87 14.25 -34.71 37.28
N PHE G 88 13.65 -35.12 36.17
CA PHE G 88 14.11 -34.68 34.86
C PHE G 88 12.92 -34.10 34.15
N CYS G 89 13.20 -33.05 33.41
CA CYS G 89 12.19 -32.48 32.60
C CYS G 89 12.62 -32.63 31.12
N ALA G 90 11.65 -32.96 30.31
CA ALA G 90 11.89 -33.17 28.93
C ALA G 90 10.86 -32.47 28.06
N THR G 91 11.32 -31.98 26.94
CA THR G 91 10.48 -31.31 26.01
C THR G 91 10.31 -32.18 24.78
N ASP G 92 9.20 -31.99 24.06
CA ASP G 92 9.08 -32.60 22.70
C ASP G 92 9.95 -31.94 21.61
N ALA G 93 10.55 -30.77 21.86
CA ALA G 93 11.24 -29.97 20.81
C ALA G 93 10.40 -29.75 19.54
N GLY G 94 9.09 -29.70 19.69
CA GLY G 94 8.16 -29.57 18.58
C GLY G 94 7.74 -30.80 17.80
N TYR G 95 8.33 -31.98 18.08
CA TYR G 95 8.00 -33.20 17.34
C TYR G 95 6.53 -33.56 17.53
N ASN G 96 6.08 -33.45 18.74
CA ASN G 96 4.74 -33.84 19.16
C ASN G 96 4.31 -35.31 18.89
N GLN G 97 5.32 -36.14 18.70
CA GLN G 97 5.15 -37.55 18.47
C GLN G 97 6.50 -38.29 18.52
N GLY G 98 6.42 -39.60 18.44
CA GLY G 98 7.60 -40.48 18.51
C GLY G 98 8.30 -40.52 19.85
N GLY G 99 9.55 -40.95 19.86
CA GLY G 99 10.25 -41.26 21.08
C GLY G 99 11.48 -40.48 21.41
N LYS G 100 11.72 -39.41 20.63
CA LYS G 100 12.84 -38.53 20.90
C LYS G 100 12.39 -37.37 21.79
N LEU G 101 13.11 -37.17 22.88
CA LEU G 101 12.82 -36.17 23.87
C LEU G 101 14.16 -35.64 24.16
N ILE G 102 14.19 -34.35 24.57
CA ILE G 102 15.43 -33.66 24.95
C ILE G 102 15.32 -33.38 26.46
N PHE G 103 16.30 -33.87 27.25
CA PHE G 103 16.19 -33.98 28.71
C PHE G 103 17.02 -32.92 29.29
N GLY G 104 16.51 -32.18 30.25
CA GLY G 104 17.38 -31.24 31.04
C GLY G 104 18.36 -31.97 31.95
N GLN G 105 19.10 -31.21 32.72
CA GLN G 105 20.17 -31.77 33.58
C GLN G 105 19.60 -32.64 34.78
N GLY G 106 18.45 -32.24 35.32
CA GLY G 106 17.94 -32.96 36.45
C GLY G 106 18.22 -32.31 37.77
N THR G 107 17.33 -32.59 38.71
CA THR G 107 17.54 -32.19 40.08
C THR G 107 17.45 -33.47 40.93
N GLU G 108 18.47 -33.72 41.73
CA GLU G 108 18.48 -34.74 42.80
C GLU G 108 17.75 -34.19 44.06
N LEU G 109 16.62 -34.78 44.40
CA LEU G 109 15.87 -34.36 45.56
C LEU G 109 16.09 -35.38 46.71
N SER G 110 16.61 -34.93 47.86
CA SER G 110 16.65 -35.84 49.07
C SER G 110 15.69 -35.33 50.16
N VAL G 111 14.68 -36.17 50.47
CA VAL G 111 13.69 -35.93 51.49
C VAL G 111 14.12 -36.68 52.76
N LYS G 112 14.55 -35.94 53.75
CA LYS G 112 15.08 -36.46 54.98
C LYS G 112 14.08 -36.62 56.16
N PRO G 113 14.31 -37.65 57.02
CA PRO G 113 13.45 -37.85 58.14
C PRO G 113 13.62 -36.73 59.22
N ASN G 114 12.51 -36.39 59.88
CA ASN G 114 12.50 -35.46 61.00
C ASN G 114 12.90 -36.20 62.27
N ILE G 115 14.08 -35.94 62.81
CA ILE G 115 14.56 -36.61 64.01
C ILE G 115 14.10 -35.92 65.30
N GLN G 116 13.10 -36.52 65.93
CA GLN G 116 12.42 -35.96 67.09
C GLN G 116 13.27 -35.88 68.36
N ASN G 117 14.16 -36.84 68.57
CA ASN G 117 15.02 -36.84 69.76
C ASN G 117 16.42 -37.25 69.44
N PRO G 118 17.20 -36.36 68.89
CA PRO G 118 18.52 -36.86 68.59
C PRO G 118 19.23 -37.43 69.83
N ASP G 119 19.96 -38.53 69.68
CA ASP G 119 20.75 -39.14 70.73
C ASP G 119 22.03 -39.65 70.11
N PRO G 120 22.80 -38.72 69.51
CA PRO G 120 23.94 -39.12 68.66
C PRO G 120 24.92 -39.98 69.44
N ALA G 121 25.48 -41.02 68.85
CA ALA G 121 26.26 -42.00 69.55
C ALA G 121 27.07 -42.88 68.60
N VAL G 122 28.14 -43.48 69.14
CA VAL G 122 28.99 -44.35 68.36
C VAL G 122 29.17 -45.64 69.10
N TYR G 123 28.80 -46.76 68.49
CA TYR G 123 28.74 -48.07 69.11
C TYR G 123 29.59 -48.99 68.34
N GLN G 124 30.12 -49.99 69.00
CA GLN G 124 30.93 -51.04 68.37
C GLN G 124 30.10 -52.33 68.33
N LEU G 125 30.27 -53.25 67.37
CA LEU G 125 29.31 -54.36 67.19
C LEU G 125 29.70 -55.87 67.38
N ARG G 126 30.74 -56.36 66.67
CA ARG G 126 31.01 -57.82 66.55
C ARG G 126 29.74 -58.46 66.04
N LYS G 133 36.54 -58.95 60.38
CA LYS G 133 36.26 -57.49 60.43
C LYS G 133 35.67 -57.12 61.79
N SER G 134 35.73 -55.83 62.11
CA SER G 134 34.73 -55.29 63.07
C SER G 134 34.26 -53.91 62.61
N VAL G 135 33.10 -53.52 63.13
CA VAL G 135 32.36 -52.37 62.66
C VAL G 135 32.01 -51.42 63.80
N CYS G 136 31.97 -50.12 63.48
CA CYS G 136 31.44 -49.10 64.34
C CYS G 136 30.30 -48.49 63.64
N LEU G 137 29.31 -48.15 64.45
CA LEU G 137 28.10 -47.57 64.00
C LEU G 137 27.94 -46.23 64.64
N PHE G 138 27.84 -45.20 63.85
CA PHE G 138 27.51 -43.88 64.31
C PHE G 138 26.03 -43.67 63.99
N THR G 139 25.21 -43.38 64.99
CA THR G 139 23.76 -43.41 64.83
C THR G 139 23.00 -42.33 65.63
N ASP G 140 21.73 -42.07 65.28
CA ASP G 140 20.79 -41.23 66.06
C ASP G 140 21.14 -39.77 66.05
N PHE G 141 21.97 -39.37 65.10
CA PHE G 141 22.23 -37.98 64.79
C PHE G 141 21.13 -37.39 63.90
N ASP G 142 20.90 -36.12 64.10
CA ASP G 142 19.92 -35.33 63.39
C ASP G 142 20.46 -35.07 61.98
N SER G 143 19.54 -34.61 61.14
CA SER G 143 19.72 -34.60 59.70
C SER G 143 20.68 -33.51 59.20
N GLN G 144 21.06 -32.58 60.06
CA GLN G 144 22.16 -31.62 59.79
C GLN G 144 23.55 -32.25 59.70
N THR G 145 23.77 -33.32 60.42
CA THR G 145 25.10 -33.90 60.47
C THR G 145 25.43 -34.42 59.05
N ASN G 146 26.68 -34.16 58.61
CA ASN G 146 27.25 -34.80 57.43
C ASN G 146 28.41 -35.67 57.86
N VAL G 147 28.68 -36.73 57.10
CA VAL G 147 29.75 -37.69 57.43
C VAL G 147 30.78 -37.62 56.33
N SER G 148 32.07 -37.70 56.68
CA SER G 148 33.18 -37.60 55.70
C SER G 148 33.91 -38.92 55.50
N GLN G 149 34.66 -38.99 54.39
CA GLN G 149 35.60 -40.07 54.02
C GLN G 149 36.65 -40.30 55.08
N SER G 150 37.23 -41.49 55.07
CA SER G 150 38.31 -41.84 55.96
C SER G 150 39.58 -41.15 55.43
N LYS G 151 40.34 -40.49 56.31
CA LYS G 151 41.71 -40.14 55.94
C LYS G 151 42.61 -41.30 56.39
N ASP G 152 42.32 -42.47 55.82
CA ASP G 152 42.91 -43.78 56.13
C ASP G 152 42.14 -44.80 55.21
N SER G 153 42.78 -45.28 54.13
CA SER G 153 42.25 -46.43 53.35
C SER G 153 42.83 -47.58 54.21
N ASP G 154 42.24 -48.76 54.19
CA ASP G 154 42.28 -49.68 55.40
C ASP G 154 41.18 -49.43 56.44
N VAL G 155 40.64 -48.20 56.45
CA VAL G 155 39.41 -47.85 57.16
C VAL G 155 38.36 -47.34 56.09
N TYR G 156 37.19 -47.95 56.11
CA TYR G 156 36.17 -47.71 55.11
C TYR G 156 35.06 -47.01 55.85
N ILE G 157 34.52 -45.95 55.29
CA ILE G 157 33.41 -45.27 55.89
C ILE G 157 32.36 -44.93 54.88
N THR G 158 31.14 -45.33 55.21
CA THR G 158 30.00 -45.15 54.30
C THR G 158 29.59 -43.71 54.47
N ASP G 159 28.88 -43.20 53.50
CA ASP G 159 28.00 -42.06 53.77
C ASP G 159 26.75 -42.41 54.67
N LYS G 160 25.98 -41.39 55.04
CA LYS G 160 24.78 -41.62 55.80
C LYS G 160 23.70 -42.26 54.89
N CYS G 161 22.88 -43.09 55.48
CA CYS G 161 22.09 -44.07 54.73
C CYS G 161 20.87 -43.40 54.23
N VAL G 162 20.20 -44.07 53.33
CA VAL G 162 18.92 -43.61 52.84
C VAL G 162 17.93 -44.59 53.43
N LEU G 163 16.86 -44.07 53.97
CA LEU G 163 15.81 -44.92 54.60
C LEU G 163 15.05 -45.64 53.50
N ASP G 164 14.60 -46.85 53.78
CA ASP G 164 13.81 -47.62 52.81
C ASP G 164 12.53 -46.83 52.68
N MET G 165 12.01 -46.74 51.48
CA MET G 165 10.84 -45.91 51.14
C MET G 165 9.55 -46.40 51.72
N ARG G 166 9.43 -47.68 52.01
CA ARG G 166 8.28 -48.21 52.69
C ARG G 166 8.46 -48.30 54.18
N SER G 167 9.48 -47.72 54.79
CA SER G 167 9.67 -47.83 56.20
C SER G 167 8.56 -47.12 56.99
N MET G 168 8.06 -47.75 58.05
CA MET G 168 6.97 -47.19 58.87
C MET G 168 7.36 -46.95 60.29
N ASP G 169 8.60 -47.15 60.66
CA ASP G 169 9.00 -47.19 62.04
C ASP G 169 10.51 -47.20 62.11
N PHE G 170 11.02 -46.87 63.26
CA PHE G 170 12.46 -46.89 63.55
C PHE G 170 13.31 -46.14 62.49
N LYS G 171 12.89 -44.91 62.24
CA LYS G 171 13.48 -44.02 61.22
C LYS G 171 14.59 -43.21 61.83
N SER G 172 15.82 -43.56 61.53
CA SER G 172 17.01 -42.84 62.04
C SER G 172 18.13 -42.81 61.01
N ASN G 173 19.08 -41.93 61.24
CA ASN G 173 20.26 -41.85 60.38
C ASN G 173 21.39 -42.63 61.00
N SER G 174 22.25 -43.17 60.17
CA SER G 174 23.42 -43.81 60.68
C SER G 174 24.51 -43.85 59.61
N ALA G 175 25.72 -44.17 60.03
CA ALA G 175 26.85 -44.46 59.15
C ALA G 175 27.79 -45.48 59.76
N VAL G 176 28.47 -46.23 58.95
CA VAL G 176 29.19 -47.36 59.46
C VAL G 176 30.65 -47.12 59.09
N ALA G 177 31.53 -47.54 59.96
CA ALA G 177 32.92 -47.55 59.63
C ALA G 177 33.45 -48.91 59.93
N TRP G 178 34.38 -49.37 59.13
CA TRP G 178 35.00 -50.62 59.45
C TRP G 178 36.42 -50.76 58.93
N SER G 179 37.08 -51.78 59.47
CA SER G 179 38.45 -52.12 59.21
C SER G 179 38.79 -53.46 59.88
N ASN G 180 39.78 -54.15 59.32
CA ASN G 180 40.37 -55.38 59.94
C ASN G 180 41.77 -55.15 60.55
N LYS G 181 42.15 -53.89 60.84
CA LYS G 181 43.23 -53.58 61.82
C LYS G 181 43.04 -54.42 63.14
N SER G 182 43.76 -54.04 64.17
CA SER G 182 43.27 -54.33 65.53
C SER G 182 43.45 -53.11 66.49
N ASP G 183 44.21 -52.11 66.00
CA ASP G 183 44.38 -50.74 66.57
C ASP G 183 43.23 -49.77 66.17
N PHE G 184 42.36 -50.22 65.27
CA PHE G 184 41.13 -49.50 64.88
C PHE G 184 40.13 -49.58 66.02
N ALA G 185 39.59 -48.43 66.40
CA ALA G 185 38.63 -48.38 67.49
C ALA G 185 37.71 -47.19 67.25
N CYS G 186 36.61 -47.20 68.02
CA CYS G 186 35.41 -46.42 67.73
C CYS G 186 35.49 -44.91 68.09
N ALA G 187 36.09 -44.65 69.26
CA ALA G 187 36.96 -43.46 69.58
C ALA G 187 37.30 -42.53 68.42
N ASN G 188 38.05 -43.05 67.46
CA ASN G 188 38.62 -42.19 66.42
C ASN G 188 38.01 -42.37 65.04
N ALA G 189 37.18 -43.41 64.89
CA ALA G 189 36.71 -43.83 63.60
C ALA G 189 36.14 -42.66 62.79
N PHE G 190 35.35 -41.83 63.44
CA PHE G 190 34.72 -40.68 62.77
C PHE G 190 35.40 -39.32 62.93
N ASN G 191 36.67 -39.35 63.36
CA ASN G 191 37.55 -38.14 63.51
C ASN G 191 37.49 -37.20 62.38
N ASN G 192 37.50 -37.75 61.19
CA ASN G 192 37.52 -36.95 60.03
C ASN G 192 36.21 -36.18 59.78
N SER G 193 35.20 -36.26 60.65
CA SER G 193 33.86 -35.63 60.38
C SER G 193 33.52 -34.68 61.49
N ILE G 194 32.75 -33.63 61.20
CA ILE G 194 32.21 -32.75 62.25
C ILE G 194 30.94 -33.45 62.87
N ILE G 195 31.12 -34.04 64.04
CA ILE G 195 30.06 -34.75 64.73
C ILE G 195 29.55 -33.91 65.91
N PRO G 196 28.28 -34.12 66.35
CA PRO G 196 27.79 -33.35 67.54
C PRO G 196 28.69 -33.53 68.80
N GLU G 197 28.93 -32.42 69.51
CA GLU G 197 29.79 -32.39 70.70
C GLU G 197 29.21 -33.26 71.82
N ASP G 198 27.88 -33.27 71.83
CA ASP G 198 27.09 -34.15 72.67
C ASP G 198 27.22 -35.75 72.39
N THR G 199 28.02 -36.21 71.44
CA THR G 199 27.98 -37.60 70.96
C THR G 199 28.41 -38.62 72.02
N PHE G 200 27.58 -39.62 72.26
CA PHE G 200 27.86 -40.62 73.29
C PHE G 200 28.88 -41.71 72.85
N PHE G 201 30.05 -41.76 73.50
CA PHE G 201 31.02 -42.90 73.35
C PHE G 201 30.93 -43.76 74.61
N PRO G 202 30.74 -45.10 74.49
CA PRO G 202 30.89 -46.02 75.68
C PRO G 202 32.17 -46.86 75.80
N GLY H 1 4.21 -52.52 30.92
CA GLY H 1 5.24 -51.47 30.79
C GLY H 1 6.18 -52.04 29.77
N VAL H 2 7.22 -51.26 29.54
CA VAL H 2 8.11 -51.63 28.54
C VAL H 2 8.95 -52.71 29.19
N THR H 3 9.37 -53.74 28.47
CA THR H 3 10.18 -54.85 28.99
C THR H 3 11.55 -54.90 28.27
N GLN H 4 12.66 -54.85 29.03
CA GLN H 4 13.98 -54.88 28.49
C GLN H 4 14.73 -56.10 28.99
N THR H 5 15.46 -56.76 28.13
CA THR H 5 16.28 -57.88 28.51
C THR H 5 17.61 -57.90 27.76
N PRO H 6 18.69 -58.41 28.37
CA PRO H 6 18.75 -58.76 29.80
C PRO H 6 18.88 -57.58 30.68
N ARG H 7 18.53 -57.73 31.94
CA ARG H 7 18.65 -56.62 32.88
C ARG H 7 20.03 -56.23 33.22
N TYR H 8 20.94 -57.18 33.27
CA TYR H 8 22.32 -56.87 33.70
C TYR H 8 23.16 -57.74 32.84
N LEU H 9 24.29 -57.23 32.40
CA LEU H 9 25.09 -57.90 31.44
C LEU H 9 26.54 -57.51 31.60
N ILE H 10 27.41 -58.55 31.54
CA ILE H 10 28.86 -58.38 31.64
C ILE H 10 29.50 -58.81 30.33
N LYS H 11 30.42 -58.01 29.83
CA LYS H 11 31.12 -58.31 28.59
C LYS H 11 32.56 -57.83 28.66
N THR H 12 33.46 -58.43 27.89
CA THR H 12 34.85 -57.93 27.78
C THR H 12 35.03 -57.03 26.56
N ARG H 13 36.09 -56.22 26.60
CA ARG H 13 36.51 -55.37 25.49
C ARG H 13 36.62 -56.12 24.25
N GLY H 14 36.18 -55.52 23.14
CA GLY H 14 36.25 -56.12 21.82
C GLY H 14 35.05 -56.99 21.52
N GLN H 15 34.25 -57.41 22.51
CA GLN H 15 33.07 -58.17 22.15
C GLN H 15 31.95 -57.29 21.64
N GLN H 16 30.80 -57.90 21.33
CA GLN H 16 29.61 -57.17 20.96
C GLN H 16 28.47 -57.66 21.83
N VAL H 17 27.42 -56.83 21.90
CA VAL H 17 26.28 -57.14 22.73
C VAL H 17 25.01 -56.80 22.02
N THR H 18 23.94 -57.56 22.28
CA THR H 18 22.64 -57.21 21.83
C THR H 18 21.69 -57.08 22.98
N LEU H 19 20.91 -56.02 22.98
CA LEU H 19 19.84 -55.73 24.00
C LEU H 19 18.48 -55.74 23.31
N SER H 20 17.46 -56.17 24.03
CA SER H 20 16.13 -56.38 23.45
C SER H 20 15.12 -55.55 24.26
N CYS H 21 14.15 -54.99 23.56
CA CYS H 21 13.09 -54.16 24.11
C CYS H 21 11.73 -54.49 23.46
N SER H 22 10.77 -54.81 24.33
CA SER H 22 9.34 -54.96 23.96
C SER H 22 8.52 -53.82 24.37
N PRO H 23 8.07 -53.02 23.42
CA PRO H 23 7.27 -51.87 23.80
C PRO H 23 5.90 -52.22 24.45
N ILE H 24 5.29 -51.24 25.10
CA ILE H 24 3.93 -51.40 25.49
C ILE H 24 3.10 -51.77 24.26
N SER H 25 2.10 -52.57 24.53
CA SER H 25 1.37 -53.14 23.42
C SER H 25 0.53 -52.04 22.63
N GLY H 26 0.58 -52.02 21.29
CA GLY H 26 -0.05 -50.91 20.51
C GLY H 26 0.87 -49.72 20.33
N HIS H 27 2.05 -49.73 20.93
CA HIS H 27 3.05 -48.68 20.65
C HIS H 27 3.94 -49.12 19.51
N ARG H 28 4.11 -48.28 18.51
CA ARG H 28 4.93 -48.57 17.37
C ARG H 28 6.27 -47.80 17.33
N SER H 29 6.42 -46.67 18.06
CA SER H 29 7.71 -45.94 18.23
C SER H 29 8.49 -46.49 19.41
N VAL H 30 9.74 -46.79 19.15
CA VAL H 30 10.61 -47.38 20.14
C VAL H 30 11.92 -46.61 20.07
N SER H 31 12.35 -45.99 21.14
CA SER H 31 13.62 -45.34 21.12
C SER H 31 14.63 -45.81 22.16
N TRP H 32 15.92 -45.64 21.91
CA TRP H 32 16.96 -46.09 22.79
C TRP H 32 17.76 -44.88 23.24
N TYR H 33 18.10 -44.88 24.51
CA TYR H 33 18.92 -43.92 25.14
C TYR H 33 20.04 -44.58 25.92
N GLN H 34 21.14 -43.88 26.02
CA GLN H 34 22.26 -44.27 26.83
C GLN H 34 22.43 -43.28 28.01
N GLN H 35 22.51 -43.82 29.21
CA GLN H 35 22.77 -43.05 30.40
C GLN H 35 24.12 -43.41 31.06
N THR H 36 24.95 -42.37 31.24
CA THR H 36 26.26 -42.49 31.89
C THR H 36 26.37 -41.29 32.87
N PRO H 37 27.14 -41.44 33.96
CA PRO H 37 27.41 -40.18 34.78
C PRO H 37 28.10 -39.08 33.98
N GLY H 38 29.09 -39.43 33.13
CA GLY H 38 29.81 -38.38 32.42
C GLY H 38 28.95 -37.54 31.48
N GLN H 39 27.96 -38.14 30.82
CA GLN H 39 27.17 -37.42 29.83
C GLN H 39 25.65 -37.36 30.01
N GLY H 40 25.10 -37.93 31.07
CA GLY H 40 23.64 -37.91 31.28
C GLY H 40 22.97 -38.84 30.25
N LEU H 41 21.69 -38.53 29.94
CA LEU H 41 20.85 -39.31 29.01
C LEU H 41 21.07 -38.87 27.58
N GLN H 42 21.58 -39.72 26.71
CA GLN H 42 21.88 -39.33 25.36
C GLN H 42 21.03 -40.26 24.46
N PHE H 43 20.45 -39.66 23.43
CA PHE H 43 19.60 -40.36 22.49
C PHE H 43 20.46 -41.14 21.49
N LEU H 44 20.10 -42.39 21.26
CA LEU H 44 20.73 -43.19 20.27
C LEU H 44 19.99 -43.18 18.90
N PHE H 45 18.74 -43.63 18.92
CA PHE H 45 17.93 -43.82 17.72
C PHE H 45 16.52 -44.19 18.09
N GLU H 46 15.65 -43.92 17.17
CA GLU H 46 14.28 -44.23 17.29
C GLU H 46 13.86 -45.07 16.07
N TYR H 47 13.07 -46.12 16.28
CA TYR H 47 12.53 -46.99 15.22
C TYR H 47 11.03 -46.87 15.19
N PHE H 48 10.52 -46.95 13.98
CA PHE H 48 9.09 -46.91 13.70
C PHE H 48 8.74 -47.80 12.50
N SER H 49 7.77 -48.69 12.65
CA SER H 49 7.36 -49.68 11.53
C SER H 49 8.47 -50.48 10.91
N GLU H 50 9.45 -50.86 11.68
CA GLU H 50 10.47 -51.60 11.13
C GLU H 50 11.68 -50.88 10.68
N THR H 51 11.68 -49.54 10.64
CA THR H 51 12.80 -48.80 10.09
C THR H 51 13.27 -47.72 11.08
N GLN H 52 14.54 -47.39 11.02
CA GLN H 52 15.10 -46.29 11.82
C GLN H 52 14.57 -44.94 11.30
N ARG H 53 14.04 -44.12 12.16
CA ARG H 53 13.34 -42.92 11.75
C ARG H 53 14.08 -41.70 12.26
N ASN H 54 14.83 -41.78 13.35
CA ASN H 54 15.56 -40.64 13.85
C ASN H 54 16.76 -41.23 14.50
N LYS H 55 17.87 -40.50 14.42
CA LYS H 55 19.16 -40.97 14.84
C LYS H 55 19.86 -39.92 15.64
N GLY H 56 20.56 -40.29 16.71
CA GLY H 56 21.38 -39.35 17.46
C GLY H 56 22.79 -39.32 16.85
N ASN H 57 23.76 -39.00 17.67
CA ASN H 57 25.11 -38.79 17.20
C ASN H 57 26.14 -39.81 17.62
N PHE H 58 25.76 -41.06 17.88
CA PHE H 58 26.72 -42.12 18.21
C PHE H 58 27.32 -42.70 16.93
N PRO H 59 28.49 -43.25 17.02
CA PRO H 59 29.06 -43.83 15.79
C PRO H 59 28.41 -45.14 15.37
N GLY H 60 28.80 -45.67 14.22
CA GLY H 60 28.02 -46.76 13.53
C GLY H 60 28.15 -48.13 14.24
N ARG H 61 29.17 -48.28 15.06
CA ARG H 61 29.32 -49.33 16.08
C ARG H 61 28.05 -49.58 16.99
N PHE H 62 27.25 -48.54 17.20
CA PHE H 62 25.93 -48.58 17.82
C PHE H 62 24.85 -48.68 16.75
N SER H 63 24.14 -49.78 16.65
CA SER H 63 23.09 -49.95 15.63
C SER H 63 21.86 -50.60 16.24
N GLY H 64 20.81 -50.66 15.45
CA GLY H 64 19.50 -51.10 15.89
C GLY H 64 18.65 -51.71 14.81
N ARG H 65 17.55 -52.34 15.19
CA ARG H 65 16.56 -52.85 14.32
C ARG H 65 15.25 -52.98 15.06
N GLN H 66 14.20 -53.01 14.28
CA GLN H 66 12.88 -53.26 14.78
C GLN H 66 12.19 -54.33 13.94
N PHE H 67 11.50 -55.22 14.62
CA PHE H 67 10.76 -56.32 14.05
C PHE H 67 9.31 -55.93 13.74
N SER H 68 8.57 -56.75 13.03
CA SER H 68 7.15 -56.53 12.64
C SER H 68 6.24 -56.39 13.77
N ASN H 69 6.48 -57.04 14.88
CA ASN H 69 5.67 -56.83 16.12
C ASN H 69 6.12 -55.63 16.94
N SER H 70 7.02 -54.78 16.41
CA SER H 70 7.53 -53.56 17.10
C SER H 70 8.64 -53.71 18.11
N ARG H 71 8.97 -54.96 18.46
CA ARG H 71 10.05 -55.17 19.31
C ARG H 71 11.37 -54.72 18.67
N SER H 72 12.28 -54.21 19.46
CA SER H 72 13.50 -53.66 18.98
C SER H 72 14.69 -54.30 19.68
N GLU H 73 15.79 -54.34 18.96
CA GLU H 73 17.09 -54.71 19.45
C GLU H 73 18.06 -53.65 19.15
N MET H 74 18.94 -53.39 20.08
CA MET H 74 20.10 -52.60 19.69
C MET H 74 21.38 -53.41 19.90
N ASN H 75 22.44 -53.00 19.25
CA ASN H 75 23.70 -53.77 19.22
C ASN H 75 24.83 -52.80 19.35
N VAL H 76 25.79 -53.17 20.15
CA VAL H 76 27.04 -52.41 20.26
C VAL H 76 28.18 -53.35 19.94
N SER H 77 29.00 -52.99 18.94
CA SER H 77 30.25 -53.79 18.55
C SER H 77 31.50 -53.13 19.09
N THR H 78 32.60 -53.88 18.95
CA THR H 78 33.92 -53.56 19.45
C THR H 78 33.85 -52.73 20.74
N LEU H 79 33.35 -53.40 21.78
CA LEU H 79 32.97 -52.74 22.98
C LEU H 79 34.18 -52.17 23.64
N GLU H 80 34.02 -51.04 24.32
CA GLU H 80 35.14 -50.34 24.99
C GLU H 80 34.70 -50.19 26.40
N LEU H 81 35.63 -49.95 27.30
CA LEU H 81 35.34 -49.83 28.73
C LEU H 81 34.30 -48.71 28.96
N GLY H 82 34.41 -47.63 28.17
CA GLY H 82 33.54 -46.46 28.29
C GLY H 82 32.11 -46.70 27.77
N ASP H 83 31.80 -47.85 27.17
CA ASP H 83 30.42 -48.22 26.84
C ASP H 83 29.60 -48.79 28.01
N SER H 84 30.19 -48.87 29.19
CA SER H 84 29.49 -49.29 30.43
C SER H 84 28.49 -48.19 30.79
N ALA H 85 27.21 -48.54 30.91
CA ALA H 85 26.15 -47.59 31.04
C ALA H 85 24.87 -48.28 31.26
N LEU H 86 23.85 -47.50 31.52
CA LEU H 86 22.50 -47.99 31.44
C LEU H 86 21.91 -47.68 30.07
N TYR H 87 21.33 -48.67 29.42
CA TYR H 87 20.72 -48.57 28.12
C TYR H 87 19.22 -48.66 28.36
N LEU H 88 18.54 -47.53 28.15
CA LEU H 88 17.12 -47.41 28.26
C LEU H 88 16.36 -47.45 26.96
N CYS H 89 15.29 -48.20 26.96
CA CYS H 89 14.38 -48.31 25.86
C CYS H 89 13.12 -47.51 26.22
N ALA H 90 12.51 -46.82 25.28
CA ALA H 90 11.23 -46.24 25.49
C ALA H 90 10.29 -46.42 24.36
N SER H 91 9.00 -46.46 24.72
CA SER H 91 7.97 -46.55 23.71
C SER H 91 6.93 -45.46 23.78
N SER H 92 6.37 -45.21 22.64
CA SER H 92 5.33 -44.20 22.53
C SER H 92 4.21 -44.56 21.57
N ALA H 93 3.01 -44.22 21.96
CA ALA H 93 1.81 -44.13 21.06
C ALA H 93 1.37 -42.69 20.70
N GLY H 94 1.67 -41.71 21.53
CA GLY H 94 1.17 -40.31 21.27
C GLY H 94 2.22 -39.34 21.64
N ASN H 95 1.98 -38.65 22.74
CA ASN H 95 2.95 -37.77 23.35
C ASN H 95 3.78 -38.28 24.45
N THR H 96 3.25 -39.15 25.29
CA THR H 96 3.95 -39.60 26.49
C THR H 96 4.90 -40.72 26.06
N ILE H 97 6.15 -40.70 26.50
CA ILE H 97 7.00 -41.80 26.28
C ILE H 97 7.17 -42.47 27.59
N TYR H 98 7.20 -43.77 27.52
CA TYR H 98 7.28 -44.64 28.67
C TYR H 98 8.58 -45.38 28.54
N PHE H 99 9.34 -45.38 29.62
CA PHE H 99 10.64 -46.10 29.70
C PHE H 99 10.60 -47.47 30.32
N GLY H 100 11.43 -48.40 29.88
CA GLY H 100 11.67 -49.65 30.55
C GLY H 100 12.58 -49.46 31.75
N GLU H 101 12.97 -50.57 32.32
CA GLU H 101 13.78 -50.60 33.55
C GLU H 101 15.25 -50.47 33.25
N GLY H 102 15.66 -50.74 32.00
CA GLY H 102 17.06 -50.54 31.62
C GLY H 102 17.79 -51.85 31.51
N SER H 103 18.88 -51.85 30.72
CA SER H 103 19.84 -52.92 30.68
C SER H 103 21.12 -52.29 31.10
N TRP H 104 21.68 -52.81 32.17
CA TRP H 104 22.92 -52.34 32.69
C TRP H 104 24.02 -53.16 32.05
N LEU H 105 24.93 -52.52 31.35
CA LEU H 105 26.05 -53.16 30.68
C LEU H 105 27.29 -52.77 31.43
N THR H 106 28.09 -53.74 31.88
CA THR H 106 29.45 -53.46 32.37
C THR H 106 30.41 -54.16 31.44
N VAL H 107 31.30 -53.39 30.88
CA VAL H 107 32.38 -53.94 30.06
C VAL H 107 33.62 -54.02 30.93
N VAL H 108 34.21 -55.18 31.05
CA VAL H 108 35.32 -55.35 32.01
C VAL H 108 36.62 -55.53 31.28
N GLU H 109 37.72 -55.27 31.95
CA GLU H 109 39.04 -55.59 31.36
C GLU H 109 39.17 -57.09 31.14
N ASP H 110 38.68 -57.90 32.11
CA ASP H 110 38.78 -59.37 32.07
C ASP H 110 37.70 -60.01 32.97
N LEU H 111 37.09 -61.08 32.53
CA LEU H 111 36.10 -61.84 33.25
C LEU H 111 36.62 -62.29 34.64
N LYS H 112 37.93 -62.46 34.79
CA LYS H 112 38.48 -62.73 36.10
C LYS H 112 38.41 -61.58 37.10
N ASN H 113 37.99 -60.39 36.70
CA ASN H 113 37.73 -59.32 37.69
C ASN H 113 36.40 -59.52 38.47
N VAL H 114 35.56 -60.45 38.04
CA VAL H 114 34.24 -60.52 38.52
C VAL H 114 34.24 -61.37 39.77
N PHE H 115 33.61 -60.89 40.86
CA PHE H 115 33.54 -61.59 42.13
C PHE H 115 32.19 -61.35 42.79
N PRO H 116 31.64 -62.39 43.39
CA PRO H 116 30.42 -62.29 44.13
C PRO H 116 30.64 -61.69 45.52
N PRO H 117 29.63 -61.19 46.19
CA PRO H 117 29.88 -60.57 47.50
C PRO H 117 30.06 -61.64 48.59
N GLU H 118 30.81 -61.30 49.60
CA GLU H 118 30.73 -61.95 50.90
C GLU H 118 29.88 -61.15 51.80
N VAL H 119 29.01 -61.84 52.50
CA VAL H 119 28.01 -61.18 53.28
C VAL H 119 28.19 -61.58 54.74
N ALA H 120 28.24 -60.60 55.63
CA ALA H 120 28.29 -60.83 57.06
C ALA H 120 27.32 -59.92 57.83
N VAL H 121 26.75 -60.45 58.89
CA VAL H 121 25.83 -59.72 59.76
C VAL H 121 26.52 -59.55 61.08
N PHE H 122 26.37 -58.40 61.66
CA PHE H 122 27.00 -57.99 62.91
C PHE H 122 25.80 -57.70 63.87
N GLU H 123 25.88 -58.30 65.08
CA GLU H 123 24.83 -58.29 66.08
C GLU H 123 24.87 -57.01 66.85
N PRO H 124 23.74 -56.60 67.44
CA PRO H 124 23.69 -55.31 68.07
C PRO H 124 24.64 -55.17 69.23
N SER H 125 25.12 -53.97 69.45
CA SER H 125 25.91 -53.62 70.63
C SER H 125 25.06 -53.64 71.90
N GLU H 126 25.61 -54.21 72.95
CA GLU H 126 25.02 -54.23 74.33
C GLU H 126 24.90 -52.84 74.86
N ALA H 127 25.79 -51.98 74.44
CA ALA H 127 25.71 -50.60 74.85
C ALA H 127 24.56 -49.82 74.22
N GLU H 128 24.25 -50.13 72.98
CA GLU H 128 23.12 -49.49 72.34
C GLU H 128 21.82 -49.88 73.02
N ILE H 129 21.71 -51.16 73.33
CA ILE H 129 20.54 -51.69 73.95
C ILE H 129 20.26 -51.02 75.28
N SER H 130 21.28 -50.82 76.12
CA SER H 130 21.14 -50.07 77.39
C SER H 130 20.73 -48.64 77.24
N HIS H 131 21.41 -47.94 76.37
CA HIS H 131 21.30 -46.51 76.26
C HIS H 131 19.96 -46.09 75.69
N THR H 132 19.39 -46.99 74.89
CA THR H 132 18.40 -46.68 73.87
C THR H 132 17.17 -47.67 73.86
N GLN H 133 17.32 -48.90 74.31
CA GLN H 133 16.22 -49.92 74.17
C GLN H 133 15.90 -50.31 72.69
N LYS H 134 16.88 -50.09 71.82
CA LYS H 134 16.86 -50.41 70.44
C LYS H 134 18.08 -51.21 70.06
N ALA H 135 17.95 -51.99 69.00
CA ALA H 135 18.99 -52.81 68.59
C ALA H 135 19.19 -52.67 67.09
N THR H 136 20.41 -52.34 66.67
CA THR H 136 20.74 -52.25 65.26
C THR H 136 21.61 -53.40 64.80
N LEU H 137 21.12 -54.19 63.86
CA LEU H 137 21.95 -55.11 63.15
C LEU H 137 22.55 -54.39 61.90
N VAL H 138 23.75 -54.80 61.56
CA VAL H 138 24.47 -54.28 60.40
C VAL H 138 24.86 -55.42 59.51
N CYS H 139 24.55 -55.26 58.23
CA CYS H 139 24.90 -56.16 57.18
C CYS H 139 26.01 -55.51 56.29
N LEU H 140 27.15 -56.19 56.09
CA LEU H 140 28.24 -55.82 55.17
C LEU H 140 28.39 -56.81 54.05
N ALA H 141 28.22 -56.32 52.83
CA ALA H 141 28.46 -57.06 51.61
C ALA H 141 29.74 -56.46 51.05
N THR H 142 30.78 -57.31 50.91
CA THR H 142 32.11 -56.87 50.52
C THR H 142 32.65 -57.73 49.42
N GLY H 143 33.61 -57.13 48.73
CA GLY H 143 34.43 -57.83 47.74
C GLY H 143 33.81 -58.08 46.41
N PHE H 144 32.76 -57.36 46.03
CA PHE H 144 31.99 -57.71 44.88
C PHE H 144 32.40 -56.80 43.69
N TYR H 145 32.39 -57.37 42.51
CA TYR H 145 32.60 -56.62 41.27
C TYR H 145 31.92 -57.35 40.13
N PRO H 146 31.12 -56.67 39.33
CA PRO H 146 30.82 -55.24 39.41
C PRO H 146 29.82 -54.85 40.50
N ASP H 147 29.40 -53.60 40.52
CA ASP H 147 28.60 -53.05 41.60
C ASP H 147 27.12 -53.17 41.61
N HIS H 148 26.55 -54.13 40.90
CA HIS H 148 25.10 -54.25 40.85
C HIS H 148 24.68 -55.40 41.77
N VAL H 149 24.08 -54.97 42.84
CA VAL H 149 23.60 -55.84 43.88
C VAL H 149 22.26 -55.26 44.37
N GLU H 150 21.43 -56.08 44.95
CA GLU H 150 20.23 -55.61 45.63
C GLU H 150 20.20 -56.31 47.03
N LEU H 151 20.22 -55.48 48.05
CA LEU H 151 20.20 -55.87 49.38
C LEU H 151 18.79 -55.87 50.00
N SER H 152 18.37 -56.93 50.68
CA SER H 152 17.08 -56.91 51.42
C SER H 152 17.24 -57.55 52.79
N TRP H 153 16.39 -57.16 53.73
CA TRP H 153 16.31 -57.83 55.01
C TRP H 153 15.02 -58.63 55.15
N TRP H 154 15.15 -59.78 55.84
CA TRP H 154 14.10 -60.76 56.02
C TRP H 154 14.02 -61.12 57.49
N VAL H 155 12.85 -60.98 58.12
CA VAL H 155 12.66 -61.25 59.51
C VAL H 155 11.51 -62.27 59.62
N ASN H 156 11.79 -63.35 60.29
CA ASN H 156 10.91 -64.51 60.34
C ASN H 156 10.33 -64.94 59.01
N GLY H 157 11.15 -64.95 57.99
CA GLY H 157 10.76 -65.41 56.68
C GLY H 157 10.02 -64.39 55.82
N LYS H 158 9.88 -63.16 56.26
CA LYS H 158 9.23 -62.13 55.47
C LYS H 158 10.13 -60.91 55.28
N GLU H 159 10.06 -60.33 54.10
CA GLU H 159 10.87 -59.17 53.81
C GLU H 159 10.43 -58.01 54.69
N VAL H 160 11.34 -57.30 55.30
CA VAL H 160 10.97 -56.11 56.05
C VAL H 160 11.48 -54.79 55.43
N HIS H 161 10.79 -53.72 55.80
CA HIS H 161 11.09 -52.32 55.34
C HIS H 161 11.20 -51.36 56.47
N SER H 162 10.38 -51.55 57.49
CA SER H 162 10.50 -50.73 58.64
C SER H 162 11.82 -51.00 59.38
N GLY H 163 12.36 -49.90 59.85
CA GLY H 163 13.72 -49.82 60.33
C GLY H 163 14.93 -50.13 59.44
N VAL H 164 14.71 -50.28 58.13
CA VAL H 164 15.80 -50.54 57.25
C VAL H 164 16.37 -49.27 56.55
N CYS H 165 17.67 -49.20 56.53
CA CYS H 165 18.32 -48.23 55.73
C CYS H 165 19.60 -48.69 55.12
N THR H 166 19.83 -48.29 53.87
CA THR H 166 20.89 -48.86 53.02
C THR H 166 21.74 -47.68 52.49
N ASP H 167 23.05 -47.86 52.46
CA ASP H 167 23.94 -46.89 51.72
C ASP H 167 23.37 -46.60 50.36
N PRO H 168 23.39 -45.35 49.94
CA PRO H 168 22.68 -45.08 48.61
C PRO H 168 23.37 -45.75 47.42
N GLN H 169 24.69 -45.92 47.50
CA GLN H 169 25.43 -46.65 46.46
C GLN H 169 26.57 -47.40 47.06
N PRO H 170 27.05 -48.40 46.35
CA PRO H 170 28.23 -49.14 46.84
C PRO H 170 29.44 -48.26 46.90
N LEU H 171 30.39 -48.48 47.81
CA LEU H 171 31.66 -47.82 47.77
C LEU H 171 32.78 -48.73 47.29
N LYS H 172 33.82 -48.09 46.75
CA LYS H 172 35.05 -48.79 46.29
C LYS H 172 36.02 -49.14 47.35
N GLU H 173 36.50 -50.36 47.35
CA GLU H 173 37.42 -50.80 48.38
C GLU H 173 38.81 -50.22 48.11
N GLN H 174 39.05 -49.70 46.90
CA GLN H 174 40.36 -49.09 46.46
C GLN H 174 40.03 -48.04 45.41
N PRO H 175 39.70 -46.79 45.86
CA PRO H 175 39.15 -45.70 45.00
C PRO H 175 40.03 -45.37 43.79
N ALA H 176 41.36 -45.56 43.90
CA ALA H 176 42.24 -45.34 42.71
C ALA H 176 41.94 -46.30 41.53
N LEU H 177 41.76 -47.59 41.81
CA LEU H 177 41.63 -48.62 40.74
C LEU H 177 40.31 -48.61 39.97
N ASN H 178 40.42 -48.77 38.67
CA ASN H 178 39.22 -48.81 37.79
C ASN H 178 38.47 -50.18 37.97
N ASP H 179 39.29 -51.19 38.21
CA ASP H 179 39.06 -52.57 38.60
C ASP H 179 38.43 -52.83 40.00
N SER H 180 38.24 -51.79 40.78
CA SER H 180 38.19 -51.94 42.25
C SER H 180 36.98 -52.75 42.62
N ARG H 181 37.08 -53.61 43.61
CA ARG H 181 35.95 -54.26 44.16
C ARG H 181 35.15 -53.27 45.05
N TYR H 182 33.94 -53.69 45.34
CA TYR H 182 33.00 -52.84 46.01
C TYR H 182 32.54 -53.40 47.33
N CYS H 183 31.96 -52.48 48.04
CA CYS H 183 31.29 -52.77 49.25
C CYS H 183 30.01 -51.96 49.49
N LEU H 184 29.09 -52.54 50.29
CA LEU H 184 27.78 -51.95 50.64
C LEU H 184 27.34 -52.38 52.05
N SER H 185 26.83 -51.44 52.81
CA SER H 185 26.26 -51.70 54.06
C SER H 185 24.80 -51.35 54.14
N SER H 186 24.14 -51.99 55.09
CA SER H 186 22.76 -51.76 55.44
C SER H 186 22.51 -52.00 56.95
N ARG H 187 21.48 -51.34 57.47
CA ARG H 187 21.11 -51.53 58.86
C ARG H 187 19.66 -51.90 58.97
N LEU H 188 19.39 -52.74 59.95
CA LEU H 188 18.02 -53.03 60.43
C LEU H 188 17.94 -52.72 61.90
N ARG H 189 17.04 -51.86 62.27
CA ARG H 189 16.84 -51.59 63.68
C ARG H 189 15.45 -52.10 64.13
N VAL H 190 15.43 -52.79 65.27
CA VAL H 190 14.28 -53.33 65.91
C VAL H 190 14.32 -52.93 67.38
N SER H 191 13.27 -53.25 68.13
CA SER H 191 13.31 -52.98 69.61
C SER H 191 14.26 -53.98 70.23
N ALA H 192 14.85 -53.61 71.32
CA ALA H 192 15.68 -54.50 72.07
C ALA H 192 14.96 -55.79 72.54
N THR H 193 13.69 -55.68 72.90
CA THR H 193 12.75 -56.82 73.22
C THR H 193 12.68 -57.80 72.05
N PHE H 194 12.56 -57.27 70.84
CA PHE H 194 12.46 -58.08 69.68
C PHE H 194 13.78 -58.82 69.39
N TRP H 195 14.93 -58.15 69.53
CA TRP H 195 16.21 -58.77 69.32
C TRP H 195 16.52 -59.80 70.45
N GLN H 196 16.10 -59.53 71.67
CA GLN H 196 16.26 -60.42 72.75
C GLN H 196 15.43 -61.75 72.76
N ASN H 197 14.50 -61.93 71.84
CA ASN H 197 13.77 -63.13 71.65
C ASN H 197 14.49 -64.14 70.71
N PRO H 198 14.89 -65.29 71.25
CA PRO H 198 15.66 -66.23 70.45
C PRO H 198 14.89 -67.00 69.40
N ARG H 199 13.57 -66.87 69.34
CA ARG H 199 12.74 -67.38 68.20
C ARG H 199 12.58 -66.41 67.01
N ASN H 200 13.16 -65.21 67.13
CA ASN H 200 13.21 -64.33 65.96
C ASN H 200 14.49 -64.57 65.16
N HIS H 201 14.28 -64.69 63.87
CA HIS H 201 15.27 -64.97 62.89
C HIS H 201 15.42 -63.79 61.91
N PHE H 202 16.69 -63.43 61.68
CA PHE H 202 17.12 -62.26 60.85
C PHE H 202 18.00 -62.69 59.77
N ARG H 203 17.70 -62.28 58.54
CA ARG H 203 18.55 -62.64 57.36
C ARG H 203 18.78 -61.36 56.50
N CYS H 204 20.03 -61.08 56.22
CA CYS H 204 20.46 -60.05 55.25
C CYS H 204 20.77 -60.87 53.98
N GLN H 205 20.26 -60.44 52.88
CA GLN H 205 20.35 -61.15 51.66
C GLN H 205 20.76 -60.23 50.51
N VAL H 206 21.68 -60.70 49.67
CA VAL H 206 22.18 -59.88 48.58
C VAL H 206 22.06 -60.59 47.27
N GLN H 207 21.30 -60.01 46.36
CA GLN H 207 21.22 -60.54 44.96
C GLN H 207 22.39 -59.92 44.22
N PHE H 208 23.24 -60.73 43.64
CA PHE H 208 24.34 -60.27 42.84
C PHE H 208 24.06 -60.64 41.39
N TYR H 209 24.40 -59.74 40.46
CA TYR H 209 24.19 -59.99 39.04
C TYR H 209 25.57 -60.20 38.47
N GLY H 210 25.85 -61.40 38.00
CA GLY H 210 27.19 -61.70 37.54
C GLY H 210 27.24 -62.33 36.21
N LEU H 211 28.08 -63.36 36.06
CA LEU H 211 28.21 -64.07 34.81
C LEU H 211 26.98 -64.95 34.50
N SER H 212 26.77 -65.14 33.21
CA SER H 212 25.67 -65.97 32.72
C SER H 212 26.15 -67.37 32.45
N GLU H 213 25.16 -68.26 32.34
CA GLU H 213 25.44 -69.72 32.04
C GLU H 213 26.39 -69.84 30.83
N ASN H 214 26.16 -69.05 29.81
CA ASN H 214 26.94 -69.10 28.55
C ASN H 214 28.39 -68.49 28.53
N ASP H 215 28.80 -67.71 29.56
CA ASP H 215 30.20 -67.27 29.66
C ASP H 215 31.12 -68.39 29.94
N GLU H 216 32.29 -68.31 29.35
CA GLU H 216 33.30 -69.33 29.58
C GLU H 216 33.98 -69.00 30.92
N TRP H 217 34.56 -70.00 31.58
CA TRP H 217 35.22 -69.80 32.85
C TRP H 217 36.31 -70.78 32.96
N THR H 218 37.53 -70.30 33.10
CA THR H 218 38.62 -71.24 33.33
C THR H 218 39.51 -70.86 34.51
N GLN H 219 39.03 -70.04 35.43
CA GLN H 219 39.77 -69.78 36.68
C GLN H 219 39.56 -70.95 37.64
N ASP H 220 40.40 -71.08 38.64
CA ASP H 220 40.29 -72.17 39.61
C ASP H 220 39.07 -72.08 40.56
N ARG H 221 38.72 -70.89 40.96
CA ARG H 221 37.61 -70.63 41.84
C ARG H 221 36.24 -70.81 41.21
N ALA H 222 35.23 -70.77 42.02
CA ALA H 222 33.84 -70.93 41.54
C ALA H 222 33.49 -69.85 40.50
N LYS H 223 32.82 -70.25 39.43
CA LYS H 223 32.29 -69.27 38.46
C LYS H 223 31.39 -68.24 39.17
N PRO H 224 31.62 -66.89 39.02
CA PRO H 224 30.87 -65.82 39.76
C PRO H 224 29.57 -65.39 39.11
N VAL H 225 28.65 -66.26 39.22
CA VAL H 225 27.45 -66.27 38.46
C VAL H 225 26.47 -65.46 39.25
N THR H 226 25.38 -65.07 38.60
CA THR H 226 24.20 -64.44 39.22
C THR H 226 23.66 -65.35 40.32
N GLN H 227 23.58 -64.82 41.53
CA GLN H 227 23.32 -65.59 42.73
C GLN H 227 22.91 -64.72 43.84
N ILE H 228 22.32 -65.37 44.83
CA ILE H 228 21.97 -64.74 46.16
C ILE H 228 22.93 -65.27 47.23
N VAL H 229 23.47 -64.36 48.01
CA VAL H 229 24.36 -64.71 49.12
C VAL H 229 23.66 -64.11 50.32
N SER H 230 23.62 -64.84 51.42
CA SER H 230 23.02 -64.29 52.64
C SER H 230 23.76 -64.62 53.94
N ALA H 231 23.44 -63.87 54.94
CA ALA H 231 23.91 -64.14 56.27
C ALA H 231 22.80 -63.96 57.25
N GLU H 232 22.88 -64.69 58.32
CA GLU H 232 21.75 -64.82 59.24
C GLU H 232 22.12 -64.85 60.72
N ALA H 233 21.19 -64.45 61.56
CA ALA H 233 21.39 -64.43 63.04
C ALA H 233 20.05 -64.70 63.71
N TRP H 234 20.09 -65.32 64.90
CA TRP H 234 18.92 -65.44 65.71
C TRP H 234 18.99 -64.40 66.81
N GLY H 235 17.83 -63.98 67.35
CA GLY H 235 17.89 -63.15 68.57
C GLY H 235 18.54 -63.88 69.74
N ARG H 236 18.89 -63.17 70.76
CA ARG H 236 19.39 -63.81 71.99
C ARG H 236 19.19 -62.96 73.24
N ALA H 237 19.01 -63.68 74.33
CA ALA H 237 18.43 -63.09 75.58
C ALA H 237 19.35 -62.20 76.42
C1 NAG I . 17.53 42.45 5.38
C2 NAG I . 17.07 43.45 6.47
C3 NAG I . 17.12 44.88 5.91
C4 NAG I . 18.49 45.17 5.25
C5 NAG I . 18.91 44.06 4.26
C6 NAG I . 20.32 44.20 3.72
C7 NAG I . 15.31 42.82 8.07
C8 NAG I . 13.88 42.26 8.11
N2 NAG I . 15.74 43.07 6.84
O3 NAG I . 16.90 45.76 7.02
O4 NAG I . 18.46 46.44 4.57
O5 NAG I . 18.90 42.83 5.02
O6 NAG I . 21.14 44.10 4.88
O7 NAG I . 16.02 42.94 9.06
C1 NAG I . 19.62 47.21 4.98
C2 NAG I . 19.90 48.40 4.01
C3 NAG I . 21.01 49.28 4.63
C4 NAG I . 20.94 49.51 6.18
C5 NAG I . 20.47 48.23 6.97
C6 NAG I . 19.89 48.59 8.35
C7 NAG I . 19.02 47.71 1.79
C8 NAG I . 19.13 47.18 0.35
N2 NAG I . 20.08 47.94 2.59
O3 NAG I . 20.84 50.57 4.03
O4 NAG I . 22.12 50.21 6.77
O5 NAG I . 19.39 47.56 6.34
O6 NAG I . 20.97 48.29 9.22
O7 NAG I . 17.89 47.82 2.23
C1 EDO J . -11.63 23.34 12.75
O1 EDO J . -11.13 24.33 11.81
C2 EDO J . -10.54 22.45 13.40
O2 EDO J . -9.15 22.82 13.13
C1 NAG K . 9.05 -39.46 -17.48
C2 NAG K . 8.15 -40.66 -17.92
C3 NAG K . 8.85 -42.13 -17.72
C4 NAG K . 10.24 -42.25 -18.46
C5 NAG K . 10.93 -41.04 -17.81
C6 NAG K . 12.39 -40.85 -18.12
C7 NAG K . 5.69 -40.48 -17.41
C8 NAG K . 4.62 -40.22 -16.40
N2 NAG K . 6.96 -40.49 -17.02
O3 NAG K . 7.81 -43.11 -17.90
O4 NAG K . 11.06 -43.55 -18.65
O5 NAG K . 10.28 -39.72 -18.19
O6 NAG K . 12.30 -40.50 -19.52
O7 NAG K . 5.38 -40.61 -18.60
#